data_6XUI
#
_entry.id   6XUI
#
_cell.length_a   80.551
_cell.length_b   106.947
_cell.length_c   270.405
_cell.angle_alpha   90.000
_cell.angle_beta   90.000
_cell.angle_gamma   90.000
#
_symmetry.space_group_name_H-M   'P 21 21 21'
#
loop_
_entity.id
_entity.type
_entity.pdbx_description
1 polymer 'Glucose-6-phosphate isomerase'
2 non-polymer '5-PHOSPHOARABINONIC ACID'
3 non-polymer 1-(2-METHOXY-ETHOXY)-2-{2-[2-(2-METHOXY-ETHOXY]-ETHOXY}-ETHANE
4 non-polymer GLYCEROL
5 water water
#
_entity_poly.entity_id   1
_entity_poly.type   'polypeptide(L)'
_entity_poly.pdbx_seq_one_letter_code
;AALTRDPQFQKLQQWYREHRSELNLRRLFDANKDRFNHFSLTLNTNHGHILVDYSKNLVTEDVMRMLVDLAKSRGVEAAR
ERMFNGEKINYTEGRAVLHVALRNRSNTPILVDGKDVMPEVNKVLDKMKSFCQRVRSGDWKGYTGKTITDVINIGIGGSD
LGPLMVTEALKPYSSGGPRVWYVSNIDGTHIAKTLAQLNPESSLFIIASKTFTTQETITNAETAKEWFLQAAKDPSAVAK
HFVALSTNTTKVKEFGIDPQNMFEFWDWVGGRYSLWSAIGLSIALHVGFDNFEQLLSGAHWMDQHFRTTPLEKNAPVLLA
LLGIWYINCFGCETHAMLPYDQYLHRFAAYFQQGDMESNGKYITKSGTRVDHQTGPIVWGEPGTNGQHAFYQLIHQGTKM
IPCDFLIPVQTQHPIRKGLHHKILLANFLAQTEALMRGKSTEEARKELQAAGKSPEDLERLLPHKVFEGNRPTNSIVFTK
LTPFMLGALVAMYEHKIFVQGIIWDINSFDQWGVELGKQLAKKIEPELDGSAQVTSHDASTNGLINFIKQQREARV
;
_entity_poly.pdbx_strand_id   A,B,C,D
#
loop_
_chem_comp.id
_chem_comp.type
_chem_comp.name
_chem_comp.formula
GOL non-polymer GLYCEROL 'C3 H8 O3'
PA5 saccharide '5-PHOSPHOARABINONIC ACID' 'C5 H11 O9 P'
PG6 non-polymer 1-(2-METHOXY-ETHOXY)-2-{2-[2-(2-METHOXY-ETHOXY]-ETHOXY}-ETHANE 'C12 H26 O6'
#
# COMPACT_ATOMS: atom_id res chain seq x y z
N ALA A 1 7.99 1.71 37.08
CA ALA A 1 7.12 1.74 35.87
C ALA A 1 7.64 0.75 34.83
N ALA A 2 6.75 0.13 34.06
CA ALA A 2 7.12 -0.93 33.10
C ALA A 2 8.16 -0.40 32.11
N LEU A 3 8.02 0.83 31.61
CA LEU A 3 8.86 1.30 30.48
C LEU A 3 10.34 1.35 30.90
N THR A 4 10.68 1.95 32.03
CA THR A 4 12.09 2.15 32.43
C THR A 4 12.76 0.79 32.68
N ARG A 5 11.98 -0.23 33.03
CA ARG A 5 12.46 -1.61 33.31
C ARG A 5 12.61 -2.39 32.01
N ASP A 6 12.05 -1.90 30.90
CA ASP A 6 12.06 -2.61 29.59
C ASP A 6 13.48 -2.60 29.04
N PRO A 7 14.02 -3.76 28.57
CA PRO A 7 15.41 -3.81 28.12
C PRO A 7 15.65 -3.10 26.78
N GLN A 8 14.64 -3.04 25.91
CA GLN A 8 14.77 -2.34 24.62
C GLN A 8 14.85 -0.84 24.90
N PHE A 9 14.06 -0.35 25.84
CA PHE A 9 14.09 1.06 26.29
C PHE A 9 15.50 1.41 26.82
N GLN A 10 16.07 0.56 27.70
CA GLN A 10 17.42 0.77 28.30
C GLN A 10 18.46 0.76 27.18
N LYS A 11 18.28 -0.09 26.18
CA LYS A 11 19.23 -0.19 25.03
C LYS A 11 19.13 1.12 24.22
N LEU A 12 17.92 1.60 23.98
CA LEU A 12 17.65 2.91 23.31
C LEU A 12 18.36 4.04 24.06
N GLN A 13 18.20 4.12 25.37
CA GLN A 13 18.79 5.21 26.19
C GLN A 13 20.31 5.13 26.14
N GLN A 14 20.88 3.92 26.23
CA GLN A 14 22.35 3.72 26.20
C GLN A 14 22.88 4.16 24.82
N TRP A 15 22.20 3.78 23.74
CA TRP A 15 22.59 4.20 22.36
C TRP A 15 22.60 5.74 22.27
N TYR A 16 21.53 6.38 22.76
CA TYR A 16 21.37 7.86 22.76
C TYR A 16 22.55 8.52 23.49
N ARG A 17 22.93 7.99 24.66
CA ARG A 17 24.07 8.50 25.44
C ARG A 17 25.36 8.46 24.61
N GLU A 18 25.61 7.39 23.87
CA GLU A 18 26.90 7.20 23.15
C GLU A 18 26.90 7.90 21.79
N HIS A 19 25.79 7.87 21.03
CA HIS A 19 25.85 8.21 19.57
C HIS A 19 25.06 9.47 19.25
N ARG A 20 24.47 10.12 20.23
CA ARG A 20 23.62 11.33 20.04
C ARG A 20 24.31 12.31 19.10
N SER A 21 25.61 12.53 19.25
CA SER A 21 26.36 13.57 18.50
C SER A 21 26.55 13.16 17.03
N GLU A 22 26.30 11.91 16.65
CA GLU A 22 26.36 11.48 15.23
C GLU A 22 25.07 11.91 14.49
N LEU A 23 24.05 12.38 15.22
CA LEU A 23 22.72 12.68 14.60
C LEU A 23 22.70 14.11 14.09
N ASN A 24 23.27 14.32 12.90
CA ASN A 24 23.31 15.63 12.22
C ASN A 24 22.62 15.48 10.88
N LEU A 25 21.49 16.15 10.65
CA LEU A 25 20.64 15.90 9.46
C LEU A 25 21.40 16.22 8.18
N ARG A 26 22.08 17.35 8.12
CA ARG A 26 22.86 17.78 6.93
C ARG A 26 23.82 16.66 6.55
N ARG A 27 24.56 16.13 7.52
CA ARG A 27 25.56 15.05 7.33
C ARG A 27 24.84 13.75 6.88
N LEU A 28 23.74 13.39 7.53
CA LEU A 28 23.02 12.12 7.24
C LEU A 28 22.50 12.15 5.80
N PHE A 29 21.96 13.28 5.34
CA PHE A 29 21.45 13.41 3.95
C PHE A 29 22.60 13.42 2.95
N ASP A 30 23.75 13.99 3.31
CA ASP A 30 24.90 14.11 2.38
C ASP A 30 25.52 12.72 2.20
N ALA A 31 25.53 11.90 3.26
CA ALA A 31 26.11 10.54 3.22
C ALA A 31 25.13 9.52 2.59
N ASN A 32 23.84 9.82 2.45
CA ASN A 32 22.83 8.83 2.01
C ASN A 32 21.80 9.51 1.10
N LYS A 33 22.02 9.51 -0.22
CA LYS A 33 21.08 10.15 -1.17
C LYS A 33 19.80 9.32 -1.31
N ASP A 34 19.71 8.16 -0.66
CA ASP A 34 18.47 7.35 -0.60
C ASP A 34 17.75 7.53 0.74
N ARG A 35 18.09 8.54 1.54
CA ARG A 35 17.53 8.67 2.90
C ARG A 35 16.00 8.80 2.82
N PHE A 36 15.48 9.54 1.84
CA PHE A 36 14.02 9.72 1.68
C PHE A 36 13.35 8.36 1.46
N ASN A 37 13.85 7.57 0.50
CA ASN A 37 13.31 6.20 0.20
C ASN A 37 13.33 5.37 1.48
N HIS A 38 14.38 5.41 2.30
CA HIS A 38 14.50 4.53 3.49
C HIS A 38 13.52 4.97 4.57
N PHE A 39 13.23 6.27 4.67
CA PHE A 39 12.51 6.81 5.85
C PHE A 39 11.22 7.49 5.43
N SER A 40 10.42 6.84 4.60
CA SER A 40 9.11 7.39 4.18
C SER A 40 8.18 6.24 3.88
N LEU A 41 6.89 6.46 4.07
CA LEU A 41 5.82 5.51 3.70
C LEU A 41 4.96 6.23 2.68
N THR A 42 4.43 5.51 1.70
CA THR A 42 3.34 6.00 0.83
C THR A 42 2.17 5.03 0.98
N LEU A 43 1.01 5.55 1.34
CA LEU A 43 -0.22 4.75 1.53
C LEU A 43 -1.15 5.08 0.37
N ASN A 44 -1.62 4.07 -0.34
CA ASN A 44 -2.68 4.23 -1.34
C ASN A 44 -3.99 3.77 -0.70
N THR A 45 -4.91 4.68 -0.47
CA THR A 45 -6.20 4.38 0.18
C THR A 45 -7.24 4.00 -0.88
N ASN A 46 -6.88 4.18 -2.15
CA ASN A 46 -7.78 4.05 -3.33
C ASN A 46 -8.65 5.30 -3.46
N HIS A 47 -8.59 6.25 -2.52
CA HIS A 47 -9.28 7.56 -2.59
C HIS A 47 -8.29 8.69 -2.28
N GLY A 48 -7.06 8.54 -2.76
CA GLY A 48 -5.96 9.48 -2.45
C GLY A 48 -4.80 8.77 -1.83
N HIS A 49 -3.61 9.31 -2.03
CA HIS A 49 -2.37 8.83 -1.37
C HIS A 49 -1.98 9.72 -0.18
N ILE A 50 -1.35 9.09 0.80
CA ILE A 50 -0.70 9.76 1.95
C ILE A 50 0.79 9.43 1.90
N LEU A 51 1.62 10.45 1.75
CA LEU A 51 3.07 10.32 1.96
C LEU A 51 3.36 10.76 3.41
N VAL A 52 3.86 9.85 4.22
CA VAL A 52 4.44 10.17 5.54
C VAL A 52 5.98 10.14 5.40
N ASP A 53 6.56 11.31 5.22
CA ASP A 53 8.02 11.49 5.07
C ASP A 53 8.62 11.82 6.43
N TYR A 54 9.29 10.85 7.05
CA TYR A 54 9.90 11.01 8.40
C TYR A 54 11.42 11.02 8.26
N SER A 55 11.92 11.33 7.07
CA SER A 55 13.39 11.32 6.81
C SER A 55 14.11 12.51 7.47
N LYS A 56 13.42 13.62 7.77
CA LYS A 56 14.10 14.79 8.40
C LYS A 56 14.07 14.66 9.93
N ASN A 57 14.07 13.44 10.45
CA ASN A 57 14.11 13.17 11.90
C ASN A 57 15.52 12.73 12.25
N LEU A 58 15.94 12.97 13.49
CA LEU A 58 17.26 12.59 14.04
C LEU A 58 17.26 11.08 14.32
N VAL A 59 17.12 10.30 13.26
CA VAL A 59 17.15 8.82 13.37
C VAL A 59 18.07 8.25 12.30
N THR A 60 18.57 7.04 12.55
CA THR A 60 19.24 6.15 11.57
C THR A 60 18.48 4.82 11.55
N GLU A 61 18.87 3.92 10.64
CA GLU A 61 18.25 2.57 10.51
C GLU A 61 18.33 1.84 11.85
N ASP A 62 19.45 1.93 12.57
CA ASP A 62 19.62 1.29 13.90
C ASP A 62 18.63 1.86 14.94
N VAL A 63 18.43 3.16 14.93
CA VAL A 63 17.49 3.81 15.89
C VAL A 63 16.09 3.29 15.57
N MET A 64 15.69 3.30 14.30
CA MET A 64 14.32 2.88 13.91
C MET A 64 14.13 1.40 14.29
N ARG A 65 15.17 0.57 14.10
CA ARG A 65 15.09 -0.87 14.46
C ARG A 65 14.88 -1.00 15.97
N MET A 66 15.61 -0.23 16.76
CA MET A 66 15.50 -0.28 18.24
C MET A 66 14.11 0.21 18.65
N LEU A 67 13.60 1.23 17.98
CA LEU A 67 12.27 1.78 18.31
C LEU A 67 11.22 0.72 18.03
N VAL A 68 11.28 0.08 16.86
CA VAL A 68 10.31 -0.99 16.49
C VAL A 68 10.43 -2.14 17.50
N ASP A 69 11.66 -2.49 17.91
CA ASP A 69 11.84 -3.54 18.95
C ASP A 69 11.22 -3.10 20.28
N LEU A 70 11.28 -1.80 20.62
CA LEU A 70 10.59 -1.35 21.86
C LEU A 70 9.08 -1.60 21.74
N ALA A 71 8.46 -1.27 20.61
CA ALA A 71 7.01 -1.43 20.41
C ALA A 71 6.65 -2.92 20.59
N LYS A 72 7.48 -3.84 20.06
CA LYS A 72 7.24 -5.30 20.23
C LYS A 72 7.38 -5.71 21.69
N SER A 73 8.47 -5.32 22.33
CA SER A 73 8.74 -5.57 23.76
C SER A 73 7.59 -5.06 24.64
N ARG A 74 6.99 -3.92 24.30
CA ARG A 74 5.94 -3.30 25.14
C ARG A 74 4.56 -3.87 24.78
N GLY A 75 4.47 -4.79 23.81
CA GLY A 75 3.22 -5.51 23.52
C GLY A 75 2.22 -4.64 22.75
N VAL A 76 2.70 -3.80 21.85
CA VAL A 76 1.78 -2.90 21.08
C VAL A 76 0.74 -3.75 20.34
N GLU A 77 1.17 -4.84 19.69
CA GLU A 77 0.26 -5.60 18.79
C GLU A 77 -0.79 -6.31 19.66
N ALA A 78 -0.39 -6.89 20.79
CA ALA A 78 -1.37 -7.56 21.66
C ALA A 78 -2.36 -6.51 22.20
N ALA A 79 -1.88 -5.33 22.58
CA ALA A 79 -2.77 -4.26 23.07
C ALA A 79 -3.74 -3.85 21.96
N ARG A 80 -3.24 -3.70 20.75
CA ARG A 80 -4.09 -3.33 19.59
C ARG A 80 -5.21 -4.37 19.45
N GLU A 81 -4.86 -5.65 19.46
CA GLU A 81 -5.89 -6.73 19.30
C GLU A 81 -6.92 -6.64 20.41
N ARG A 82 -6.51 -6.37 21.64
CA ARG A 82 -7.48 -6.22 22.74
C ARG A 82 -8.45 -5.08 22.43
N MET A 83 -7.97 -3.97 21.86
CA MET A 83 -8.86 -2.82 21.59
C MET A 83 -9.90 -3.25 20.58
N PHE A 84 -9.44 -3.81 19.46
CA PHE A 84 -10.31 -4.15 18.31
C PHE A 84 -11.25 -5.29 18.67
N ASN A 85 -10.86 -6.17 19.60
CA ASN A 85 -11.72 -7.32 20.01
C ASN A 85 -12.74 -6.92 21.09
N GLY A 86 -12.79 -5.66 21.52
CA GLY A 86 -13.82 -5.19 22.48
C GLY A 86 -13.51 -5.58 23.92
N GLU A 87 -12.26 -5.87 24.25
CA GLU A 87 -11.86 -6.12 25.66
C GLU A 87 -11.87 -4.80 26.42
N LYS A 88 -11.99 -4.85 27.75
CA LYS A 88 -12.19 -3.66 28.63
C LYS A 88 -10.84 -3.06 28.95
N ILE A 89 -10.14 -2.54 27.95
CA ILE A 89 -8.76 -1.99 28.12
C ILE A 89 -8.83 -0.58 28.75
N ASN A 90 -10.01 0.04 28.90
CA ASN A 90 -10.19 1.22 29.78
C ASN A 90 -10.36 0.67 31.21
N TYR A 91 -9.25 0.30 31.84
CA TYR A 91 -9.31 -0.61 33.01
C TYR A 91 -9.73 0.15 34.27
N THR A 92 -9.45 1.45 34.37
CA THR A 92 -9.86 2.25 35.56
C THR A 92 -11.39 2.34 35.59
N GLU A 93 -12.03 2.59 34.45
CA GLU A 93 -13.51 2.77 34.39
C GLU A 93 -14.18 1.45 34.03
N GLY A 94 -13.42 0.42 33.67
CA GLY A 94 -13.95 -0.91 33.32
C GLY A 94 -14.76 -0.85 32.04
N ARG A 95 -14.23 -0.23 31.00
CA ARG A 95 -15.01 -0.03 29.75
C ARG A 95 -14.20 -0.55 28.56
N ALA A 96 -14.91 -0.96 27.52
CA ALA A 96 -14.28 -1.17 26.21
C ALA A 96 -13.87 0.20 25.65
N VAL A 97 -13.07 0.17 24.59
CA VAL A 97 -12.62 1.37 23.83
C VAL A 97 -12.91 1.07 22.36
N LEU A 98 -14.03 1.54 21.85
CA LEU A 98 -14.50 1.04 20.56
C LEU A 98 -14.98 2.17 19.64
N HIS A 99 -14.21 3.26 19.57
CA HIS A 99 -14.41 4.22 18.45
C HIS A 99 -14.21 3.48 17.12
N VAL A 100 -13.36 2.44 17.06
CA VAL A 100 -13.17 1.66 15.80
C VAL A 100 -14.49 0.99 15.39
N ALA A 101 -15.36 0.65 16.33
CA ALA A 101 -16.66 0.03 15.99
C ALA A 101 -17.55 1.06 15.28
N LEU A 102 -17.46 2.32 15.66
CA LEU A 102 -18.37 3.36 15.12
C LEU A 102 -18.20 3.47 13.60
N ARG A 103 -16.98 3.24 13.09
CA ARG A 103 -16.68 3.42 11.65
C ARG A 103 -16.37 2.07 11.02
N ASN A 104 -16.85 0.97 11.61
CA ASN A 104 -16.56 -0.40 11.13
C ASN A 104 -17.45 -0.69 9.92
N ARG A 105 -17.10 -0.14 8.76
CA ARG A 105 -17.91 -0.20 7.52
C ARG A 105 -18.03 -1.67 7.06
N SER A 106 -17.06 -2.53 7.34
CA SER A 106 -17.08 -3.98 6.99
C SER A 106 -18.21 -4.70 7.72
N ASN A 107 -18.62 -4.19 8.90
CA ASN A 107 -19.67 -4.80 9.76
C ASN A 107 -19.22 -6.16 10.28
N THR A 108 -17.93 -6.48 10.24
CA THR A 108 -17.36 -7.63 11.00
C THR A 108 -17.80 -7.54 12.45
N PRO A 109 -18.36 -8.60 13.06
CA PRO A 109 -18.82 -8.52 14.44
C PRO A 109 -17.72 -8.04 15.40
N ILE A 110 -18.08 -7.14 16.31
CA ILE A 110 -17.19 -6.71 17.42
C ILE A 110 -17.97 -6.92 18.70
N LEU A 111 -17.49 -7.82 19.56
CA LEU A 111 -18.25 -8.36 20.70
C LEU A 111 -17.78 -7.59 21.93
N VAL A 112 -18.74 -7.03 22.66
CA VAL A 112 -18.55 -6.64 24.08
C VAL A 112 -19.34 -7.62 24.96
N ASP A 113 -18.65 -8.37 25.81
CA ASP A 113 -19.27 -9.40 26.70
C ASP A 113 -20.03 -10.39 25.82
N GLY A 114 -19.43 -10.77 24.69
CA GLY A 114 -19.97 -11.78 23.78
C GLY A 114 -21.15 -11.28 22.95
N LYS A 115 -21.47 -9.98 22.98
CA LYS A 115 -22.60 -9.43 22.18
C LYS A 115 -22.07 -8.40 21.17
N ASP A 116 -22.40 -8.59 19.90
CA ASP A 116 -21.98 -7.75 18.75
C ASP A 116 -22.60 -6.35 18.94
N VAL A 117 -21.77 -5.32 18.89
CA VAL A 117 -22.23 -3.90 19.06
C VAL A 117 -22.72 -3.36 17.71
N MET A 118 -22.44 -4.03 16.61
CA MET A 118 -22.59 -3.41 15.28
C MET A 118 -24.07 -3.19 14.96
N PRO A 119 -25.02 -4.09 15.31
CA PRO A 119 -26.44 -3.81 15.11
C PRO A 119 -26.89 -2.48 15.73
N GLU A 120 -26.44 -2.19 16.94
CA GLU A 120 -26.79 -0.93 17.65
C GLU A 120 -26.07 0.25 16.96
N VAL A 121 -24.80 0.11 16.60
CA VAL A 121 -24.07 1.19 15.88
C VAL A 121 -24.87 1.56 14.62
N ASN A 122 -25.26 0.57 13.84
CA ASN A 122 -25.87 0.78 12.51
C ASN A 122 -27.30 1.30 12.69
N LYS A 123 -28.00 0.88 13.74
CA LYS A 123 -29.34 1.41 14.01
C LYS A 123 -29.27 2.94 14.22
N VAL A 124 -28.30 3.41 15.03
CA VAL A 124 -28.16 4.88 15.28
C VAL A 124 -27.74 5.57 13.97
N LEU A 125 -26.82 4.97 13.21
CA LEU A 125 -26.42 5.57 11.90
C LEU A 125 -27.65 5.69 10.98
N ASP A 126 -28.52 4.67 10.92
CA ASP A 126 -29.78 4.75 10.12
C ASP A 126 -30.64 5.94 10.60
N LYS A 127 -30.81 6.07 11.91
CA LYS A 127 -31.61 7.17 12.51
C LYS A 127 -31.00 8.54 12.16
N MET A 128 -29.69 8.70 12.28
CA MET A 128 -28.98 9.95 11.86
C MET A 128 -29.24 10.21 10.37
N LYS A 129 -29.10 9.20 9.51
CA LYS A 129 -29.23 9.37 8.03
C LYS A 129 -30.66 9.85 7.70
N SER A 130 -31.66 9.22 8.30
CA SER A 130 -33.08 9.58 8.06
C SER A 130 -33.34 11.04 8.52
N PHE A 131 -32.81 11.43 9.68
CA PHE A 131 -33.01 12.77 10.27
C PHE A 131 -32.30 13.81 9.40
N CYS A 132 -31.05 13.56 8.99
CA CYS A 132 -30.30 14.48 8.12
C CYS A 132 -31.04 14.71 6.80
N GLN A 133 -31.60 13.66 6.22
CA GLN A 133 -32.31 13.80 4.92
C GLN A 133 -33.49 14.75 5.12
N ARG A 134 -34.24 14.54 6.19
CA ARG A 134 -35.46 15.33 6.49
C ARG A 134 -35.10 16.79 6.78
N VAL A 135 -34.06 17.06 7.57
CA VAL A 135 -33.72 18.46 7.96
C VAL A 135 -33.20 19.16 6.71
N ARG A 136 -32.28 18.53 5.98
CA ARG A 136 -31.60 19.21 4.84
C ARG A 136 -32.60 19.44 3.70
N SER A 137 -33.57 18.54 3.54
CA SER A 137 -34.56 18.59 2.43
C SER A 137 -35.63 19.63 2.72
N GLY A 138 -35.89 19.92 4.00
CA GLY A 138 -36.97 20.82 4.44
C GLY A 138 -38.22 20.05 4.85
N ASP A 139 -38.20 18.73 4.87
CA ASP A 139 -39.32 17.89 5.37
C ASP A 139 -39.50 18.21 6.86
N TRP A 140 -38.41 18.25 7.64
CA TRP A 140 -38.49 18.58 9.09
C TRP A 140 -38.71 20.09 9.24
N LYS A 141 -39.85 20.47 9.79
CA LYS A 141 -40.22 21.90 9.89
C LYS A 141 -40.24 22.33 11.36
N GLY A 142 -39.90 23.60 11.56
CA GLY A 142 -40.03 24.29 12.84
C GLY A 142 -41.49 24.46 13.20
N TYR A 143 -41.75 25.06 14.36
CA TYR A 143 -43.09 25.08 14.99
C TYR A 143 -44.05 26.00 14.21
N THR A 144 -43.57 26.86 13.31
CA THR A 144 -44.44 27.69 12.41
C THR A 144 -44.39 27.21 10.96
N GLY A 145 -43.89 26.00 10.71
CA GLY A 145 -43.88 25.34 9.38
C GLY A 145 -42.74 25.79 8.48
N LYS A 146 -41.67 26.43 8.99
CA LYS A 146 -40.52 26.86 8.16
C LYS A 146 -39.45 25.77 8.15
N THR A 147 -38.58 25.79 7.16
CA THR A 147 -37.47 24.83 7.05
C THR A 147 -36.32 25.33 7.94
N ILE A 148 -35.52 24.39 8.42
CA ILE A 148 -34.40 24.68 9.36
C ILE A 148 -33.26 25.30 8.54
N THR A 149 -32.79 26.47 8.94
CA THR A 149 -31.69 27.19 8.25
C THR A 149 -30.40 27.11 9.05
N ASP A 150 -30.51 26.78 10.33
CA ASP A 150 -29.40 26.96 11.31
C ASP A 150 -29.44 25.81 12.29
N VAL A 151 -28.29 25.19 12.47
CA VAL A 151 -28.13 24.06 13.42
C VAL A 151 -27.13 24.52 14.44
N ILE A 152 -27.49 24.37 15.71
CA ILE A 152 -26.63 24.85 16.84
C ILE A 152 -26.28 23.67 17.72
N ASN A 153 -25.01 23.28 17.67
CA ASN A 153 -24.46 22.27 18.57
C ASN A 153 -24.18 22.96 19.92
N ILE A 154 -24.79 22.46 21.00
CA ILE A 154 -24.45 22.87 22.39
C ILE A 154 -23.78 21.69 23.06
N GLY A 155 -22.51 21.84 23.36
CA GLY A 155 -21.72 20.81 24.02
C GLY A 155 -20.33 21.35 24.29
N ILE A 156 -19.55 20.65 25.11
CA ILE A 156 -18.19 21.14 25.43
C ILE A 156 -17.23 19.98 25.31
N GLY A 157 -15.97 20.29 25.10
CA GLY A 157 -14.90 19.29 25.05
C GLY A 157 -15.15 18.29 23.94
N GLY A 158 -15.15 17.01 24.29
CA GLY A 158 -15.35 15.93 23.30
C GLY A 158 -16.70 16.06 22.61
N SER A 159 -17.67 16.73 23.23
CA SER A 159 -19.02 16.92 22.64
C SER A 159 -19.06 18.18 21.77
N ASP A 160 -17.91 18.84 21.52
CA ASP A 160 -17.82 20.15 20.81
C ASP A 160 -16.75 20.12 19.73
N LEU A 161 -15.50 19.85 20.11
CA LEU A 161 -14.34 20.21 19.24
C LEU A 161 -14.22 19.33 17.99
N GLY A 162 -14.56 18.05 18.07
CA GLY A 162 -14.49 17.16 16.91
C GLY A 162 -15.43 17.64 15.80
N PRO A 163 -16.75 17.75 16.06
CA PRO A 163 -17.67 18.30 15.07
C PRO A 163 -17.31 19.70 14.57
N LEU A 164 -16.79 20.55 15.45
CA LEU A 164 -16.37 21.93 15.05
C LEU A 164 -15.19 21.79 14.07
N MET A 165 -14.14 21.07 14.45
CA MET A 165 -12.94 20.94 13.59
C MET A 165 -13.32 20.34 12.23
N VAL A 166 -14.20 19.33 12.19
CA VAL A 166 -14.55 18.61 10.93
C VAL A 166 -15.39 19.52 10.02
N THR A 167 -16.41 20.18 10.56
CA THR A 167 -17.26 21.09 9.75
C THR A 167 -16.41 22.26 9.23
N GLU A 168 -15.46 22.74 10.02
CA GLU A 168 -14.50 23.76 9.52
C GLU A 168 -13.70 23.17 8.37
N ALA A 169 -13.19 21.95 8.52
CA ALA A 169 -12.28 21.34 7.53
C ALA A 169 -13.05 21.02 6.23
N LEU A 170 -14.33 20.67 6.33
CA LEU A 170 -15.11 20.20 5.16
C LEU A 170 -16.14 21.25 4.74
N LYS A 171 -15.91 22.52 5.04
CA LYS A 171 -16.82 23.64 4.70
C LYS A 171 -17.18 23.60 3.21
N PRO A 172 -16.28 23.25 2.26
CA PRO A 172 -16.65 23.21 0.85
C PRO A 172 -17.73 22.19 0.49
N TYR A 173 -18.01 21.22 1.38
CA TYR A 173 -18.96 20.11 1.14
C TYR A 173 -20.32 20.46 1.72
N SER A 174 -20.52 21.71 2.15
CA SER A 174 -21.74 22.10 2.92
C SER A 174 -22.78 22.80 2.04
N SER A 175 -22.61 22.89 0.73
CA SER A 175 -23.64 23.57 -0.11
C SER A 175 -24.96 22.82 0.04
N GLY A 176 -26.06 23.52 0.25
CA GLY A 176 -27.37 22.87 0.47
C GLY A 176 -27.55 22.36 1.88
N GLY A 177 -26.60 22.62 2.78
CA GLY A 177 -26.73 22.23 4.20
C GLY A 177 -27.14 23.44 5.01
N PRO A 178 -27.79 23.27 6.17
CA PRO A 178 -28.00 24.41 7.06
C PRO A 178 -26.65 24.95 7.54
N ARG A 179 -26.62 26.21 7.95
CA ARG A 179 -25.47 26.80 8.68
C ARG A 179 -25.29 26.01 9.97
N VAL A 180 -24.05 25.87 10.42
CA VAL A 180 -23.75 25.16 11.69
C VAL A 180 -23.08 26.11 12.69
N TRP A 181 -23.53 26.09 13.95
CA TRP A 181 -22.96 26.90 15.05
C TRP A 181 -22.57 26.00 16.22
N TYR A 182 -21.46 26.33 16.85
CA TYR A 182 -20.93 25.60 18.04
C TYR A 182 -20.92 26.53 19.25
N VAL A 183 -21.73 26.20 20.24
CA VAL A 183 -21.79 26.91 21.53
C VAL A 183 -21.25 25.93 22.57
N SER A 184 -20.15 26.28 23.23
CA SER A 184 -19.49 25.37 24.19
C SER A 184 -19.27 26.03 25.57
N ASN A 185 -18.67 27.22 25.58
CA ASN A 185 -18.25 27.95 26.81
C ASN A 185 -19.46 28.21 27.70
N ILE A 186 -19.29 28.06 29.01
CA ILE A 186 -20.32 28.58 29.96
C ILE A 186 -20.35 30.11 29.85
N ASP A 187 -19.21 30.76 29.54
CA ASP A 187 -19.19 32.22 29.34
C ASP A 187 -20.44 32.61 28.52
N GLY A 188 -21.33 33.38 29.10
CA GLY A 188 -22.63 33.75 28.52
C GLY A 188 -22.48 34.51 27.22
N THR A 189 -21.30 35.07 26.96
CA THR A 189 -20.96 35.64 25.64
C THR A 189 -21.31 34.63 24.53
N HIS A 190 -20.95 33.37 24.71
CA HIS A 190 -20.96 32.38 23.61
C HIS A 190 -22.39 32.18 23.15
N ILE A 191 -23.29 31.80 24.03
CA ILE A 191 -24.71 31.57 23.65
C ILE A 191 -25.35 32.93 23.27
N ALA A 192 -25.00 34.03 23.95
CA ALA A 192 -25.70 35.33 23.76
C ALA A 192 -25.44 35.83 22.35
N LYS A 193 -24.19 35.86 21.92
CA LYS A 193 -23.90 36.44 20.59
C LYS A 193 -24.36 35.47 19.48
N THR A 194 -24.49 34.17 19.78
CA THR A 194 -25.00 33.17 18.82
C THR A 194 -26.50 33.39 18.66
N LEU A 195 -27.25 33.41 19.77
CA LEU A 195 -28.71 33.55 19.74
C LEU A 195 -29.10 34.89 19.09
N ALA A 196 -28.29 35.94 19.22
CA ALA A 196 -28.61 37.28 18.71
C ALA A 196 -28.72 37.22 17.17
N GLN A 197 -28.15 36.19 16.53
CA GLN A 197 -28.08 36.09 15.04
C GLN A 197 -29.11 35.08 14.50
N LEU A 198 -29.96 34.50 15.34
CA LEU A 198 -30.79 33.33 14.97
C LEU A 198 -32.26 33.70 15.05
N ASN A 199 -33.08 32.96 14.31
CA ASN A 199 -34.56 32.96 14.43
C ASN A 199 -35.02 31.68 15.09
N PRO A 200 -35.75 31.74 16.21
CA PRO A 200 -36.28 30.53 16.83
C PRO A 200 -37.07 29.63 15.86
N GLU A 201 -37.74 30.19 14.86
CA GLU A 201 -38.64 29.44 13.95
C GLU A 201 -37.84 28.52 13.03
N SER A 202 -36.58 28.86 12.74
CA SER A 202 -35.76 28.15 11.74
C SER A 202 -34.43 27.65 12.33
N SER A 203 -34.36 27.50 13.65
CA SER A 203 -33.15 27.08 14.40
C SER A 203 -33.41 25.71 15.03
N LEU A 204 -32.51 24.78 14.81
CA LEU A 204 -32.51 23.44 15.44
C LEU A 204 -31.33 23.33 16.40
N PHE A 205 -31.60 23.02 17.65
CA PHE A 205 -30.59 22.86 18.73
C PHE A 205 -30.27 21.38 18.94
N ILE A 206 -28.97 21.11 19.00
CA ILE A 206 -28.44 19.76 19.26
C ILE A 206 -27.71 19.78 20.59
N ILE A 207 -28.29 19.14 21.60
CA ILE A 207 -27.71 19.10 22.96
C ILE A 207 -26.83 17.86 23.03
N ALA A 208 -25.53 18.08 22.95
CA ALA A 208 -24.51 17.04 22.80
C ALA A 208 -23.87 16.83 24.16
N SER A 209 -24.27 15.74 24.85
CA SER A 209 -23.77 15.42 26.20
C SER A 209 -23.88 13.93 26.47
N LYS A 210 -22.75 13.23 26.52
CA LYS A 210 -22.69 11.79 26.90
C LYS A 210 -23.49 11.55 28.19
N THR A 211 -23.18 12.27 29.27
CA THR A 211 -23.83 12.13 30.60
C THR A 211 -25.19 12.85 30.64
N PHE A 212 -25.31 13.95 29.89
CA PHE A 212 -26.45 14.90 29.97
C PHE A 212 -26.49 15.54 31.39
N THR A 213 -25.33 15.70 32.05
CA THR A 213 -25.25 16.38 33.36
C THR A 213 -24.23 17.52 33.35
N THR A 214 -23.34 17.61 32.36
CA THR A 214 -22.28 18.65 32.34
C THR A 214 -22.90 20.04 32.52
N GLN A 215 -22.41 20.77 33.53
CA GLN A 215 -22.98 22.09 33.93
C GLN A 215 -22.97 23.06 32.73
N GLU A 216 -21.86 23.21 32.02
CA GLU A 216 -21.77 24.18 30.90
C GLU A 216 -22.90 23.87 29.91
N THR A 217 -23.05 22.60 29.52
CA THR A 217 -23.94 22.22 28.40
C THR A 217 -25.38 22.34 28.87
N ILE A 218 -25.69 21.81 30.04
CA ILE A 218 -27.09 21.88 30.52
C ILE A 218 -27.47 23.34 30.75
N THR A 219 -26.57 24.18 31.24
CA THR A 219 -26.90 25.62 31.48
C THR A 219 -27.13 26.32 30.13
N ASN A 220 -26.24 26.09 29.16
CA ASN A 220 -26.39 26.64 27.79
C ASN A 220 -27.71 26.15 27.18
N ALA A 221 -28.07 24.90 27.40
CA ALA A 221 -29.26 24.28 26.77
C ALA A 221 -30.53 24.93 27.35
N GLU A 222 -30.56 25.15 28.66
CA GLU A 222 -31.68 25.83 29.38
C GLU A 222 -31.81 27.28 28.89
N THR A 223 -30.70 27.99 28.69
CA THR A 223 -30.73 29.37 28.16
C THR A 223 -31.34 29.35 26.75
N ALA A 224 -30.96 28.39 25.90
CA ALA A 224 -31.44 28.33 24.50
C ALA A 224 -32.93 28.00 24.53
N LYS A 225 -33.34 27.08 25.41
CA LYS A 225 -34.77 26.69 25.55
C LYS A 225 -35.61 27.87 26.07
N GLU A 226 -35.10 28.64 27.03
CA GLU A 226 -35.80 29.84 27.56
C GLU A 226 -35.99 30.84 26.41
N TRP A 227 -34.94 31.10 25.64
CA TRP A 227 -34.98 32.01 24.47
C TRP A 227 -36.05 31.50 23.46
N PHE A 228 -36.01 30.20 23.14
CA PHE A 228 -36.93 29.56 22.18
C PHE A 228 -38.36 29.71 22.68
N LEU A 229 -38.59 29.30 23.92
CA LEU A 229 -39.98 29.31 24.48
C LEU A 229 -40.51 30.74 24.61
N GLN A 230 -39.65 31.75 24.71
CA GLN A 230 -40.11 33.18 24.77
C GLN A 230 -40.81 33.50 23.45
N ALA A 231 -40.35 32.93 22.33
CA ALA A 231 -40.99 33.12 21.01
C ALA A 231 -42.18 32.17 20.86
N ALA A 232 -42.02 30.88 21.15
CA ALA A 232 -42.95 29.80 20.75
C ALA A 232 -44.06 29.62 21.80
N LYS A 233 -43.77 29.90 23.07
CA LYS A 233 -44.73 29.80 24.20
C LYS A 233 -45.09 28.34 24.47
N ASP A 234 -45.53 27.62 23.45
CA ASP A 234 -46.04 26.22 23.59
C ASP A 234 -44.87 25.28 23.88
N PRO A 235 -44.84 24.60 25.05
CA PRO A 235 -43.78 23.64 25.35
C PRO A 235 -43.71 22.45 24.36
N SER A 236 -44.81 22.15 23.66
CA SER A 236 -44.91 21.14 22.56
C SER A 236 -43.92 21.46 21.43
N ALA A 237 -43.70 22.74 21.15
CA ALA A 237 -42.83 23.17 20.02
C ALA A 237 -41.39 22.73 20.25
N VAL A 238 -40.97 22.43 21.48
CA VAL A 238 -39.56 22.06 21.80
C VAL A 238 -39.18 20.78 21.04
N ALA A 239 -40.12 19.84 20.88
CA ALA A 239 -39.86 18.57 20.17
C ALA A 239 -39.50 18.81 18.70
N LYS A 240 -39.81 19.98 18.14
CA LYS A 240 -39.43 20.30 16.75
C LYS A 240 -38.08 21.02 16.67
N HIS A 241 -37.51 21.50 17.77
CA HIS A 241 -36.30 22.37 17.69
C HIS A 241 -35.14 21.88 18.58
N PHE A 242 -35.35 20.88 19.43
CA PHE A 242 -34.27 20.33 20.28
C PHE A 242 -34.17 18.83 20.09
N VAL A 243 -32.97 18.38 19.75
CA VAL A 243 -32.63 16.93 19.80
C VAL A 243 -31.45 16.76 20.75
N ALA A 244 -31.19 15.53 21.16
CA ALA A 244 -30.15 15.20 22.16
C ALA A 244 -29.25 14.10 21.61
N LEU A 245 -27.94 14.24 21.84
CA LEU A 245 -26.94 13.17 21.60
C LEU A 245 -26.40 12.76 22.97
N SER A 246 -26.80 11.59 23.45
CA SER A 246 -26.56 11.21 24.86
C SER A 246 -26.61 9.70 25.05
N THR A 247 -26.19 9.26 26.23
CA THR A 247 -26.38 7.87 26.73
C THR A 247 -27.57 7.76 27.70
N ASN A 248 -28.25 8.87 28.06
CA ASN A 248 -29.20 8.89 29.20
C ASN A 248 -30.59 9.46 28.83
N THR A 249 -31.55 8.60 28.48
CA THR A 249 -32.91 9.01 28.04
C THR A 249 -33.65 9.72 29.19
N THR A 250 -33.45 9.28 30.43
CA THR A 250 -34.14 9.85 31.62
C THR A 250 -33.79 11.34 31.76
N LYS A 251 -32.49 11.69 31.75
CA LYS A 251 -32.03 13.10 31.85
C LYS A 251 -32.58 13.89 30.66
N VAL A 252 -32.53 13.31 29.46
CA VAL A 252 -33.01 13.95 28.21
C VAL A 252 -34.51 14.28 28.35
N LYS A 253 -35.30 13.29 28.77
CA LYS A 253 -36.75 13.49 29.02
C LYS A 253 -36.96 14.56 30.12
N GLU A 254 -36.23 14.47 31.24
CA GLU A 254 -36.29 15.43 32.38
C GLU A 254 -36.03 16.86 31.88
N PHE A 255 -35.06 17.07 30.98
CA PHE A 255 -34.78 18.39 30.38
C PHE A 255 -35.97 18.86 29.53
N GLY A 256 -36.74 17.96 28.95
CA GLY A 256 -37.94 18.32 28.17
C GLY A 256 -37.86 17.95 26.70
N ILE A 257 -36.89 17.13 26.32
CA ILE A 257 -36.75 16.63 24.91
C ILE A 257 -37.41 15.25 24.87
N ASP A 258 -38.21 15.02 23.83
CA ASP A 258 -38.87 13.71 23.57
C ASP A 258 -37.76 12.68 23.40
N PRO A 259 -37.77 11.55 24.14
CA PRO A 259 -36.70 10.54 24.01
C PRO A 259 -36.57 9.93 22.61
N GLN A 260 -37.58 10.10 21.76
CA GLN A 260 -37.52 9.74 20.32
C GLN A 260 -36.52 10.66 19.60
N ASN A 261 -36.21 11.83 20.16
CA ASN A 261 -35.27 12.82 19.57
C ASN A 261 -33.87 12.59 20.16
N MET A 262 -33.63 11.47 20.87
CA MET A 262 -32.30 11.14 21.40
C MET A 262 -31.58 10.15 20.47
N PHE A 263 -30.39 10.55 20.02
CA PHE A 263 -29.45 9.74 19.22
C PHE A 263 -28.42 9.18 20.20
N GLU A 264 -28.44 7.86 20.33
CA GLU A 264 -27.73 7.15 21.41
C GLU A 264 -26.28 6.90 21.02
N PHE A 265 -25.40 6.87 21.99
CA PHE A 265 -24.06 6.23 21.87
C PHE A 265 -23.78 5.52 23.19
N TRP A 266 -22.53 5.11 23.41
CA TRP A 266 -22.23 4.02 24.40
C TRP A 266 -21.05 4.46 25.25
N ASP A 267 -20.97 3.86 26.45
CA ASP A 267 -19.90 4.13 27.43
C ASP A 267 -18.53 3.93 26.79
N TRP A 268 -18.39 3.01 25.83
CA TRP A 268 -17.09 2.67 25.20
C TRP A 268 -16.71 3.69 24.11
N VAL A 269 -17.49 4.77 23.97
CA VAL A 269 -17.16 5.92 23.09
C VAL A 269 -16.64 7.03 23.99
N GLY A 270 -15.33 7.20 24.02
CA GLY A 270 -14.73 8.33 24.71
C GLY A 270 -15.11 9.65 24.05
N GLY A 271 -15.32 10.69 24.86
CA GLY A 271 -15.68 12.01 24.33
C GLY A 271 -14.73 12.50 23.24
N ARG A 272 -13.42 12.40 23.49
CA ARG A 272 -12.39 12.90 22.55
C ARG A 272 -12.21 11.92 21.36
N TYR A 273 -12.98 10.83 21.31
CA TYR A 273 -13.03 9.87 20.17
C TYR A 273 -14.47 9.74 19.68
N SER A 274 -15.34 10.72 19.92
CA SER A 274 -16.81 10.58 19.76
C SER A 274 -17.34 11.14 18.43
N LEU A 275 -16.56 11.88 17.65
CA LEU A 275 -17.16 12.53 16.44
C LEU A 275 -17.70 11.50 15.43
N TRP A 276 -17.25 10.26 15.53
CA TRP A 276 -17.64 9.14 14.65
C TRP A 276 -19.04 8.64 15.04
N SER A 277 -19.51 8.96 16.26
CA SER A 277 -20.81 8.50 16.83
C SER A 277 -21.93 9.48 16.46
N ALA A 278 -23.07 9.35 17.14
CA ALA A 278 -24.19 10.32 17.13
C ALA A 278 -23.68 11.75 17.40
N ILE A 279 -22.58 11.90 18.13
CA ILE A 279 -21.97 13.23 18.42
C ILE A 279 -21.68 13.91 17.08
N GLY A 280 -21.44 13.15 16.02
CA GLY A 280 -21.16 13.70 14.68
C GLY A 280 -22.41 14.17 13.95
N LEU A 281 -23.59 14.19 14.58
CA LEU A 281 -24.84 14.55 13.86
C LEU A 281 -24.70 15.95 13.22
N SER A 282 -24.06 16.92 13.86
CA SER A 282 -23.95 18.28 13.27
C SER A 282 -23.12 18.22 11.99
N ILE A 283 -22.13 17.31 11.92
CA ILE A 283 -21.32 17.13 10.69
C ILE A 283 -22.25 16.65 9.56
N ALA A 284 -23.03 15.60 9.82
CA ALA A 284 -23.89 14.94 8.81
C ALA A 284 -24.98 15.93 8.36
N LEU A 285 -25.49 16.76 9.26
CA LEU A 285 -26.47 17.80 8.88
C LEU A 285 -25.80 18.83 7.98
N HIS A 286 -24.57 19.22 8.27
CA HIS A 286 -23.88 20.31 7.52
C HIS A 286 -23.49 19.84 6.11
N VAL A 287 -22.81 18.70 5.99
CA VAL A 287 -22.21 18.26 4.69
C VAL A 287 -22.96 17.07 4.13
N GLY A 288 -24.05 16.64 4.75
CA GLY A 288 -24.83 15.50 4.27
C GLY A 288 -24.31 14.18 4.82
N PHE A 289 -25.23 13.23 4.99
CA PHE A 289 -24.91 11.90 5.55
C PHE A 289 -23.92 11.15 4.63
N ASP A 290 -23.99 11.36 3.31
CA ASP A 290 -23.12 10.67 2.33
C ASP A 290 -21.67 11.04 2.65
N ASN A 291 -21.40 12.33 2.84
CA ASN A 291 -20.04 12.80 3.19
C ASN A 291 -19.62 12.33 4.58
N PHE A 292 -20.55 12.22 5.53
CA PHE A 292 -20.27 11.65 6.88
C PHE A 292 -19.84 10.19 6.71
N GLU A 293 -20.54 9.39 5.90
CA GLU A 293 -20.14 7.97 5.64
C GLU A 293 -18.72 7.92 5.05
N GLN A 294 -18.37 8.84 4.14
CA GLN A 294 -17.03 8.91 3.51
C GLN A 294 -15.99 9.21 4.59
N LEU A 295 -16.28 10.12 5.53
CA LEU A 295 -15.41 10.40 6.71
C LEU A 295 -15.18 9.11 7.52
N LEU A 296 -16.26 8.39 7.88
CA LEU A 296 -16.13 7.10 8.60
C LEU A 296 -15.29 6.10 7.76
N SER A 297 -15.50 6.06 6.44
CA SER A 297 -14.80 5.10 5.53
C SER A 297 -13.30 5.35 5.54
N GLY A 298 -12.88 6.60 5.57
CA GLY A 298 -11.43 6.90 5.62
C GLY A 298 -10.85 6.47 6.95
N ALA A 299 -11.59 6.65 8.05
CA ALA A 299 -11.07 6.24 9.39
C ALA A 299 -10.96 4.71 9.37
N HIS A 300 -11.95 4.03 8.83
CA HIS A 300 -11.98 2.55 8.70
C HIS A 300 -10.77 2.07 7.90
N TRP A 301 -10.45 2.72 6.78
CA TRP A 301 -9.28 2.33 5.96
C TRP A 301 -8.02 2.37 6.85
N MET A 302 -7.87 3.43 7.64
CA MET A 302 -6.64 3.63 8.46
C MET A 302 -6.67 2.65 9.66
N ASP A 303 -7.84 2.27 10.15
CA ASP A 303 -7.96 1.21 11.18
C ASP A 303 -7.36 -0.10 10.63
N GLN A 304 -7.68 -0.44 9.38
CA GLN A 304 -7.18 -1.67 8.73
C GLN A 304 -5.67 -1.53 8.52
N HIS A 305 -5.19 -0.36 8.10
CA HIS A 305 -3.72 -0.18 7.91
C HIS A 305 -3.04 -0.45 9.25
N PHE A 306 -3.57 0.15 10.33
CA PHE A 306 -3.01 -0.01 11.69
C PHE A 306 -2.97 -1.51 12.10
N ARG A 307 -4.03 -2.23 11.77
CA ARG A 307 -4.22 -3.62 12.24
C ARG A 307 -3.35 -4.62 11.45
N THR A 308 -3.13 -4.44 10.14
CA THR A 308 -2.54 -5.48 9.28
C THR A 308 -1.10 -5.14 8.91
N THR A 309 -0.62 -3.94 9.16
CA THR A 309 0.72 -3.54 8.65
C THR A 309 1.80 -3.92 9.66
N PRO A 310 2.89 -4.60 9.24
CA PRO A 310 4.03 -4.81 10.13
C PRO A 310 4.50 -3.49 10.77
N LEU A 311 4.91 -3.57 12.03
CA LEU A 311 5.18 -2.38 12.88
C LEU A 311 6.10 -1.41 12.16
N GLU A 312 7.12 -1.93 11.47
CA GLU A 312 8.23 -1.12 10.90
C GLU A 312 7.75 -0.31 9.68
N LYS A 313 6.55 -0.57 9.17
CA LYS A 313 5.99 0.18 8.02
C LYS A 313 4.60 0.73 8.39
N ASN A 314 4.28 0.78 9.68
CA ASN A 314 2.92 1.06 10.21
C ASN A 314 2.87 2.54 10.60
N ALA A 315 2.14 3.38 9.85
CA ALA A 315 2.21 4.86 9.95
C ALA A 315 1.97 5.35 11.38
N PRO A 316 0.84 5.03 12.05
CA PRO A 316 0.65 5.49 13.43
C PRO A 316 1.71 4.98 14.41
N VAL A 317 2.20 3.75 14.23
CA VAL A 317 3.23 3.16 15.12
C VAL A 317 4.53 3.99 14.96
N LEU A 318 4.93 4.30 13.73
CA LEU A 318 6.20 5.02 13.49
C LEU A 318 6.06 6.46 14.00
N LEU A 319 4.91 7.12 13.78
CA LEU A 319 4.70 8.50 14.33
C LEU A 319 4.82 8.45 15.86
N ALA A 320 4.24 7.43 16.47
CA ALA A 320 4.28 7.22 17.94
C ALA A 320 5.72 7.08 18.40
N LEU A 321 6.50 6.26 17.71
CA LEU A 321 7.86 5.87 18.14
C LEU A 321 8.82 7.06 17.97
N LEU A 322 8.71 7.81 16.89
CA LEU A 322 9.48 9.07 16.74
C LEU A 322 9.16 9.96 17.93
N GLY A 323 7.87 10.05 18.33
CA GLY A 323 7.46 10.81 19.52
C GLY A 323 8.15 10.34 20.78
N ILE A 324 8.20 9.03 21.00
CA ILE A 324 8.88 8.42 22.19
C ILE A 324 10.36 8.81 22.18
N TRP A 325 11.03 8.65 21.05
CA TRP A 325 12.45 9.05 20.87
C TRP A 325 12.64 10.50 21.37
N TYR A 326 11.80 11.44 20.95
CA TYR A 326 11.97 12.88 21.28
C TYR A 326 11.55 13.16 22.72
N ILE A 327 10.53 12.47 23.23
CA ILE A 327 10.05 12.74 24.62
C ILE A 327 11.00 12.07 25.63
N ASN A 328 11.30 10.79 25.45
CA ASN A 328 11.90 9.95 26.52
C ASN A 328 13.42 9.86 26.36
N CYS A 329 13.99 10.21 25.21
CA CYS A 329 15.47 10.30 25.08
C CYS A 329 15.93 11.77 24.95
N PHE A 330 15.34 12.58 24.10
CA PHE A 330 15.75 14.01 23.94
C PHE A 330 15.13 14.89 25.04
N GLY A 331 14.00 14.51 25.63
CA GLY A 331 13.36 15.31 26.68
C GLY A 331 12.59 16.52 26.14
N CYS A 332 12.16 16.53 24.89
CA CYS A 332 11.28 17.60 24.36
C CYS A 332 9.89 17.55 25.03
N GLU A 333 9.43 18.70 25.55
CA GLU A 333 8.12 18.85 26.24
C GLU A 333 6.98 18.96 25.23
N THR A 334 7.25 19.45 24.03
CA THR A 334 6.14 19.83 23.12
C THR A 334 6.22 19.13 21.77
N HIS A 335 5.09 19.13 21.07
CA HIS A 335 4.95 18.63 19.70
C HIS A 335 4.07 19.61 18.94
N ALA A 336 4.57 20.18 17.85
CA ALA A 336 3.83 21.20 17.06
C ALA A 336 3.15 20.54 15.86
N MET A 337 1.89 20.89 15.63
CA MET A 337 1.11 20.37 14.49
C MET A 337 0.73 21.57 13.61
N LEU A 338 1.25 21.61 12.39
CA LEU A 338 1.30 22.83 11.53
C LEU A 338 0.72 22.46 10.18
N PRO A 339 -0.62 22.41 10.05
CA PRO A 339 -1.25 22.13 8.77
C PRO A 339 -1.22 23.39 7.90
N TYR A 340 -0.71 23.26 6.68
CA TYR A 340 -0.70 24.31 5.64
C TYR A 340 -2.04 24.23 4.92
N ASP A 341 -3.10 24.62 5.64
CA ASP A 341 -4.49 24.51 5.14
C ASP A 341 -5.40 25.28 6.08
N GLN A 342 -5.98 26.35 5.56
CA GLN A 342 -6.84 27.28 6.31
C GLN A 342 -8.07 26.51 6.82
N TYR A 343 -8.59 25.55 6.06
CA TYR A 343 -9.78 24.74 6.47
C TYR A 343 -9.43 23.91 7.74
N LEU A 344 -8.18 23.51 7.90
CA LEU A 344 -7.69 22.73 9.08
C LEU A 344 -7.25 23.66 10.23
N HIS A 345 -7.82 24.88 10.33
CA HIS A 345 -7.35 25.86 11.34
C HIS A 345 -7.65 25.35 12.75
N ARG A 346 -8.54 24.36 12.93
CA ARG A 346 -8.84 23.86 14.28
C ARG A 346 -8.26 22.46 14.48
N PHE A 347 -7.45 21.99 13.55
CA PHE A 347 -6.92 20.60 13.57
C PHE A 347 -5.92 20.43 14.73
N ALA A 348 -4.98 21.35 14.92
CA ALA A 348 -4.00 21.29 16.02
C ALA A 348 -4.75 21.37 17.36
N ALA A 349 -5.77 22.22 17.46
CA ALA A 349 -6.55 22.42 18.71
C ALA A 349 -7.29 21.11 19.05
N TYR A 350 -7.76 20.40 18.03
CA TYR A 350 -8.47 19.11 18.22
C TYR A 350 -7.51 18.07 18.81
N PHE A 351 -6.27 18.00 18.30
CA PHE A 351 -5.31 16.99 18.80
C PHE A 351 -4.61 17.49 20.07
N GLN A 352 -4.67 18.78 20.35
CA GLN A 352 -4.27 19.32 21.67
C GLN A 352 -5.14 18.62 22.72
N GLN A 353 -6.43 18.51 22.47
CA GLN A 353 -7.32 17.74 23.37
C GLN A 353 -7.05 16.24 23.24
N GLY A 354 -7.12 15.68 22.03
CA GLY A 354 -7.02 14.22 21.84
C GLY A 354 -5.73 13.66 22.42
N ASP A 355 -4.61 14.35 22.24
CA ASP A 355 -3.29 13.87 22.72
C ASP A 355 -3.16 14.13 24.22
N MET A 356 -3.33 15.37 24.66
CA MET A 356 -2.95 15.76 26.04
C MET A 356 -3.94 15.15 27.01
N GLU A 357 -5.22 15.04 26.65
CA GLU A 357 -6.22 14.47 27.58
C GLU A 357 -6.03 12.94 27.66
N SER A 358 -5.57 12.31 26.59
CA SER A 358 -5.29 10.85 26.56
C SER A 358 -4.06 10.51 27.41
N ASN A 359 -2.92 11.14 27.14
CA ASN A 359 -1.61 10.70 27.62
C ASN A 359 -0.99 11.67 28.64
N GLY A 360 -1.76 12.65 29.11
CA GLY A 360 -1.39 13.51 30.25
C GLY A 360 -1.70 12.77 31.54
N LYS A 361 -0.87 11.78 31.85
CA LYS A 361 -1.11 10.77 32.91
C LYS A 361 0.22 10.50 33.63
N TYR A 362 0.15 10.03 34.88
CA TYR A 362 1.39 9.72 35.66
C TYR A 362 1.24 8.39 36.43
N ILE A 363 0.10 7.73 36.36
CA ILE A 363 -0.17 6.44 37.06
C ILE A 363 -0.29 5.35 35.98
N THR A 364 0.49 4.28 36.11
CA THR A 364 0.53 3.14 35.17
C THR A 364 -0.62 2.18 35.46
N LYS A 365 -0.74 1.17 34.61
CA LYS A 365 -1.80 0.13 34.71
C LYS A 365 -1.68 -0.61 36.05
N SER A 366 -0.48 -0.79 36.58
CA SER A 366 -0.29 -1.51 37.86
C SER A 366 -0.54 -0.55 39.04
N GLY A 367 -1.00 0.69 38.81
CA GLY A 367 -1.22 1.70 39.87
C GLY A 367 0.06 2.33 40.40
N THR A 368 1.18 2.15 39.72
CA THR A 368 2.51 2.69 40.11
C THR A 368 2.74 4.02 39.41
N ARG A 369 3.44 4.92 40.08
CA ARG A 369 3.83 6.24 39.52
C ARG A 369 4.85 6.03 38.40
N VAL A 370 4.71 6.72 37.27
CA VAL A 370 5.75 6.72 36.21
C VAL A 370 7.01 7.34 36.79
N ASP A 371 8.17 6.98 36.24
CA ASP A 371 9.47 7.60 36.56
C ASP A 371 10.08 8.07 35.25
N HIS A 372 9.21 8.48 34.32
CA HIS A 372 9.59 8.96 32.98
C HIS A 372 8.50 9.91 32.48
N GLN A 373 8.82 10.68 31.46
CA GLN A 373 7.87 11.59 30.79
C GLN A 373 6.75 10.79 30.15
N THR A 374 5.52 11.33 30.18
CA THR A 374 4.41 10.86 29.32
C THR A 374 4.08 11.95 28.30
N GLY A 375 2.78 12.16 28.04
CA GLY A 375 2.29 12.94 26.89
C GLY A 375 2.95 14.31 26.78
N PRO A 376 3.23 14.80 25.55
CA PRO A 376 3.77 16.14 25.36
C PRO A 376 2.65 17.17 25.33
N ILE A 377 3.06 18.44 25.34
CA ILE A 377 2.14 19.58 25.08
C ILE A 377 2.02 19.72 23.58
N VAL A 378 0.80 19.60 23.07
CA VAL A 378 0.51 19.71 21.63
C VAL A 378 -0.04 21.11 21.38
N TRP A 379 0.46 21.75 20.32
CA TRP A 379 0.08 23.14 19.96
C TRP A 379 0.32 23.31 18.46
N GLY A 380 -0.15 24.42 17.91
CA GLY A 380 0.14 24.78 16.50
C GLY A 380 -0.89 25.73 15.95
N GLU A 381 -0.55 26.32 14.82
CA GLU A 381 -1.44 27.17 14.01
C GLU A 381 -1.13 26.85 12.56
N PRO A 382 -2.09 27.05 11.63
CA PRO A 382 -1.87 26.76 10.23
C PRO A 382 -0.72 27.59 9.62
N GLY A 383 0.06 26.98 8.72
CA GLY A 383 0.96 27.70 7.79
C GLY A 383 0.15 28.36 6.67
N THR A 384 0.66 29.46 6.09
CA THR A 384 1.99 30.00 6.36
C THR A 384 2.07 30.97 7.56
N ASN A 385 0.96 31.34 8.20
CA ASN A 385 0.95 32.41 9.24
C ASN A 385 2.06 32.19 10.28
N GLY A 386 2.20 30.98 10.82
CA GLY A 386 3.20 30.69 11.86
C GLY A 386 4.59 31.12 11.44
N GLN A 387 4.90 31.10 10.14
CA GLN A 387 6.23 31.46 9.58
C GLN A 387 6.56 32.94 9.88
N HIS A 388 5.53 33.76 10.11
CA HIS A 388 5.67 35.20 10.41
C HIS A 388 5.69 35.46 11.93
N ALA A 389 5.67 34.42 12.76
CA ALA A 389 5.37 34.56 14.19
C ALA A 389 6.26 33.60 14.98
N PHE A 390 5.69 32.49 15.44
CA PHE A 390 6.40 31.64 16.41
C PHE A 390 7.50 30.85 15.73
N TYR A 391 7.56 30.79 14.39
CA TYR A 391 8.62 29.98 13.73
C TYR A 391 9.98 30.61 14.08
N GLN A 392 10.01 31.88 14.45
CA GLN A 392 11.23 32.56 14.94
C GLN A 392 11.86 31.68 16.02
N LEU A 393 11.08 31.24 17.00
CA LEU A 393 11.59 30.41 18.12
C LEU A 393 11.95 29.00 17.62
N ILE A 394 11.15 28.43 16.72
CA ILE A 394 11.45 27.08 16.18
C ILE A 394 12.84 27.11 15.52
N HIS A 395 13.14 28.15 14.73
CA HIS A 395 14.43 28.30 13.99
C HIS A 395 15.57 28.72 14.92
N GLN A 396 15.37 29.70 15.81
CA GLN A 396 16.51 30.36 16.54
C GLN A 396 16.31 30.42 18.05
N GLY A 397 15.36 29.69 18.61
CA GLY A 397 15.21 29.63 20.07
C GLY A 397 16.18 28.63 20.69
N THR A 398 15.89 28.24 21.93
CA THR A 398 16.74 27.32 22.73
C THR A 398 15.97 26.03 22.98
N LYS A 399 14.86 25.81 22.27
CA LYS A 399 13.99 24.62 22.47
C LYS A 399 14.04 23.75 21.22
N MET A 400 14.06 22.46 21.45
CA MET A 400 13.88 21.46 20.37
C MET A 400 12.40 21.14 20.30
N ILE A 401 11.78 21.40 19.15
CA ILE A 401 10.32 21.21 18.95
C ILE A 401 10.08 20.34 17.71
N PRO A 402 9.80 19.03 17.88
CA PRO A 402 9.39 18.21 16.75
C PRO A 402 8.11 18.82 16.18
N CYS A 403 8.06 18.97 14.86
CA CYS A 403 6.93 19.55 14.12
C CYS A 403 6.39 18.55 13.10
N ASP A 404 5.07 18.43 13.03
CA ASP A 404 4.37 17.75 11.91
C ASP A 404 3.85 18.85 10.97
N PHE A 405 4.37 18.89 9.75
CA PHE A 405 3.87 19.73 8.63
C PHE A 405 2.92 18.89 7.77
N LEU A 406 1.70 19.36 7.56
CA LEU A 406 0.67 18.65 6.75
C LEU A 406 0.16 19.54 5.63
N ILE A 407 -0.07 18.97 4.44
CA ILE A 407 -0.59 19.76 3.29
C ILE A 407 -1.28 18.86 2.29
N PRO A 408 -2.41 19.33 1.70
CA PRO A 408 -2.96 18.67 0.54
C PRO A 408 -2.23 19.09 -0.74
N VAL A 409 -2.02 18.15 -1.65
CA VAL A 409 -1.44 18.45 -2.99
C VAL A 409 -2.42 19.32 -3.76
N GLN A 410 -3.69 18.98 -3.73
CA GLN A 410 -4.74 19.67 -4.52
C GLN A 410 -5.56 20.55 -3.57
N THR A 411 -5.79 21.79 -3.95
CA THR A 411 -6.57 22.77 -3.15
C THR A 411 -8.03 22.67 -3.56
N GLN A 412 -8.92 22.97 -2.62
CA GLN A 412 -10.36 23.13 -2.90
C GLN A 412 -10.62 24.40 -3.72
N HIS A 413 -9.69 25.37 -3.74
CA HIS A 413 -9.92 26.69 -4.41
C HIS A 413 -8.71 27.00 -5.27
N PRO A 414 -8.54 26.36 -6.45
CA PRO A 414 -7.36 26.58 -7.28
C PRO A 414 -7.50 27.91 -8.03
N ILE A 415 -7.49 29.02 -7.29
CA ILE A 415 -7.70 30.37 -7.85
C ILE A 415 -6.42 30.86 -8.54
N ARG A 416 -6.56 31.85 -9.42
CA ARG A 416 -5.42 32.48 -10.16
C ARG A 416 -4.60 31.38 -10.84
N LYS A 417 -5.26 30.34 -11.38
CA LYS A 417 -4.61 29.21 -12.08
C LYS A 417 -3.60 28.53 -11.13
N GLY A 418 -3.97 28.39 -9.87
CA GLY A 418 -3.18 27.62 -8.89
C GLY A 418 -1.99 28.40 -8.36
N LEU A 419 -1.94 29.71 -8.59
CA LEU A 419 -0.80 30.52 -8.10
C LEU A 419 -0.73 30.47 -6.57
N HIS A 420 -1.84 30.65 -5.86
CA HIS A 420 -1.82 30.68 -4.37
C HIS A 420 -1.30 29.33 -3.87
N HIS A 421 -1.83 28.22 -4.39
CA HIS A 421 -1.45 26.87 -3.88
C HIS A 421 0.03 26.57 -4.17
N LYS A 422 0.53 26.99 -5.32
CA LYS A 422 1.97 26.84 -5.65
C LYS A 422 2.82 27.54 -4.60
N ILE A 423 2.48 28.79 -4.24
CA ILE A 423 3.25 29.54 -3.21
C ILE A 423 3.14 28.79 -1.87
N LEU A 424 1.95 28.30 -1.53
CA LEU A 424 1.71 27.60 -0.24
C LEU A 424 2.61 26.35 -0.19
N LEU A 425 2.62 25.57 -1.28
CA LEU A 425 3.46 24.36 -1.40
C LEU A 425 4.94 24.72 -1.28
N ALA A 426 5.39 25.72 -2.01
CA ALA A 426 6.82 26.10 -1.97
C ALA A 426 7.22 26.44 -0.53
N ASN A 427 6.37 27.17 0.20
CA ASN A 427 6.69 27.57 1.61
C ASN A 427 6.76 26.31 2.49
N PHE A 428 5.77 25.42 2.36
CA PHE A 428 5.71 24.14 3.08
C PHE A 428 7.05 23.39 2.92
N LEU A 429 7.52 23.30 1.68
CA LEU A 429 8.76 22.54 1.36
C LEU A 429 9.96 23.31 1.89
N ALA A 430 10.02 24.61 1.64
CA ALA A 430 11.23 25.40 1.95
C ALA A 430 11.43 25.47 3.48
N GLN A 431 10.34 25.50 4.26
CA GLN A 431 10.49 25.69 5.73
C GLN A 431 11.14 24.44 6.36
N THR A 432 10.71 23.23 6.02
CA THR A 432 11.28 21.99 6.61
C THR A 432 12.73 21.83 6.12
N GLU A 433 13.02 22.20 4.88
CA GLU A 433 14.41 22.18 4.36
C GLU A 433 15.29 23.14 5.19
N ALA A 434 14.82 24.36 5.46
CA ALA A 434 15.61 25.34 6.25
C ALA A 434 15.78 24.85 7.70
N LEU A 435 14.75 24.25 8.29
CA LEU A 435 14.82 23.79 9.70
C LEU A 435 15.88 22.70 9.81
N MET A 436 15.97 21.89 8.76
CA MET A 436 16.95 20.79 8.70
C MET A 436 18.36 21.36 8.44
N ARG A 437 18.51 22.18 7.42
CA ARG A 437 19.87 22.61 6.95
C ARG A 437 20.44 23.73 7.82
N GLY A 438 19.59 24.70 8.23
CA GLY A 438 20.11 25.91 8.85
C GLY A 438 20.95 26.70 7.86
N LYS A 439 21.87 27.52 8.36
CA LYS A 439 22.73 28.41 7.54
C LYS A 439 23.97 28.73 8.35
N SER A 440 25.14 28.38 7.81
CA SER A 440 26.44 28.50 8.51
C SER A 440 26.87 29.96 8.56
N THR A 441 27.87 30.24 9.40
CA THR A 441 28.53 31.57 9.47
C THR A 441 28.95 32.00 8.07
N GLU A 442 29.57 31.08 7.35
CA GLU A 442 30.18 31.35 6.01
C GLU A 442 29.08 31.66 4.98
N GLU A 443 27.99 30.91 4.96
CA GLU A 443 26.86 31.15 4.03
C GLU A 443 26.26 32.54 4.32
N ALA A 444 26.02 32.86 5.60
CA ALA A 444 25.43 34.14 6.03
C ALA A 444 26.41 35.28 5.69
N ARG A 445 27.70 35.08 5.91
CA ARG A 445 28.71 36.11 5.56
C ARG A 445 28.64 36.39 4.05
N LYS A 446 28.62 35.35 3.23
CA LYS A 446 28.67 35.54 1.76
C LYS A 446 27.40 36.24 1.28
N GLU A 447 26.24 35.96 1.87
CA GLU A 447 24.97 36.65 1.51
C GLU A 447 25.03 38.13 1.93
N LEU A 448 25.60 38.42 3.11
CA LEU A 448 25.73 39.83 3.60
C LEU A 448 26.68 40.59 2.67
N GLN A 449 27.78 39.96 2.24
CA GLN A 449 28.74 40.58 1.29
C GLN A 449 28.02 40.89 -0.03
N ALA A 450 27.25 39.95 -0.56
CA ALA A 450 26.50 40.12 -1.83
C ALA A 450 25.44 41.23 -1.66
N ALA A 451 24.89 41.39 -0.45
CA ALA A 451 23.86 42.42 -0.15
C ALA A 451 24.50 43.81 -0.19
N GLY A 452 25.83 43.89 -0.01
CA GLY A 452 26.57 45.16 -0.12
C GLY A 452 26.89 45.75 1.24
N LYS A 453 27.00 44.93 2.29
CA LYS A 453 27.19 45.43 3.67
C LYS A 453 28.67 45.79 3.89
N SER A 454 28.92 46.82 4.70
CA SER A 454 30.26 47.31 5.09
C SER A 454 30.89 46.25 5.99
N PRO A 455 32.24 46.15 6.02
CA PRO A 455 32.96 45.10 6.77
C PRO A 455 32.65 44.92 8.26
N GLU A 456 32.33 45.99 8.99
CA GLU A 456 31.98 45.91 10.43
C GLU A 456 30.51 45.53 10.57
N ASP A 457 29.64 46.41 10.06
CA ASP A 457 28.18 46.18 9.91
C ASP A 457 27.91 44.71 9.60
N LEU A 458 28.78 44.11 8.78
CA LEU A 458 28.63 42.70 8.38
C LEU A 458 28.97 41.84 9.59
N GLU A 459 30.12 42.09 10.24
CA GLU A 459 30.61 41.24 11.36
C GLU A 459 29.81 41.56 12.62
N ARG A 460 29.05 42.66 12.64
CA ARG A 460 28.07 43.02 13.71
C ARG A 460 26.86 42.08 13.64
N LEU A 461 26.25 42.06 12.45
CA LEU A 461 24.93 41.48 12.16
C LEU A 461 25.05 39.96 11.94
N LEU A 462 26.24 39.49 11.56
CA LEU A 462 26.49 38.12 11.03
C LEU A 462 26.00 37.05 12.00
N PRO A 463 26.44 37.02 13.28
CA PRO A 463 26.12 35.90 14.16
C PRO A 463 24.61 35.80 14.41
N HIS A 464 23.89 36.92 14.35
CA HIS A 464 22.41 36.99 14.51
C HIS A 464 21.68 36.31 13.33
N LYS A 465 22.33 36.14 12.18
CA LYS A 465 21.69 35.64 10.94
C LYS A 465 22.13 34.19 10.66
N VAL A 466 22.80 33.58 11.64
CA VAL A 466 23.26 32.17 11.60
C VAL A 466 22.16 31.29 12.20
N PHE A 467 21.85 30.20 11.50
CA PHE A 467 20.83 29.19 11.88
C PHE A 467 21.56 27.87 12.09
N GLU A 468 21.42 27.29 13.28
CA GLU A 468 22.11 26.03 13.64
C GLU A 468 21.42 24.85 12.94
N GLY A 469 20.14 24.99 12.59
CA GLY A 469 19.38 23.92 11.93
C GLY A 469 19.34 22.67 12.77
N ASN A 470 19.33 21.52 12.12
CA ASN A 470 19.22 20.20 12.78
C ASN A 470 17.87 20.08 13.50
N ARG A 471 16.85 20.76 13.02
CA ARG A 471 15.54 20.76 13.71
C ARG A 471 14.62 19.81 12.96
N PRO A 472 14.17 18.73 13.63
CA PRO A 472 13.51 17.64 12.93
C PRO A 472 12.04 17.92 12.64
N THR A 473 11.58 17.43 11.50
CA THR A 473 10.17 17.56 11.05
C THR A 473 9.69 16.22 10.48
N ASN A 474 8.38 15.98 10.56
CA ASN A 474 7.63 15.07 9.68
C ASN A 474 6.89 15.92 8.66
N SER A 475 6.91 15.50 7.40
CA SER A 475 6.05 16.08 6.34
C SER A 475 5.00 15.03 5.97
N ILE A 476 3.74 15.41 6.08
CA ILE A 476 2.60 14.50 5.80
C ILE A 476 1.82 15.14 4.66
N VAL A 477 1.93 14.54 3.48
CA VAL A 477 1.39 15.11 2.22
C VAL A 477 0.32 14.17 1.68
N PHE A 478 -0.83 14.72 1.34
CA PHE A 478 -1.98 13.89 0.94
C PHE A 478 -2.65 14.52 -0.27
N THR A 479 -3.30 13.68 -1.05
CA THR A 479 -3.75 14.08 -2.40
C THR A 479 -4.64 15.30 -2.28
N LYS A 480 -5.66 15.21 -1.42
CA LYS A 480 -6.68 16.27 -1.29
C LYS A 480 -7.42 16.07 0.04
N LEU A 481 -7.83 17.16 0.65
CA LEU A 481 -8.58 17.10 1.91
C LEU A 481 -10.05 16.92 1.59
N THR A 482 -10.40 15.69 1.34
CA THR A 482 -11.78 15.21 1.15
C THR A 482 -12.26 14.69 2.48
N PRO A 483 -13.58 14.44 2.63
CA PRO A 483 -14.10 13.77 3.80
C PRO A 483 -13.38 12.46 4.12
N PHE A 484 -13.13 11.63 3.11
CA PHE A 484 -12.49 10.32 3.31
C PHE A 484 -11.07 10.56 3.85
N MET A 485 -10.33 11.46 3.22
CA MET A 485 -8.90 11.62 3.58
C MET A 485 -8.82 12.23 4.99
N LEU A 486 -9.71 13.19 5.33
CA LEU A 486 -9.74 13.74 6.69
C LEU A 486 -9.97 12.58 7.69
N GLY A 487 -10.88 11.67 7.37
CA GLY A 487 -11.16 10.52 8.24
C GLY A 487 -9.89 9.72 8.48
N ALA A 488 -9.16 9.44 7.44
CA ALA A 488 -7.92 8.66 7.53
C ALA A 488 -6.89 9.40 8.39
N LEU A 489 -6.76 10.71 8.23
CA LEU A 489 -5.73 11.49 8.94
C LEU A 489 -6.06 11.56 10.43
N VAL A 490 -7.34 11.72 10.78
CA VAL A 490 -7.73 11.83 12.20
C VAL A 490 -7.45 10.47 12.85
N ALA A 491 -7.88 9.37 12.21
CA ALA A 491 -7.71 8.02 12.76
C ALA A 491 -6.22 7.69 12.90
N MET A 492 -5.40 8.18 11.98
CA MET A 492 -3.94 7.92 12.06
C MET A 492 -3.40 8.48 13.37
N TYR A 493 -3.78 9.70 13.72
CA TYR A 493 -3.31 10.34 14.97
C TYR A 493 -3.95 9.69 16.20
N GLU A 494 -5.23 9.28 16.14
CA GLU A 494 -5.81 8.49 17.25
C GLU A 494 -4.92 7.29 17.54
N HIS A 495 -4.51 6.51 16.53
CA HIS A 495 -3.72 5.30 16.79
C HIS A 495 -2.29 5.65 17.21
N LYS A 496 -1.72 6.78 16.75
CA LYS A 496 -0.40 7.23 17.27
C LYS A 496 -0.50 7.44 18.79
N ILE A 497 -1.58 8.06 19.25
CA ILE A 497 -1.80 8.36 20.69
C ILE A 497 -1.95 7.03 21.46
N PHE A 498 -2.69 6.08 20.90
CA PHE A 498 -2.90 4.73 21.45
C PHE A 498 -1.55 4.02 21.64
N VAL A 499 -0.70 4.03 20.63
CA VAL A 499 0.62 3.34 20.68
C VAL A 499 1.48 3.97 21.79
N GLN A 500 1.54 5.29 21.86
CA GLN A 500 2.37 5.99 22.88
C GLN A 500 1.88 5.61 24.27
N GLY A 501 0.56 5.51 24.46
CA GLY A 501 -0.03 5.10 25.74
C GLY A 501 0.42 3.72 26.17
N ILE A 502 0.32 2.75 25.26
CA ILE A 502 0.73 1.35 25.53
C ILE A 502 2.21 1.36 25.92
N ILE A 503 3.04 2.09 25.20
CA ILE A 503 4.50 2.06 25.52
C ILE A 503 4.71 2.65 26.93
N TRP A 504 3.98 3.71 27.29
CA TRP A 504 4.12 4.38 28.61
C TRP A 504 3.39 3.57 29.70
N ASP A 505 2.57 2.61 29.32
CA ASP A 505 1.82 1.72 30.24
C ASP A 505 0.80 2.54 31.02
N ILE A 506 0.24 3.59 30.41
CA ILE A 506 -0.83 4.40 31.03
C ILE A 506 -2.15 4.08 30.35
N ASN A 507 -3.25 4.53 30.94
CA ASN A 507 -4.62 4.40 30.38
C ASN A 507 -4.90 5.67 29.56
N SER A 508 -4.85 5.55 28.25
CA SER A 508 -5.09 6.67 27.31
C SER A 508 -6.56 7.05 27.29
N PHE A 509 -7.44 6.31 27.98
CA PHE A 509 -8.88 6.37 27.69
C PHE A 509 -9.72 6.84 28.88
N ASP A 510 -9.11 7.10 30.03
CA ASP A 510 -9.80 7.75 31.17
C ASP A 510 -9.36 9.23 31.21
N GLN A 511 -9.98 10.01 32.09
CA GLN A 511 -9.61 11.45 32.25
C GLN A 511 -9.99 11.95 33.66
N TRP A 512 -9.29 11.51 34.71
CA TRP A 512 -9.75 11.77 36.11
C TRP A 512 -9.55 13.25 36.47
N GLY A 513 -8.59 13.94 35.87
CA GLY A 513 -8.43 15.40 35.96
C GLY A 513 -9.62 16.16 35.37
N VAL A 514 -10.20 15.65 34.30
CA VAL A 514 -11.37 16.29 33.65
C VAL A 514 -12.61 15.93 34.48
N GLU A 515 -12.70 14.70 34.98
CA GLU A 515 -13.83 14.30 35.87
C GLU A 515 -13.77 15.12 37.17
N LEU A 516 -12.58 15.36 37.71
CA LEU A 516 -12.45 16.23 38.91
C LEU A 516 -12.93 17.64 38.56
N GLY A 517 -12.47 18.19 37.43
CA GLY A 517 -12.86 19.54 36.98
C GLY A 517 -14.37 19.75 37.10
N LYS A 518 -15.16 18.76 36.70
CA LYS A 518 -16.64 18.88 36.67
C LYS A 518 -17.22 18.90 38.08
N GLN A 519 -16.43 18.77 39.13
CA GLN A 519 -16.99 18.80 40.51
C GLN A 519 -16.34 19.93 41.32
N LEU A 520 -15.41 20.67 40.75
CA LEU A 520 -14.62 21.69 41.50
C LEU A 520 -15.46 22.94 41.85
N ALA A 521 -16.25 23.44 40.89
CA ALA A 521 -16.92 24.75 40.99
C ALA A 521 -18.06 24.70 42.03
N LYS A 522 -18.62 23.53 42.32
CA LYS A 522 -19.89 23.43 43.10
C LYS A 522 -19.65 23.97 44.53
N LYS A 523 -18.45 23.84 45.06
CA LYS A 523 -18.14 24.31 46.43
C LYS A 523 -18.12 25.84 46.45
N ILE A 524 -17.70 26.50 45.36
CA ILE A 524 -17.49 27.98 45.36
C ILE A 524 -18.72 28.74 44.83
N GLU A 525 -19.44 28.17 43.90
CA GLU A 525 -20.60 28.85 43.25
C GLU A 525 -21.52 29.49 44.29
N PRO A 526 -22.00 28.78 45.36
CA PRO A 526 -22.92 29.42 46.30
C PRO A 526 -22.30 30.54 47.14
N GLU A 527 -20.98 30.48 47.38
CA GLU A 527 -20.23 31.52 48.13
C GLU A 527 -20.16 32.85 47.35
N LEU A 528 -20.40 32.86 46.03
CA LEU A 528 -20.29 34.11 45.22
C LEU A 528 -21.52 34.99 45.42
N ASP A 529 -22.66 34.41 45.79
CA ASP A 529 -23.90 35.20 46.09
C ASP A 529 -23.65 36.09 47.32
N GLY A 530 -24.16 37.31 47.29
CA GLY A 530 -24.12 38.22 48.45
C GLY A 530 -22.82 38.98 48.53
N SER A 531 -22.77 39.92 49.47
CA SER A 531 -21.68 40.92 49.64
C SER A 531 -20.62 40.40 50.62
N ALA A 532 -21.00 39.40 51.41
CA ALA A 532 -20.21 38.91 52.57
C ALA A 532 -18.89 38.34 52.08
N GLN A 533 -17.80 38.77 52.70
CA GLN A 533 -16.44 38.31 52.37
C GLN A 533 -16.27 36.84 52.75
N VAL A 534 -15.45 36.11 51.99
CA VAL A 534 -15.31 34.64 52.11
C VAL A 534 -14.00 34.35 52.82
N THR A 535 -14.01 33.36 53.74
CA THR A 535 -12.84 32.98 54.59
C THR A 535 -12.66 31.44 54.59
N SER A 536 -13.48 30.67 53.87
CA SER A 536 -13.53 29.19 53.94
C SER A 536 -12.43 28.51 53.10
N HIS A 537 -11.60 29.24 52.34
CA HIS A 537 -10.55 28.66 51.45
C HIS A 537 -9.19 29.20 51.87
N ASP A 538 -8.14 28.79 51.16
CA ASP A 538 -6.79 29.40 51.26
C ASP A 538 -6.90 30.92 51.02
N ALA A 539 -5.84 31.64 51.37
CA ALA A 539 -5.80 33.12 51.40
C ALA A 539 -6.02 33.68 49.99
N SER A 540 -5.54 32.98 48.96
CA SER A 540 -5.58 33.48 47.55
C SER A 540 -7.01 33.33 47.04
N THR A 541 -7.56 32.13 47.10
CA THR A 541 -8.97 31.89 46.72
C THR A 541 -9.89 32.92 47.41
N ASN A 542 -9.74 33.09 48.73
CA ASN A 542 -10.50 34.09 49.54
C ASN A 542 -10.27 35.51 49.00
N GLY A 543 -9.01 35.90 48.78
CA GLY A 543 -8.71 37.25 48.29
C GLY A 543 -9.36 37.49 46.93
N LEU A 544 -9.28 36.50 46.03
CA LEU A 544 -9.82 36.67 44.66
C LEU A 544 -11.35 36.81 44.76
N ILE A 545 -11.99 35.99 45.57
CA ILE A 545 -13.47 36.08 45.73
C ILE A 545 -13.82 37.49 46.25
N ASN A 546 -13.04 38.01 47.21
CA ASN A 546 -13.41 39.28 47.89
C ASN A 546 -13.19 40.44 46.92
N PHE A 547 -12.17 40.35 46.07
CA PHE A 547 -11.98 41.32 44.96
C PHE A 547 -13.13 41.28 43.96
N ILE A 548 -13.59 40.10 43.59
CA ILE A 548 -14.75 39.92 42.68
C ILE A 548 -15.97 40.59 43.32
N LYS A 549 -16.22 40.36 44.60
CA LYS A 549 -17.40 40.94 45.28
C LYS A 549 -17.26 42.47 45.34
N GLN A 550 -16.06 42.96 45.54
CA GLN A 550 -15.80 44.41 45.60
C GLN A 550 -16.06 45.00 44.22
N GLN A 551 -15.53 44.41 43.15
CA GLN A 551 -15.53 45.06 41.81
C GLN A 551 -16.86 44.84 41.10
N ARG A 552 -17.73 44.01 41.66
CA ARG A 552 -18.96 43.49 41.01
C ARG A 552 -19.88 44.64 40.58
N GLU A 553 -19.92 45.73 41.35
CA GLU A 553 -20.79 46.90 41.05
C GLU A 553 -19.96 48.18 40.97
N ALA A 554 -18.67 48.10 40.67
CA ALA A 554 -17.85 49.26 40.25
C ALA A 554 -18.45 49.77 38.93
N ARG A 555 -18.52 51.09 38.75
CA ARG A 555 -18.92 51.67 37.45
C ARG A 555 -17.65 52.17 36.75
N VAL A 556 -17.43 51.79 35.48
CA VAL A 556 -16.18 52.16 34.74
C VAL A 556 -16.54 53.14 33.62
N ALA B 1 2.35 0.41 -37.82
CA ALA B 1 1.62 0.05 -36.57
C ALA B 1 1.81 1.14 -35.51
N ALA B 2 0.78 1.41 -34.70
CA ALA B 2 0.78 2.54 -33.74
C ALA B 2 2.08 2.50 -32.94
N LEU B 3 2.51 1.33 -32.50
CA LEU B 3 3.62 1.24 -31.53
C LEU B 3 4.94 1.71 -32.16
N THR B 4 5.27 1.25 -33.35
CA THR B 4 6.57 1.55 -34.01
C THR B 4 6.68 3.06 -34.30
N ARG B 5 5.56 3.73 -34.54
CA ARG B 5 5.47 5.19 -34.78
C ARG B 5 5.55 5.97 -33.46
N ASP B 6 5.38 5.32 -32.30
CA ASP B 6 5.31 6.02 -31.00
C ASP B 6 6.70 6.55 -30.62
N PRO B 7 6.85 7.86 -30.31
CA PRO B 7 8.16 8.43 -30.03
C PRO B 7 8.82 7.90 -28.75
N GLN B 8 8.02 7.52 -27.74
CA GLN B 8 8.57 6.91 -26.49
C GLN B 8 9.13 5.52 -26.82
N PHE B 9 8.43 4.75 -27.64
CA PHE B 9 8.94 3.45 -28.11
C PHE B 9 10.26 3.65 -28.87
N GLN B 10 10.31 4.59 -29.81
CA GLN B 10 11.55 4.86 -30.60
C GLN B 10 12.64 5.29 -29.63
N LYS B 11 12.29 6.15 -28.67
CA LYS B 11 13.26 6.60 -27.66
C LYS B 11 13.78 5.37 -26.90
N LEU B 12 12.88 4.44 -26.52
CA LEU B 12 13.27 3.19 -25.80
C LEU B 12 14.20 2.35 -26.67
N GLN B 13 13.84 2.16 -27.94
CA GLN B 13 14.68 1.37 -28.87
C GLN B 13 16.07 2.03 -29.03
N GLN B 14 16.12 3.35 -29.20
CA GLN B 14 17.41 4.11 -29.30
C GLN B 14 18.25 3.89 -28.04
N TRP B 15 17.66 4.04 -26.85
CA TRP B 15 18.39 3.80 -25.58
C TRP B 15 18.98 2.39 -25.57
N TYR B 16 18.17 1.38 -25.89
CA TYR B 16 18.59 -0.04 -25.93
C TYR B 16 19.78 -0.22 -26.86
N ARG B 17 19.72 0.34 -28.08
CA ARG B 17 20.83 0.27 -29.08
C ARG B 17 22.11 0.84 -28.47
N GLU B 18 22.03 2.00 -27.80
CA GLU B 18 23.23 2.71 -27.28
C GLU B 18 23.80 1.99 -26.06
N HIS B 19 22.97 1.66 -25.07
CA HIS B 19 23.45 1.30 -23.70
C HIS B 19 23.23 -0.18 -23.36
N ARG B 20 22.71 -0.98 -24.28
CA ARG B 20 22.44 -2.42 -24.04
C ARG B 20 23.62 -3.05 -23.28
N SER B 21 24.86 -2.81 -23.72
CA SER B 21 26.09 -3.54 -23.26
C SER B 21 26.46 -3.13 -21.83
N GLU B 22 25.87 -2.06 -21.30
CA GLU B 22 26.15 -1.56 -19.94
C GLU B 22 25.19 -2.23 -18.94
N LEU B 23 24.28 -3.08 -19.41
CA LEU B 23 23.28 -3.74 -18.53
C LEU B 23 23.89 -5.05 -18.05
N ASN B 24 24.57 -4.99 -16.93
CA ASN B 24 25.11 -6.19 -16.26
C ASN B 24 24.55 -6.20 -14.82
N LEU B 25 23.77 -7.21 -14.44
CA LEU B 25 23.12 -7.25 -13.10
C LEU B 25 24.18 -7.27 -12.00
N ARG B 26 25.25 -8.02 -12.18
CA ARG B 26 26.34 -8.12 -11.18
C ARG B 26 26.84 -6.69 -10.86
N ARG B 27 27.18 -5.91 -11.88
CA ARG B 27 27.69 -4.52 -11.68
C ARG B 27 26.58 -3.63 -11.14
N LEU B 28 25.35 -3.77 -11.63
CA LEU B 28 24.23 -2.91 -11.20
C LEU B 28 24.02 -3.06 -9.69
N PHE B 29 24.09 -4.28 -9.17
CA PHE B 29 23.89 -4.58 -7.73
C PHE B 29 25.09 -4.11 -6.93
N ASP B 30 26.32 -4.26 -7.46
CA ASP B 30 27.57 -3.84 -6.76
C ASP B 30 27.60 -2.32 -6.62
N ALA B 31 27.09 -1.58 -7.62
CA ALA B 31 27.07 -0.09 -7.62
C ALA B 31 25.92 0.44 -6.75
N ASN B 32 24.89 -0.35 -6.45
CA ASN B 32 23.65 0.17 -5.81
C ASN B 32 23.12 -0.82 -4.77
N LYS B 33 23.55 -0.67 -3.52
CA LYS B 33 23.09 -1.51 -2.39
C LYS B 33 21.59 -1.27 -2.13
N ASP B 34 20.98 -0.25 -2.76
CA ASP B 34 19.55 0.13 -2.60
C ASP B 34 18.70 -0.38 -3.78
N ARG B 35 19.29 -1.18 -4.66
CA ARG B 35 18.60 -1.62 -5.90
C ARG B 35 17.25 -2.31 -5.57
N PHE B 36 17.21 -3.14 -4.55
CA PHE B 36 15.98 -3.85 -4.14
C PHE B 36 14.88 -2.86 -3.80
N ASN B 37 15.21 -1.91 -2.91
CA ASN B 37 14.25 -0.87 -2.46
C ASN B 37 13.77 -0.09 -3.69
N HIS B 38 14.65 0.26 -4.65
CA HIS B 38 14.25 1.08 -5.82
C HIS B 38 13.35 0.30 -6.80
N PHE B 39 13.52 -1.02 -6.91
CA PHE B 39 12.88 -1.82 -7.98
C PHE B 39 12.07 -2.97 -7.36
N SER B 40 11.27 -2.68 -6.33
CA SER B 40 10.35 -3.68 -5.73
C SER B 40 9.07 -2.97 -5.27
N LEU B 41 7.96 -3.69 -5.28
CA LEU B 41 6.68 -3.19 -4.76
C LEU B 41 6.33 -4.10 -3.59
N THR B 42 5.78 -3.54 -2.51
CA THR B 42 5.11 -4.34 -1.48
C THR B 42 3.66 -3.90 -1.40
N LEU B 43 2.75 -4.82 -1.64
CA LEU B 43 1.29 -4.58 -1.60
C LEU B 43 0.73 -5.20 -0.31
N ASN B 44 0.01 -4.41 0.49
CA ASN B 44 -0.71 -4.95 1.67
C ASN B 44 -2.19 -5.00 1.32
N THR B 45 -2.71 -6.20 1.17
CA THR B 45 -4.12 -6.44 0.77
C THR B 45 -5.06 -6.47 1.98
N ASN B 46 -4.48 -6.40 3.19
CA ASN B 46 -5.16 -6.62 4.51
C ASN B 46 -5.46 -8.10 4.70
N HIS B 47 -5.22 -8.95 3.72
CA HIS B 47 -5.37 -10.43 3.84
C HIS B 47 -4.09 -11.12 3.36
N GLY B 48 -2.95 -10.48 3.63
CA GLY B 48 -1.66 -10.94 3.11
C GLY B 48 -0.96 -9.86 2.32
N HIS B 49 0.37 -9.91 2.30
CA HIS B 49 1.24 -9.03 1.52
C HIS B 49 1.70 -9.76 0.26
N ILE B 50 1.91 -9.01 -0.81
CA ILE B 50 2.56 -9.44 -2.06
C ILE B 50 3.80 -8.56 -2.23
N LEU B 51 4.98 -9.19 -2.27
CA LEU B 51 6.24 -8.53 -2.71
C LEU B 51 6.50 -8.83 -4.19
N VAL B 52 6.52 -7.82 -5.03
CA VAL B 52 6.92 -7.97 -6.47
C VAL B 52 8.32 -7.38 -6.61
N ASP B 53 9.31 -8.26 -6.55
CA ASP B 53 10.73 -7.86 -6.60
C ASP B 53 11.19 -7.98 -8.06
N TYR B 54 11.28 -6.84 -8.73
CA TYR B 54 11.71 -6.79 -10.15
C TYR B 54 13.15 -6.27 -10.23
N SER B 55 13.94 -6.41 -9.17
CA SER B 55 15.28 -5.77 -9.14
C SER B 55 16.30 -6.60 -9.92
N LYS B 56 16.03 -7.89 -10.16
CA LYS B 56 16.96 -8.74 -10.94
C LYS B 56 16.59 -8.71 -12.43
N ASN B 57 16.10 -7.56 -12.90
CA ASN B 57 15.78 -7.30 -14.32
C ASN B 57 16.85 -6.37 -14.86
N LEU B 58 17.06 -6.42 -16.18
CA LEU B 58 18.10 -5.66 -16.92
C LEU B 58 17.58 -4.24 -17.14
N VAL B 59 17.35 -3.52 -16.05
CA VAL B 59 16.75 -2.16 -16.10
C VAL B 59 17.52 -1.24 -15.15
N THR B 60 17.43 0.04 -15.43
CA THR B 60 17.87 1.16 -14.54
C THR B 60 16.68 2.08 -14.36
N GLU B 61 16.84 3.11 -13.54
CA GLU B 61 15.76 4.11 -13.29
C GLU B 61 15.35 4.73 -14.63
N ASP B 62 16.31 5.10 -15.49
CA ASP B 62 16.01 5.71 -16.82
C ASP B 62 15.16 4.78 -17.69
N VAL B 63 15.48 3.49 -17.72
CA VAL B 63 14.66 2.49 -18.48
C VAL B 63 13.24 2.48 -17.92
N MET B 64 13.08 2.36 -16.61
CA MET B 64 11.72 2.24 -16.00
C MET B 64 10.89 3.50 -16.29
N ARG B 65 11.53 4.67 -16.24
CA ARG B 65 10.91 5.97 -16.55
C ARG B 65 10.42 5.98 -18.01
N MET B 66 11.28 5.56 -18.95
CA MET B 66 10.92 5.49 -20.39
C MET B 66 9.78 4.48 -20.58
N LEU B 67 9.84 3.34 -19.89
CA LEU B 67 8.77 2.32 -19.99
C LEU B 67 7.45 2.94 -19.55
N VAL B 68 7.45 3.64 -18.43
CA VAL B 68 6.21 4.26 -17.89
C VAL B 68 5.76 5.33 -18.89
N ASP B 69 6.70 6.11 -19.43
CA ASP B 69 6.34 7.14 -20.43
C ASP B 69 5.71 6.47 -21.66
N LEU B 70 6.17 5.27 -22.03
CA LEU B 70 5.55 4.51 -23.14
C LEU B 70 4.09 4.18 -22.79
N ALA B 71 3.85 3.70 -21.57
CA ALA B 71 2.48 3.30 -21.19
C ALA B 71 1.55 4.52 -21.24
N LYS B 72 2.04 5.67 -20.79
CA LYS B 72 1.27 6.96 -20.87
C LYS B 72 1.02 7.33 -22.32
N SER B 73 2.07 7.39 -23.12
CA SER B 73 2.01 7.68 -24.58
C SER B 73 1.01 6.75 -25.29
N ARG B 74 0.91 5.47 -24.88
CA ARG B 74 0.04 4.49 -25.60
C ARG B 74 -1.36 4.46 -25.00
N GLY B 75 -1.64 5.30 -24.01
CA GLY B 75 -3.02 5.51 -23.52
C GLY B 75 -3.51 4.35 -22.67
N VAL B 76 -2.62 3.78 -21.86
CA VAL B 76 -3.00 2.63 -20.99
C VAL B 76 -4.14 3.04 -20.04
N GLU B 77 -4.04 4.21 -19.42
CA GLU B 77 -5.03 4.64 -18.39
C GLU B 77 -6.41 4.85 -19.02
N ALA B 78 -6.47 5.52 -20.17
CA ALA B 78 -7.75 5.72 -20.89
C ALA B 78 -8.35 4.36 -21.28
N ALA B 79 -7.51 3.42 -21.73
CA ALA B 79 -8.00 2.07 -22.12
C ALA B 79 -8.56 1.34 -20.90
N ARG B 80 -7.86 1.41 -19.77
CA ARG B 80 -8.30 0.79 -18.50
C ARG B 80 -9.68 1.34 -18.13
N GLU B 81 -9.85 2.67 -18.21
CA GLU B 81 -11.16 3.29 -17.85
C GLU B 81 -12.24 2.76 -18.79
N ARG B 82 -11.95 2.62 -20.08
CA ARG B 82 -12.95 2.09 -21.05
C ARG B 82 -13.38 0.68 -20.62
N MET B 83 -12.43 -0.18 -20.21
CA MET B 83 -12.76 -1.56 -19.77
C MET B 83 -13.75 -1.47 -18.62
N PHE B 84 -13.39 -0.74 -17.57
CA PHE B 84 -14.16 -0.71 -16.31
C PHE B 84 -15.51 -0.01 -16.51
N ASN B 85 -15.64 0.88 -17.50
CA ASN B 85 -16.87 1.66 -17.73
C ASN B 85 -17.86 0.87 -18.59
N GLY B 86 -17.49 -0.33 -19.05
CA GLY B 86 -18.38 -1.19 -19.84
C GLY B 86 -18.44 -0.80 -21.31
N GLU B 87 -17.46 -0.06 -21.82
CA GLU B 87 -17.43 0.26 -23.26
C GLU B 87 -16.99 -1.00 -24.03
N LYS B 88 -17.35 -1.07 -25.32
CA LYS B 88 -17.21 -2.28 -26.17
C LYS B 88 -15.79 -2.29 -26.77
N ILE B 89 -14.78 -2.48 -25.91
CA ILE B 89 -13.34 -2.46 -26.29
C ILE B 89 -12.98 -3.77 -26.98
N ASN B 90 -13.86 -4.78 -26.98
CA ASN B 90 -13.69 -6.00 -27.82
C ASN B 90 -14.32 -5.64 -29.15
N TYR B 91 -13.59 -4.91 -29.99
CA TYR B 91 -14.21 -4.16 -31.10
C TYR B 91 -14.51 -5.07 -32.29
N THR B 92 -13.82 -6.22 -32.43
CA THR B 92 -14.04 -7.12 -33.57
C THR B 92 -15.35 -7.87 -33.34
N GLU B 93 -15.73 -8.13 -32.09
CA GLU B 93 -16.98 -8.86 -31.77
C GLU B 93 -18.06 -7.87 -31.34
N GLY B 94 -17.72 -6.61 -31.14
CA GLY B 94 -18.63 -5.56 -30.65
C GLY B 94 -19.11 -5.85 -29.24
N ARG B 95 -18.20 -6.18 -28.33
CA ARG B 95 -18.61 -6.66 -26.99
C ARG B 95 -17.88 -5.85 -25.94
N ALA B 96 -18.51 -5.70 -24.77
CA ALA B 96 -17.81 -5.20 -23.58
C ALA B 96 -16.88 -6.32 -23.10
N VAL B 97 -15.97 -5.96 -22.22
CA VAL B 97 -14.98 -6.89 -21.58
C VAL B 97 -15.07 -6.64 -20.08
N LEU B 98 -15.82 -7.49 -19.38
CA LEU B 98 -16.23 -7.15 -17.99
C LEU B 98 -16.09 -8.36 -17.05
N HIS B 99 -14.98 -9.08 -17.13
CA HIS B 99 -14.63 -10.03 -16.05
C HIS B 99 -14.56 -9.23 -14.74
N VAL B 100 -14.16 -7.96 -14.77
CA VAL B 100 -14.07 -7.12 -13.54
C VAL B 100 -15.46 -6.95 -12.91
N ALA B 101 -16.55 -6.95 -13.71
CA ALA B 101 -17.91 -6.86 -13.13
C ALA B 101 -18.23 -8.13 -12.34
N LEU B 102 -17.74 -9.29 -12.78
CA LEU B 102 -18.05 -10.59 -12.11
C LEU B 102 -17.63 -10.55 -10.64
N ARG B 103 -16.57 -9.80 -10.31
CA ARG B 103 -15.97 -9.82 -8.97
C ARG B 103 -16.10 -8.43 -8.35
N ASN B 104 -17.05 -7.63 -8.82
CA ASN B 104 -17.23 -6.22 -8.39
C ASN B 104 -17.96 -6.23 -7.03
N ARG B 105 -17.25 -6.57 -5.96
CA ARG B 105 -17.87 -6.78 -4.62
C ARG B 105 -18.44 -5.45 -4.09
N SER B 106 -17.98 -4.29 -4.57
CA SER B 106 -18.51 -2.94 -4.22
C SER B 106 -19.92 -2.72 -4.80
N ASN B 107 -20.27 -3.41 -5.88
CA ASN B 107 -21.58 -3.29 -6.59
C ASN B 107 -21.76 -1.88 -7.14
N THR B 108 -20.70 -1.11 -7.30
CA THR B 108 -20.70 0.11 -8.16
C THR B 108 -21.32 -0.25 -9.50
N PRO B 109 -22.32 0.52 -9.99
CA PRO B 109 -22.95 0.20 -11.27
C PRO B 109 -21.95 0.19 -12.42
N ILE B 110 -22.08 -0.80 -13.28
CA ILE B 110 -21.31 -0.93 -14.55
C ILE B 110 -22.36 -1.11 -15.64
N LEU B 111 -22.48 -0.13 -16.54
CA LEU B 111 -23.59 -0.07 -17.51
C LEU B 111 -23.09 -0.66 -18.83
N VAL B 112 -23.84 -1.61 -19.36
CA VAL B 112 -23.71 -2.11 -20.75
C VAL B 112 -25.00 -1.72 -21.46
N ASP B 113 -24.89 -1.01 -22.58
CA ASP B 113 -26.06 -0.53 -23.36
C ASP B 113 -27.03 0.19 -22.41
N GLY B 114 -26.48 0.93 -21.44
CA GLY B 114 -27.18 1.80 -20.48
C GLY B 114 -27.89 1.06 -19.38
N LYS B 115 -27.66 -0.25 -19.19
CA LYS B 115 -28.30 -1.01 -18.10
C LYS B 115 -27.22 -1.66 -17.21
N ASP B 116 -27.37 -1.52 -15.90
CA ASP B 116 -26.40 -2.03 -14.90
C ASP B 116 -26.35 -3.56 -14.99
N VAL B 117 -25.16 -4.14 -15.10
CA VAL B 117 -25.00 -5.63 -15.20
C VAL B 117 -24.99 -6.24 -13.79
N MET B 118 -24.77 -5.43 -12.75
CA MET B 118 -24.51 -5.97 -11.40
C MET B 118 -25.71 -6.72 -10.83
N PRO B 119 -26.99 -6.28 -11.01
CA PRO B 119 -28.13 -7.11 -10.58
C PRO B 119 -28.13 -8.53 -11.19
N GLU B 120 -27.81 -8.67 -12.47
CA GLU B 120 -27.71 -10.00 -13.14
C GLU B 120 -26.53 -10.80 -12.56
N VAL B 121 -25.35 -10.18 -12.42
CA VAL B 121 -24.17 -10.87 -11.84
C VAL B 121 -24.54 -11.44 -10.46
N ASN B 122 -25.17 -10.63 -9.61
CA ASN B 122 -25.49 -11.00 -8.20
C ASN B 122 -26.62 -12.03 -8.15
N LYS B 123 -27.56 -11.98 -9.08
CA LYS B 123 -28.62 -12.99 -9.15
C LYS B 123 -28.01 -14.38 -9.41
N VAL B 124 -27.03 -14.47 -10.31
CA VAL B 124 -26.42 -15.79 -10.62
C VAL B 124 -25.59 -16.23 -9.41
N LEU B 125 -24.86 -15.31 -8.79
CA LEU B 125 -24.04 -15.63 -7.60
C LEU B 125 -24.95 -16.15 -6.47
N ASP B 126 -26.13 -15.55 -6.29
CA ASP B 126 -27.09 -16.03 -5.27
C ASP B 126 -27.53 -17.46 -5.61
N LYS B 127 -27.80 -17.73 -6.88
CA LYS B 127 -28.22 -19.08 -7.34
C LYS B 127 -27.08 -20.08 -7.10
N MET B 128 -25.85 -19.71 -7.46
CA MET B 128 -24.68 -20.60 -7.23
C MET B 128 -24.57 -20.90 -5.73
N LYS B 129 -24.70 -19.87 -4.88
CA LYS B 129 -24.54 -20.03 -3.41
C LYS B 129 -25.60 -21.01 -2.88
N SER B 130 -26.84 -20.88 -3.35
CA SER B 130 -27.94 -21.75 -2.91
C SER B 130 -27.68 -23.19 -3.38
N PHE B 131 -27.26 -23.36 -4.63
CA PHE B 131 -27.02 -24.72 -5.17
C PHE B 131 -25.88 -25.39 -4.39
N CYS B 132 -24.78 -24.68 -4.16
CA CYS B 132 -23.60 -25.21 -3.43
C CYS B 132 -24.01 -25.67 -2.02
N GLN B 133 -24.85 -24.91 -1.32
CA GLN B 133 -25.27 -25.28 0.06
C GLN B 133 -26.05 -26.60 -0.01
N ARG B 134 -26.97 -26.73 -0.96
CA ARG B 134 -27.84 -27.91 -1.15
C ARG B 134 -26.98 -29.14 -1.49
N VAL B 135 -26.03 -28.99 -2.42
CA VAL B 135 -25.21 -30.17 -2.81
C VAL B 135 -24.33 -30.57 -1.61
N ARG B 136 -23.68 -29.60 -0.97
CA ARG B 136 -22.60 -29.87 0.03
C ARG B 136 -23.23 -30.33 1.35
N SER B 137 -24.43 -29.83 1.67
CA SER B 137 -25.19 -30.26 2.87
C SER B 137 -25.76 -31.68 2.71
N GLY B 138 -25.96 -32.15 1.49
CA GLY B 138 -26.60 -33.46 1.23
C GLY B 138 -28.10 -33.32 1.00
N ASP B 139 -28.63 -32.10 0.97
CA ASP B 139 -30.07 -31.85 0.64
C ASP B 139 -30.36 -32.26 -0.80
N TRP B 140 -29.48 -31.91 -1.74
CA TRP B 140 -29.60 -32.31 -3.16
C TRP B 140 -29.22 -33.78 -3.27
N LYS B 141 -30.17 -34.63 -3.66
CA LYS B 141 -29.97 -36.09 -3.75
C LYS B 141 -30.00 -36.50 -5.22
N GLY B 142 -29.27 -37.56 -5.54
CA GLY B 142 -29.37 -38.25 -6.84
C GLY B 142 -30.68 -39.03 -6.94
N TYR B 143 -30.83 -39.79 -8.01
CA TYR B 143 -32.12 -40.41 -8.43
C TYR B 143 -32.44 -41.60 -7.52
N THR B 144 -31.49 -42.14 -6.75
CA THR B 144 -31.76 -43.21 -5.75
C THR B 144 -31.68 -42.65 -4.33
N GLY B 145 -31.68 -41.32 -4.17
CA GLY B 145 -31.70 -40.65 -2.85
C GLY B 145 -30.32 -40.49 -2.22
N LYS B 146 -29.22 -40.69 -2.96
CA LYS B 146 -27.85 -40.59 -2.36
C LYS B 146 -27.32 -39.18 -2.52
N THR B 147 -26.48 -38.77 -1.60
CA THR B 147 -25.78 -37.46 -1.66
C THR B 147 -24.69 -37.52 -2.72
N ILE B 148 -24.38 -36.36 -3.30
CA ILE B 148 -23.42 -36.24 -4.43
C ILE B 148 -22.02 -36.38 -3.84
N THR B 149 -21.22 -37.31 -4.35
CA THR B 149 -19.83 -37.51 -3.87
C THR B 149 -18.83 -36.98 -4.90
N ASP B 150 -19.26 -36.80 -6.14
CA ASP B 150 -18.37 -36.51 -7.30
C ASP B 150 -19.06 -35.52 -8.22
N VAL B 151 -18.34 -34.46 -8.57
CA VAL B 151 -18.81 -33.41 -9.50
C VAL B 151 -17.89 -33.46 -10.71
N ILE B 152 -18.47 -33.54 -11.89
CA ILE B 152 -17.70 -33.69 -13.15
C ILE B 152 -17.97 -32.47 -14.03
N ASN B 153 -16.95 -31.64 -14.19
CA ASN B 153 -17.02 -30.49 -15.12
C ASN B 153 -16.73 -31.04 -16.51
N ILE B 154 -17.63 -30.83 -17.45
CA ILE B 154 -17.44 -31.16 -18.89
C ILE B 154 -17.37 -29.84 -19.65
N GLY B 155 -16.19 -29.52 -20.17
CA GLY B 155 -15.95 -28.29 -20.90
C GLY B 155 -14.52 -28.27 -21.37
N ILE B 156 -14.19 -27.36 -22.25
CA ILE B 156 -12.83 -27.30 -22.84
C ILE B 156 -12.37 -25.85 -22.86
N GLY B 157 -11.07 -25.65 -22.83
CA GLY B 157 -10.46 -24.32 -22.91
C GLY B 157 -10.87 -23.46 -21.73
N GLY B 158 -11.49 -22.30 -22.02
CA GLY B 158 -11.92 -21.35 -20.98
C GLY B 158 -12.99 -21.93 -20.09
N SER B 159 -13.70 -22.96 -20.55
CA SER B 159 -14.73 -23.64 -19.73
C SER B 159 -14.12 -24.82 -18.97
N ASP B 160 -12.79 -24.93 -18.88
CA ASP B 160 -12.10 -26.08 -18.25
C ASP B 160 -10.98 -25.60 -17.34
N LEU B 161 -9.99 -24.92 -17.93
CA LEU B 161 -8.65 -24.80 -17.31
C LEU B 161 -8.69 -23.90 -16.06
N GLY B 162 -9.51 -22.84 -16.06
CA GLY B 162 -9.61 -21.94 -14.90
C GLY B 162 -10.11 -22.69 -13.67
N PRO B 163 -11.31 -23.30 -13.72
CA PRO B 163 -11.79 -24.11 -12.59
C PRO B 163 -10.86 -25.27 -12.18
N LEU B 164 -10.24 -25.91 -13.15
CA LEU B 164 -9.27 -27.00 -12.87
C LEU B 164 -8.09 -26.39 -12.11
N MET B 165 -7.48 -25.33 -12.63
CA MET B 165 -6.28 -24.72 -11.99
C MET B 165 -6.60 -24.26 -10.57
N VAL B 166 -7.78 -23.69 -10.34
CA VAL B 166 -8.12 -23.08 -9.04
C VAL B 166 -8.44 -24.19 -8.02
N THR B 167 -9.16 -25.23 -8.41
CA THR B 167 -9.48 -26.35 -7.48
C THR B 167 -8.19 -27.10 -7.14
N GLU B 168 -7.24 -27.20 -8.07
CA GLU B 168 -5.92 -27.79 -7.79
C GLU B 168 -5.20 -26.92 -6.75
N ALA B 169 -5.22 -25.60 -6.93
CA ALA B 169 -4.48 -24.64 -6.08
C ALA B 169 -5.10 -24.58 -4.68
N LEU B 170 -6.43 -24.76 -4.58
CA LEU B 170 -7.16 -24.58 -3.30
C LEU B 170 -7.60 -25.93 -2.72
N LYS B 171 -6.90 -27.02 -3.06
CA LYS B 171 -7.27 -28.40 -2.62
C LYS B 171 -7.36 -28.46 -1.09
N PRO B 172 -6.49 -27.80 -0.28
CA PRO B 172 -6.65 -27.85 1.17
C PRO B 172 -7.97 -27.28 1.70
N TYR B 173 -8.71 -26.49 0.92
CA TYR B 173 -9.97 -25.84 1.35
C TYR B 173 -11.18 -26.71 0.99
N SER B 174 -10.98 -27.94 0.56
CA SER B 174 -12.06 -28.79 -0.02
C SER B 174 -12.59 -29.87 0.95
N SER B 175 -12.24 -29.82 2.24
CA SER B 175 -12.85 -30.67 3.30
C SER B 175 -14.36 -30.48 3.29
N GLY B 176 -15.10 -31.59 3.27
CA GLY B 176 -16.57 -31.54 3.24
C GLY B 176 -17.12 -31.29 1.84
N GLY B 177 -16.26 -31.13 0.83
CA GLY B 177 -16.71 -30.87 -0.56
C GLY B 177 -16.74 -32.17 -1.35
N PRO B 178 -17.57 -32.31 -2.38
CA PRO B 178 -17.45 -33.46 -3.28
C PRO B 178 -16.11 -33.40 -4.02
N ARG B 179 -15.65 -34.54 -4.51
CA ARG B 179 -14.51 -34.65 -5.45
C ARG B 179 -14.89 -33.95 -6.75
N VAL B 180 -13.93 -33.29 -7.38
CA VAL B 180 -14.14 -32.65 -8.72
C VAL B 180 -13.29 -33.40 -9.75
N TRP B 181 -13.90 -33.61 -10.91
CA TRP B 181 -13.24 -34.15 -12.11
C TRP B 181 -13.40 -33.17 -13.26
N TYR B 182 -12.39 -33.08 -14.12
CA TYR B 182 -12.41 -32.22 -15.34
C TYR B 182 -12.24 -33.11 -16.57
N VAL B 183 -13.29 -33.19 -17.37
CA VAL B 183 -13.32 -33.92 -18.66
C VAL B 183 -13.37 -32.84 -19.75
N SER B 184 -12.36 -32.79 -20.60
CA SER B 184 -12.23 -31.70 -21.60
C SER B 184 -12.00 -32.26 -23.00
N ASN B 185 -11.01 -33.13 -23.15
CA ASN B 185 -10.56 -33.66 -24.46
C ASN B 185 -11.72 -34.38 -25.13
N ILE B 186 -11.87 -34.22 -26.43
CA ILE B 186 -12.76 -35.13 -27.23
C ILE B 186 -12.20 -36.56 -27.17
N ASP B 187 -10.88 -36.73 -27.07
CA ASP B 187 -10.25 -38.06 -26.97
C ASP B 187 -11.03 -38.90 -25.94
N GLY B 188 -11.63 -39.99 -26.40
CA GLY B 188 -12.60 -40.78 -25.61
C GLY B 188 -11.96 -41.35 -24.36
N THR B 189 -10.62 -41.43 -24.31
CA THR B 189 -9.88 -41.77 -23.08
C THR B 189 -10.37 -40.89 -21.93
N HIS B 190 -10.61 -39.60 -22.16
CA HIS B 190 -10.81 -38.66 -21.03
C HIS B 190 -12.14 -38.99 -20.34
N ILE B 191 -13.25 -38.99 -21.07
CA ILE B 191 -14.56 -39.32 -20.44
C ILE B 191 -14.53 -40.81 -20.01
N ALA B 192 -13.92 -41.71 -20.77
CA ALA B 192 -14.08 -43.17 -20.55
C ALA B 192 -13.39 -43.52 -19.24
N LYS B 193 -12.18 -43.03 -19.00
CA LYS B 193 -11.47 -43.44 -17.77
C LYS B 193 -12.06 -42.69 -16.57
N THR B 194 -12.75 -41.56 -16.79
CA THR B 194 -13.43 -40.82 -15.70
C THR B 194 -14.67 -41.61 -15.30
N LEU B 195 -15.52 -41.97 -16.26
CA LEU B 195 -16.82 -42.65 -15.98
C LEU B 195 -16.54 -44.02 -15.34
N ALA B 196 -15.45 -44.68 -15.71
CA ALA B 196 -15.09 -46.02 -15.15
C ALA B 196 -14.95 -45.95 -13.62
N GLN B 197 -14.72 -44.77 -13.05
CA GLN B 197 -14.43 -44.61 -11.60
C GLN B 197 -15.65 -44.04 -10.86
N LEU B 198 -16.77 -43.82 -11.54
CA LEU B 198 -17.90 -43.09 -10.94
C LEU B 198 -19.08 -44.04 -10.74
N ASN B 199 -19.95 -43.69 -9.79
CA ASN B 199 -21.27 -44.32 -9.54
C ASN B 199 -22.30 -43.32 -10.04
N PRO B 200 -23.15 -43.67 -11.03
CA PRO B 200 -24.12 -42.73 -11.58
C PRO B 200 -25.05 -42.14 -10.51
N GLU B 201 -25.29 -42.90 -9.43
CA GLU B 201 -26.27 -42.53 -8.37
C GLU B 201 -25.76 -41.31 -7.58
N SER B 202 -24.44 -41.09 -7.51
CA SER B 202 -23.85 -40.02 -6.69
C SER B 202 -22.95 -39.08 -7.51
N SER B 203 -23.13 -39.05 -8.83
CA SER B 203 -22.33 -38.18 -9.73
C SER B 203 -23.19 -37.01 -10.21
N LEU B 204 -22.68 -35.79 -10.08
CA LEU B 204 -23.29 -34.60 -10.72
C LEU B 204 -22.43 -34.10 -11.89
N PHE B 205 -23.04 -33.95 -13.06
CA PHE B 205 -22.36 -33.47 -14.28
C PHE B 205 -22.68 -31.99 -14.49
N ILE B 206 -21.63 -31.23 -14.72
CA ILE B 206 -21.72 -29.78 -15.00
C ILE B 206 -21.30 -29.60 -16.45
N ILE B 207 -22.24 -29.19 -17.30
CA ILE B 207 -21.94 -28.96 -18.75
C ILE B 207 -21.60 -27.48 -18.91
N ALA B 208 -20.31 -27.20 -19.08
CA ALA B 208 -19.75 -25.84 -19.07
C ALA B 208 -19.46 -25.45 -20.51
N SER B 209 -20.31 -24.60 -21.09
CA SER B 209 -20.16 -24.12 -22.48
C SER B 209 -20.88 -22.78 -22.66
N LYS B 210 -20.10 -21.71 -22.86
CA LYS B 210 -20.61 -20.37 -23.21
C LYS B 210 -21.64 -20.48 -24.35
N THR B 211 -21.28 -21.11 -25.47
CA THR B 211 -22.12 -21.19 -26.70
C THR B 211 -23.08 -22.36 -26.60
N PHE B 212 -22.70 -23.39 -25.86
CA PHE B 212 -23.38 -24.70 -25.79
C PHE B 212 -23.40 -25.36 -27.18
N THR B 213 -22.43 -25.07 -28.04
CA THR B 213 -22.32 -25.73 -29.38
C THR B 213 -20.96 -26.42 -29.57
N THR B 214 -19.96 -26.19 -28.73
CA THR B 214 -18.59 -26.74 -28.91
C THR B 214 -18.66 -28.28 -29.07
N GLN B 215 -18.09 -28.79 -30.16
CA GLN B 215 -18.20 -30.22 -30.54
C GLN B 215 -17.64 -31.13 -29.42
N GLU B 216 -16.47 -30.80 -28.87
CA GLU B 216 -15.86 -31.62 -27.80
C GLU B 216 -16.83 -31.73 -26.63
N THR B 217 -17.38 -30.60 -26.18
CA THR B 217 -18.14 -30.52 -24.92
C THR B 217 -19.49 -31.20 -25.12
N ILE B 218 -20.15 -30.93 -26.23
CA ILE B 218 -21.50 -31.50 -26.46
C ILE B 218 -21.38 -33.00 -26.68
N THR B 219 -20.35 -33.46 -27.37
CA THR B 219 -20.12 -34.91 -27.57
C THR B 219 -19.83 -35.58 -26.21
N ASN B 220 -18.99 -34.97 -25.38
CA ASN B 220 -18.67 -35.51 -24.04
C ASN B 220 -19.96 -35.55 -23.21
N ALA B 221 -20.76 -34.49 -23.29
CA ALA B 221 -22.01 -34.34 -22.51
C ALA B 221 -22.98 -35.45 -22.93
N GLU B 222 -23.13 -35.72 -24.24
CA GLU B 222 -24.04 -36.77 -24.75
C GLU B 222 -23.55 -38.15 -24.35
N THR B 223 -22.24 -38.38 -24.40
CA THR B 223 -21.66 -39.64 -23.91
C THR B 223 -21.99 -39.84 -22.42
N ALA B 224 -21.77 -38.82 -21.58
CA ALA B 224 -22.05 -38.84 -20.13
C ALA B 224 -23.55 -39.09 -19.89
N LYS B 225 -24.43 -38.43 -20.63
CA LYS B 225 -25.89 -38.61 -20.47
C LYS B 225 -26.28 -40.04 -20.89
N GLU B 226 -25.67 -40.56 -21.96
CA GLU B 226 -25.99 -41.94 -22.41
C GLU B 226 -25.55 -42.94 -21.32
N TRP B 227 -24.35 -42.77 -20.77
CA TRP B 227 -23.84 -43.64 -19.66
C TRP B 227 -24.77 -43.55 -18.45
N PHE B 228 -25.18 -42.35 -18.07
CA PHE B 228 -26.07 -42.10 -16.91
C PHE B 228 -27.41 -42.78 -17.16
N LEU B 229 -28.00 -42.60 -18.34
CA LEU B 229 -29.38 -43.10 -18.63
C LEU B 229 -29.31 -44.61 -18.78
N GLN B 230 -28.16 -45.17 -19.15
CA GLN B 230 -27.98 -46.64 -19.18
C GLN B 230 -28.18 -47.21 -17.76
N ALA B 231 -27.76 -46.49 -16.73
CA ALA B 231 -27.97 -46.91 -15.33
C ALA B 231 -29.37 -46.49 -14.85
N ALA B 232 -29.78 -45.23 -15.07
CA ALA B 232 -30.98 -44.63 -14.42
C ALA B 232 -32.27 -44.99 -15.17
N LYS B 233 -32.17 -45.17 -16.49
CA LYS B 233 -33.28 -45.55 -17.42
C LYS B 233 -34.25 -44.38 -17.60
N ASP B 234 -34.58 -43.69 -16.52
CA ASP B 234 -35.67 -42.69 -16.49
C ASP B 234 -35.13 -41.32 -16.88
N PRO B 235 -35.58 -40.75 -18.03
CA PRO B 235 -35.18 -39.40 -18.42
C PRO B 235 -35.44 -38.33 -17.37
N SER B 236 -36.41 -38.57 -16.49
CA SER B 236 -36.72 -37.73 -15.30
C SER B 236 -35.47 -37.55 -14.41
N ALA B 237 -34.63 -38.58 -14.25
CA ALA B 237 -33.46 -38.58 -13.34
C ALA B 237 -32.40 -37.56 -13.79
N VAL B 238 -32.43 -37.12 -15.05
CA VAL B 238 -31.40 -36.22 -15.63
C VAL B 238 -31.43 -34.89 -14.87
N ALA B 239 -32.61 -34.39 -14.50
CA ALA B 239 -32.74 -33.11 -13.76
C ALA B 239 -32.02 -33.15 -12.41
N LYS B 240 -31.69 -34.33 -11.88
CA LYS B 240 -30.98 -34.47 -10.58
C LYS B 240 -29.48 -34.56 -10.78
N HIS B 241 -29.00 -34.77 -12.00
CA HIS B 241 -27.57 -35.13 -12.21
C HIS B 241 -26.88 -34.26 -13.26
N PHE B 242 -27.61 -33.38 -13.96
CA PHE B 242 -27.00 -32.52 -15.01
C PHE B 242 -27.45 -31.08 -14.78
N VAL B 243 -26.47 -30.17 -14.69
CA VAL B 243 -26.66 -28.70 -14.72
C VAL B 243 -25.80 -28.14 -15.85
N ALA B 244 -26.10 -26.90 -16.24
CA ALA B 244 -25.44 -26.24 -17.37
C ALA B 244 -24.95 -24.86 -16.96
N LEU B 245 -23.74 -24.51 -17.39
CA LEU B 245 -23.19 -23.16 -17.30
C LEU B 245 -23.10 -22.62 -18.72
N SER B 246 -23.94 -21.66 -19.08
CA SER B 246 -24.07 -21.24 -20.50
C SER B 246 -24.63 -19.83 -20.64
N THR B 247 -24.55 -19.30 -21.86
CA THR B 247 -25.24 -18.05 -22.25
C THR B 247 -26.45 -18.37 -23.11
N ASN B 248 -26.69 -19.63 -23.45
CA ASN B 248 -27.73 -20.03 -24.43
C ASN B 248 -28.75 -20.97 -23.81
N THR B 249 -29.85 -20.43 -23.28
CA THR B 249 -30.93 -21.20 -22.59
C THR B 249 -31.60 -22.17 -23.56
N THR B 250 -31.74 -21.77 -24.82
CA THR B 250 -32.51 -22.56 -25.81
C THR B 250 -31.77 -23.87 -26.03
N LYS B 251 -30.45 -23.80 -26.25
CA LYS B 251 -29.62 -24.99 -26.57
C LYS B 251 -29.50 -25.89 -25.33
N VAL B 252 -29.49 -25.29 -24.14
CA VAL B 252 -29.49 -26.05 -22.85
C VAL B 252 -30.79 -26.87 -22.76
N LYS B 253 -31.93 -26.26 -23.05
CA LYS B 253 -33.25 -26.97 -23.06
C LYS B 253 -33.23 -28.10 -24.08
N GLU B 254 -32.86 -27.79 -25.33
CA GLU B 254 -32.85 -28.78 -26.44
C GLU B 254 -31.96 -29.96 -26.05
N PHE B 255 -30.85 -29.74 -25.33
CA PHE B 255 -29.97 -30.84 -24.88
C PHE B 255 -30.70 -31.72 -23.85
N GLY B 256 -31.71 -31.17 -23.16
CA GLY B 256 -32.54 -31.90 -22.19
C GLY B 256 -32.29 -31.48 -20.75
N ILE B 257 -31.62 -30.35 -20.52
CA ILE B 257 -31.37 -29.85 -19.13
C ILE B 257 -32.49 -28.88 -18.77
N ASP B 258 -33.06 -29.08 -17.59
CA ASP B 258 -34.10 -28.20 -16.98
C ASP B 258 -33.58 -26.75 -16.94
N PRO B 259 -34.34 -25.72 -17.42
CA PRO B 259 -33.92 -24.30 -17.40
C PRO B 259 -33.57 -23.80 -15.98
N GLN B 260 -34.21 -24.39 -14.98
CA GLN B 260 -33.92 -24.19 -13.53
C GLN B 260 -32.46 -24.57 -13.22
N ASN B 261 -31.88 -25.52 -13.98
CA ASN B 261 -30.53 -26.10 -13.75
C ASN B 261 -29.48 -25.36 -14.60
N MET B 262 -29.77 -24.15 -15.08
CA MET B 262 -28.82 -23.35 -15.88
C MET B 262 -28.33 -22.17 -15.06
N PHE B 263 -27.01 -22.00 -15.00
CA PHE B 263 -26.34 -20.85 -14.38
C PHE B 263 -25.80 -19.99 -15.51
N GLU B 264 -26.30 -18.77 -15.61
CA GLU B 264 -26.11 -17.92 -16.80
C GLU B 264 -24.84 -17.08 -16.64
N PHE B 265 -24.19 -16.79 -17.75
CA PHE B 265 -23.21 -15.68 -17.86
C PHE B 265 -23.45 -14.99 -19.20
N TRP B 266 -22.54 -14.12 -19.62
CA TRP B 266 -22.79 -13.06 -20.63
C TRP B 266 -21.65 -13.00 -21.65
N ASP B 267 -21.97 -12.49 -22.84
CA ASP B 267 -21.02 -12.37 -23.98
C ASP B 267 -19.78 -11.57 -23.57
N TRP B 268 -19.91 -10.64 -22.64
CA TRP B 268 -18.76 -9.82 -22.18
C TRP B 268 -17.85 -10.59 -21.21
N VAL B 269 -18.15 -11.87 -20.95
CA VAL B 269 -17.27 -12.81 -20.19
C VAL B 269 -16.48 -13.64 -21.19
N GLY B 270 -15.22 -13.28 -21.42
CA GLY B 270 -14.31 -14.08 -22.24
C GLY B 270 -14.02 -15.43 -21.60
N GLY B 271 -13.95 -16.50 -22.39
CA GLY B 271 -13.73 -17.85 -21.88
C GLY B 271 -12.51 -17.90 -20.97
N ARG B 272 -11.37 -17.37 -21.42
CA ARG B 272 -10.12 -17.40 -20.62
C ARG B 272 -10.18 -16.43 -19.43
N TYR B 273 -11.31 -15.72 -19.23
CA TYR B 273 -11.56 -14.78 -18.10
C TYR B 273 -12.84 -15.19 -17.36
N SER B 274 -13.26 -16.45 -17.45
CA SER B 274 -14.63 -16.86 -17.08
C SER B 274 -14.74 -17.55 -15.72
N LEU B 275 -13.64 -17.90 -15.05
CA LEU B 275 -13.72 -18.68 -13.78
C LEU B 275 -14.41 -17.87 -12.68
N TRP B 276 -14.47 -16.55 -12.83
CA TRP B 276 -15.14 -15.63 -11.88
C TRP B 276 -16.66 -15.70 -12.01
N SER B 277 -17.16 -16.25 -13.12
CA SER B 277 -18.60 -16.32 -13.48
C SER B 277 -19.18 -17.65 -12.98
N ALA B 278 -20.37 -17.98 -13.45
CA ALA B 278 -21.01 -19.30 -13.26
C ALA B 278 -20.03 -20.43 -13.67
N ILE B 279 -19.10 -20.18 -14.59
CA ILE B 279 -18.08 -21.20 -14.98
C ILE B 279 -17.37 -21.69 -13.72
N GLY B 280 -17.26 -20.87 -12.69
CA GLY B 280 -16.59 -21.21 -11.41
C GLY B 280 -17.46 -22.06 -10.51
N LEU B 281 -18.57 -22.60 -10.99
CA LEU B 281 -19.48 -23.37 -10.08
C LEU B 281 -18.75 -24.58 -9.47
N SER B 282 -17.95 -25.32 -10.25
CA SER B 282 -17.20 -26.49 -9.73
C SER B 282 -16.20 -26.06 -8.66
N ILE B 283 -15.67 -24.83 -8.73
CA ILE B 283 -14.82 -24.27 -7.64
C ILE B 283 -15.66 -24.15 -6.36
N ALA B 284 -16.77 -23.43 -6.44
CA ALA B 284 -17.68 -23.15 -5.31
C ALA B 284 -18.20 -24.47 -4.71
N LEU B 285 -18.46 -25.49 -5.53
CA LEU B 285 -18.91 -26.80 -5.02
C LEU B 285 -17.77 -27.45 -4.22
N HIS B 286 -16.55 -27.38 -4.74
CA HIS B 286 -15.38 -28.09 -4.17
C HIS B 286 -14.99 -27.45 -2.83
N VAL B 287 -14.81 -26.12 -2.78
CA VAL B 287 -14.21 -25.45 -1.60
C VAL B 287 -15.26 -24.62 -0.85
N GLY B 288 -16.51 -24.64 -1.30
CA GLY B 288 -17.58 -23.90 -0.66
C GLY B 288 -17.75 -22.51 -1.23
N PHE B 289 -18.97 -22.01 -1.24
CA PHE B 289 -19.27 -20.67 -1.83
C PHE B 289 -18.50 -19.56 -1.08
N ASP B 290 -18.30 -19.67 0.23
CA ASP B 290 -17.61 -18.61 1.01
C ASP B 290 -16.16 -18.44 0.49
N ASN B 291 -15.46 -19.54 0.26
CA ASN B 291 -14.08 -19.51 -0.30
C ASN B 291 -14.08 -18.99 -1.75
N PHE B 292 -15.10 -19.30 -2.55
CA PHE B 292 -15.27 -18.71 -3.90
C PHE B 292 -15.45 -17.20 -3.80
N GLU B 293 -16.25 -16.70 -2.84
CA GLU B 293 -16.39 -15.23 -2.63
C GLU B 293 -15.06 -14.60 -2.25
N GLN B 294 -14.28 -15.25 -1.39
CA GLN B 294 -12.94 -14.74 -1.03
C GLN B 294 -12.06 -14.66 -2.30
N LEU B 295 -12.16 -15.64 -3.20
CA LEU B 295 -11.40 -15.65 -4.48
C LEU B 295 -11.80 -14.40 -5.28
N LEU B 296 -13.09 -14.13 -5.44
CA LEU B 296 -13.59 -12.89 -6.11
C LEU B 296 -13.04 -11.65 -5.40
N SER B 297 -13.06 -11.64 -4.05
CA SER B 297 -12.66 -10.44 -3.28
C SER B 297 -11.19 -10.11 -3.55
N GLY B 298 -10.35 -11.14 -3.62
CA GLY B 298 -8.90 -10.96 -3.94
C GLY B 298 -8.76 -10.32 -5.30
N ALA B 299 -9.51 -10.78 -6.31
CA ALA B 299 -9.43 -10.23 -7.67
C ALA B 299 -9.87 -8.76 -7.62
N HIS B 300 -10.94 -8.48 -6.90
CA HIS B 300 -11.51 -7.11 -6.73
C HIS B 300 -10.44 -6.21 -6.10
N TRP B 301 -9.75 -6.68 -5.08
CA TRP B 301 -8.68 -5.86 -4.44
C TRP B 301 -7.67 -5.45 -5.53
N MET B 302 -7.27 -6.42 -6.36
CA MET B 302 -6.21 -6.19 -7.37
C MET B 302 -6.78 -5.32 -8.48
N ASP B 303 -8.09 -5.41 -8.76
CA ASP B 303 -8.76 -4.49 -9.71
C ASP B 303 -8.58 -3.05 -9.24
N GLN B 304 -8.76 -2.82 -7.94
CA GLN B 304 -8.68 -1.47 -7.34
C GLN B 304 -7.22 -1.01 -7.37
N HIS B 305 -6.28 -1.89 -7.06
CA HIS B 305 -4.84 -1.54 -7.15
C HIS B 305 -4.56 -1.04 -8.58
N PHE B 306 -4.99 -1.81 -9.58
CA PHE B 306 -4.77 -1.50 -11.01
C PHE B 306 -5.34 -0.11 -11.34
N ARG B 307 -6.55 0.17 -10.86
CA ARG B 307 -7.29 1.41 -11.20
C ARG B 307 -6.65 2.65 -10.56
N THR B 308 -6.16 2.58 -9.31
CA THR B 308 -5.89 3.78 -8.47
C THR B 308 -4.38 4.02 -8.35
N THR B 309 -3.52 3.07 -8.72
CA THR B 309 -2.08 3.22 -8.48
C THR B 309 -1.43 3.95 -9.65
N PRO B 310 -0.66 5.04 -9.41
CA PRO B 310 0.14 5.62 -10.48
C PRO B 310 0.93 4.53 -11.21
N LEU B 311 1.08 4.69 -12.52
CA LEU B 311 1.65 3.64 -13.41
C LEU B 311 3.00 3.15 -12.86
N GLU B 312 3.81 4.05 -12.34
CA GLU B 312 5.22 3.74 -11.98
C GLU B 312 5.28 2.87 -10.73
N LYS B 313 4.16 2.63 -10.05
CA LYS B 313 4.13 1.78 -8.83
C LYS B 313 3.05 0.71 -8.96
N ASN B 314 2.52 0.51 -10.17
CA ASN B 314 1.30 -0.27 -10.45
C ASN B 314 1.74 -1.67 -10.88
N ALA B 315 1.51 -2.70 -10.05
CA ALA B 315 2.11 -4.06 -10.21
C ALA B 315 1.84 -4.63 -11.61
N PRO B 316 0.60 -4.76 -12.11
CA PRO B 316 0.40 -5.33 -13.44
C PRO B 316 1.02 -4.49 -14.57
N VAL B 317 1.00 -3.17 -14.42
CA VAL B 317 1.60 -2.29 -15.45
C VAL B 317 3.11 -2.56 -15.50
N LEU B 318 3.76 -2.65 -14.36
CA LEU B 318 5.23 -2.83 -14.33
C LEU B 318 5.59 -4.22 -14.89
N LEU B 319 4.85 -5.26 -14.54
CA LEU B 319 5.10 -6.60 -15.11
C LEU B 319 4.91 -6.55 -16.63
N ALA B 320 3.89 -5.86 -17.10
CA ALA B 320 3.61 -5.71 -18.53
C ALA B 320 4.79 -5.00 -19.22
N LEU B 321 5.28 -3.90 -18.65
CA LEU B 321 6.32 -3.07 -19.30
C LEU B 321 7.66 -3.83 -19.30
N LEU B 322 8.00 -4.56 -18.23
CA LEU B 322 9.20 -5.43 -18.25
C LEU B 322 9.09 -6.45 -19.40
N GLY B 323 7.91 -7.01 -19.62
CA GLY B 323 7.67 -7.92 -20.75
C GLY B 323 7.92 -7.24 -22.10
N ILE B 324 7.38 -6.04 -22.30
CA ILE B 324 7.54 -5.23 -23.53
C ILE B 324 9.05 -5.03 -23.76
N TRP B 325 9.78 -4.64 -22.71
CA TRP B 325 11.25 -4.44 -22.76
C TRP B 325 11.92 -5.69 -23.35
N TYR B 326 11.61 -6.88 -22.83
CA TYR B 326 12.27 -8.14 -23.23
C TYR B 326 11.78 -8.60 -24.60
N ILE B 327 10.49 -8.44 -24.90
CA ILE B 327 9.91 -8.87 -26.21
C ILE B 327 10.33 -7.90 -27.32
N ASN B 328 10.16 -6.59 -27.17
CA ASN B 328 10.23 -5.63 -28.29
C ASN B 328 11.61 -4.99 -28.35
N CYS B 329 12.46 -5.12 -27.35
CA CYS B 329 13.84 -4.60 -27.43
C CYS B 329 14.81 -5.77 -27.47
N PHE B 330 14.70 -6.73 -26.55
CA PHE B 330 15.64 -7.87 -26.47
C PHE B 330 15.27 -8.98 -27.46
N GLY B 331 14.02 -9.01 -27.96
CA GLY B 331 13.57 -10.05 -28.89
C GLY B 331 13.41 -11.43 -28.25
N CYS B 332 13.10 -11.53 -26.96
CA CYS B 332 12.84 -12.83 -26.28
C CYS B 332 11.48 -13.37 -26.72
N GLU B 333 11.43 -14.59 -27.25
CA GLU B 333 10.19 -15.22 -27.75
C GLU B 333 9.34 -15.76 -26.59
N THR B 334 9.97 -16.13 -25.47
CA THR B 334 9.24 -16.86 -24.40
C THR B 334 9.25 -16.12 -23.06
N HIS B 335 8.31 -16.50 -22.19
CA HIS B 335 8.21 -16.07 -20.78
C HIS B 335 7.90 -17.30 -19.92
N ALA B 336 8.76 -17.64 -18.97
CA ALA B 336 8.59 -18.80 -18.07
C ALA B 336 7.92 -18.35 -16.77
N MET B 337 6.92 -19.10 -16.33
CA MET B 337 6.22 -18.90 -15.06
C MET B 337 6.47 -20.13 -14.19
N LEU B 338 7.14 -19.93 -13.05
CA LEU B 338 7.78 -21.01 -12.26
C LEU B 338 7.33 -20.89 -10.82
N PRO B 339 6.12 -21.39 -10.47
CA PRO B 339 5.62 -21.32 -9.11
C PRO B 339 6.29 -22.40 -8.27
N TYR B 340 6.85 -22.02 -7.13
CA TYR B 340 7.47 -22.95 -6.16
C TYR B 340 6.38 -23.41 -5.20
N ASP B 341 5.45 -24.18 -5.73
CA ASP B 341 4.20 -24.57 -5.02
C ASP B 341 3.52 -25.67 -5.83
N GLN B 342 3.42 -26.86 -5.26
CA GLN B 342 2.90 -28.05 -5.92
C GLN B 342 1.41 -27.82 -6.21
N TYR B 343 0.69 -27.13 -5.34
CA TYR B 343 -0.75 -26.84 -5.57
C TYR B 343 -0.92 -25.99 -6.83
N LEU B 344 0.06 -25.16 -7.17
CA LEU B 344 0.00 -24.30 -8.39
C LEU B 344 0.56 -25.02 -9.63
N HIS B 345 0.56 -26.34 -9.67
CA HIS B 345 1.16 -27.12 -10.79
C HIS B 345 0.44 -26.82 -12.12
N ARG B 346 -0.78 -26.26 -12.11
CA ARG B 346 -1.48 -25.94 -13.39
C ARG B 346 -1.53 -24.42 -13.65
N PHE B 347 -0.81 -23.63 -12.87
CA PHE B 347 -0.86 -22.16 -12.92
C PHE B 347 -0.22 -21.65 -14.21
N ALA B 348 0.98 -22.15 -14.53
CA ALA B 348 1.68 -21.79 -15.78
C ALA B 348 0.81 -22.20 -16.97
N ALA B 349 0.19 -23.37 -16.95
CA ALA B 349 -0.63 -23.86 -18.09
C ALA B 349 -1.84 -22.94 -18.29
N TYR B 350 -2.41 -22.46 -17.20
CA TYR B 350 -3.59 -21.54 -17.21
C TYR B 350 -3.19 -20.24 -17.90
N PHE B 351 -2.03 -19.69 -17.58
CA PHE B 351 -1.62 -18.40 -18.17
C PHE B 351 -1.01 -18.60 -19.54
N GLN B 352 -0.54 -19.82 -19.85
CA GLN B 352 -0.21 -20.20 -21.24
C GLN B 352 -1.44 -19.96 -22.12
N GLN B 353 -2.63 -20.37 -21.69
CA GLN B 353 -3.86 -20.04 -22.42
C GLN B 353 -4.15 -18.55 -22.30
N GLY B 354 -4.21 -18.01 -21.08
CA GLY B 354 -4.61 -16.61 -20.82
C GLY B 354 -3.76 -15.62 -21.62
N ASP B 355 -2.44 -15.78 -21.59
CA ASP B 355 -1.50 -14.84 -22.24
C ASP B 355 -1.54 -15.09 -23.76
N MET B 356 -1.29 -16.32 -24.20
CA MET B 356 -1.02 -16.61 -25.64
C MET B 356 -2.32 -16.44 -26.45
N GLU B 357 -3.46 -16.84 -25.91
CA GLU B 357 -4.75 -16.68 -26.62
C GLU B 357 -5.16 -15.18 -26.68
N SER B 358 -4.79 -14.39 -25.68
CA SER B 358 -5.09 -12.95 -25.64
C SER B 358 -4.23 -12.21 -26.68
N ASN B 359 -2.91 -12.36 -26.60
CA ASN B 359 -1.96 -11.45 -27.29
C ASN B 359 -1.21 -12.16 -28.43
N GLY B 360 -1.62 -13.36 -28.80
CA GLY B 360 -1.16 -14.07 -30.02
C GLY B 360 -1.89 -13.52 -31.23
N LYS B 361 -1.56 -12.29 -31.62
CA LYS B 361 -2.33 -11.49 -32.60
C LYS B 361 -1.33 -10.71 -33.46
N TYR B 362 -1.73 -10.35 -34.67
CA TYR B 362 -0.84 -9.64 -35.63
C TYR B 362 -1.60 -8.49 -36.34
N ILE B 363 -2.90 -8.31 -36.09
CA ILE B 363 -3.69 -7.19 -36.67
C ILE B 363 -4.04 -6.18 -35.57
N THR B 364 -3.70 -4.91 -35.79
CA THR B 364 -3.97 -3.81 -34.84
C THR B 364 -5.39 -3.30 -34.98
N LYS B 365 -5.78 -2.45 -34.04
CA LYS B 365 -7.12 -1.83 -33.96
C LYS B 365 -7.42 -1.06 -35.25
N SER B 366 -6.40 -0.55 -35.95
CA SER B 366 -6.52 0.14 -37.27
C SER B 366 -6.88 -0.86 -38.39
N GLY B 367 -6.73 -2.17 -38.15
CA GLY B 367 -6.83 -3.19 -39.22
C GLY B 367 -5.52 -3.32 -40.00
N THR B 368 -4.44 -2.71 -39.54
CA THR B 368 -3.08 -2.81 -40.16
C THR B 368 -2.26 -3.89 -39.44
N ARG B 369 -1.45 -4.60 -40.21
CA ARG B 369 -0.55 -5.67 -39.75
C ARG B 369 0.53 -5.07 -38.83
N VAL B 370 0.78 -5.66 -37.68
CA VAL B 370 1.90 -5.24 -36.79
C VAL B 370 3.20 -5.39 -37.57
N ASP B 371 4.19 -4.58 -37.23
CA ASP B 371 5.58 -4.68 -37.76
C ASP B 371 6.51 -4.87 -36.57
N HIS B 372 6.02 -5.54 -35.53
CA HIS B 372 6.75 -5.79 -34.26
C HIS B 372 6.21 -7.07 -33.64
N GLN B 373 6.93 -7.63 -32.67
CA GLN B 373 6.49 -8.81 -31.91
C GLN B 373 5.28 -8.46 -31.07
N THR B 374 4.36 -9.42 -30.89
CA THR B 374 3.30 -9.36 -29.87
C THR B 374 3.57 -10.45 -28.82
N GLY B 375 2.53 -11.15 -28.41
CA GLY B 375 2.57 -11.98 -27.21
C GLY B 375 3.67 -13.02 -27.28
N PRO B 376 4.31 -13.33 -26.13
CA PRO B 376 5.32 -14.39 -26.08
C PRO B 376 4.69 -15.78 -25.91
N ILE B 377 5.52 -16.80 -26.11
CA ILE B 377 5.20 -18.19 -25.70
C ILE B 377 5.38 -18.30 -24.18
N VAL B 378 4.32 -18.69 -23.47
CA VAL B 378 4.32 -18.81 -22.00
C VAL B 378 4.36 -20.30 -21.65
N TRP B 379 5.24 -20.64 -20.73
CA TRP B 379 5.46 -22.05 -20.35
C TRP B 379 5.97 -22.07 -18.91
N GLY B 380 6.01 -23.27 -18.35
CA GLY B 380 6.71 -23.51 -17.08
C GLY B 380 6.20 -24.74 -16.37
N GLU B 381 6.94 -25.14 -15.33
CA GLU B 381 6.55 -26.21 -14.39
C GLU B 381 6.92 -25.72 -13.00
N PRO B 382 6.26 -26.23 -11.95
CA PRO B 382 6.60 -25.85 -10.58
C PRO B 382 8.02 -26.22 -10.15
N GLY B 383 8.63 -25.35 -9.34
CA GLY B 383 9.89 -25.60 -8.64
C GLY B 383 9.59 -26.48 -7.43
N THR B 384 10.58 -27.29 -6.99
CA THR B 384 11.96 -27.26 -7.48
C THR B 384 12.22 -28.16 -8.72
N ASN B 385 11.27 -28.94 -9.20
CA ASN B 385 11.49 -29.96 -10.26
C ASN B 385 12.24 -29.38 -11.47
N GLY B 386 11.85 -28.21 -11.97
CA GLY B 386 12.51 -27.62 -13.16
C GLY B 386 14.02 -27.49 -12.99
N GLN B 387 14.49 -27.30 -11.76
CA GLN B 387 15.93 -27.09 -11.43
C GLN B 387 16.75 -28.31 -11.86
N HIS B 388 16.08 -29.47 -11.92
CA HIS B 388 16.69 -30.77 -12.24
C HIS B 388 16.54 -31.09 -13.73
N ALA B 389 16.01 -30.16 -14.52
CA ALA B 389 15.59 -30.43 -15.92
C ALA B 389 15.94 -29.24 -16.79
N PHE B 390 14.93 -28.45 -17.14
CA PHE B 390 15.07 -27.39 -18.16
C PHE B 390 15.82 -26.19 -17.62
N TYR B 391 16.05 -26.07 -16.32
CA TYR B 391 16.87 -24.95 -15.81
C TYR B 391 18.28 -25.04 -16.41
N GLN B 392 18.74 -26.24 -16.82
CA GLN B 392 20.04 -26.37 -17.53
C GLN B 392 20.12 -25.35 -18.67
N LEU B 393 19.08 -25.25 -19.50
CA LEU B 393 19.06 -24.37 -20.69
C LEU B 393 18.87 -22.92 -20.23
N ILE B 394 18.12 -22.66 -19.17
CA ILE B 394 17.97 -21.28 -18.63
C ILE B 394 19.36 -20.79 -18.18
N HIS B 395 20.12 -21.63 -17.48
CA HIS B 395 21.48 -21.28 -16.96
C HIS B 395 22.54 -21.21 -18.07
N GLN B 396 22.57 -22.15 -19.02
CA GLN B 396 23.74 -22.37 -19.91
C GLN B 396 23.37 -22.52 -21.39
N GLY B 397 22.13 -22.24 -21.78
CA GLY B 397 21.71 -22.35 -23.18
C GLY B 397 22.04 -21.08 -23.92
N THR B 398 21.46 -20.92 -25.10
CA THR B 398 21.75 -19.77 -25.98
C THR B 398 20.53 -18.86 -26.09
N LYS B 399 19.53 -19.07 -25.22
CA LYS B 399 18.25 -18.31 -25.21
C LYS B 399 18.19 -17.45 -23.95
N MET B 400 17.72 -16.23 -24.11
CA MET B 400 17.37 -15.35 -22.98
C MET B 400 15.89 -15.63 -22.64
N ILE B 401 15.62 -16.04 -21.42
CA ILE B 401 14.25 -16.43 -20.96
C ILE B 401 13.89 -15.66 -19.69
N PRO B 402 13.15 -14.54 -19.77
CA PRO B 402 12.63 -13.91 -18.57
C PRO B 402 11.73 -14.88 -17.81
N CYS B 403 11.95 -14.98 -16.49
CA CYS B 403 11.26 -15.95 -15.61
C CYS B 403 10.56 -15.19 -14.47
N ASP B 404 9.31 -15.54 -14.20
CA ASP B 404 8.63 -15.17 -12.94
C ASP B 404 8.72 -16.37 -12.00
N PHE B 405 9.39 -16.19 -10.87
CA PHE B 405 9.44 -17.16 -9.75
C PHE B 405 8.43 -16.71 -8.71
N LEU B 406 7.52 -17.58 -8.33
CA LEU B 406 6.44 -17.23 -7.35
C LEU B 406 6.50 -18.20 -6.18
N ILE B 407 6.23 -17.75 -4.95
CA ILE B 407 6.21 -18.64 -3.75
C ILE B 407 5.42 -18.01 -2.61
N PRO B 408 4.63 -18.82 -1.89
CA PRO B 408 4.08 -18.40 -0.61
C PRO B 408 5.10 -18.52 0.53
N VAL B 409 5.08 -17.54 1.44
CA VAL B 409 5.94 -17.56 2.66
C VAL B 409 5.48 -18.69 3.56
N GLN B 410 4.17 -18.86 3.73
CA GLN B 410 3.59 -19.89 4.63
C GLN B 410 3.04 -21.04 3.79
N THR B 411 3.40 -22.26 4.17
CA THR B 411 2.95 -23.49 3.51
C THR B 411 1.62 -23.92 4.10
N GLN B 412 0.81 -24.62 3.31
CA GLN B 412 -0.43 -25.26 3.81
C GLN B 412 -0.06 -26.50 4.64
N HIS B 413 1.15 -27.06 4.49
CA HIS B 413 1.55 -28.33 5.15
C HIS B 413 2.92 -28.17 5.80
N PRO B 414 2.99 -27.48 6.97
CA PRO B 414 4.27 -27.20 7.62
C PRO B 414 4.84 -28.44 8.32
N ILE B 415 5.14 -29.47 7.53
CA ILE B 415 5.54 -30.80 8.07
C ILE B 415 6.99 -30.73 8.53
N ARG B 416 7.37 -31.65 9.39
CA ARG B 416 8.74 -31.77 9.96
C ARG B 416 9.17 -30.40 10.50
N LYS B 417 8.29 -29.72 11.24
CA LYS B 417 8.57 -28.40 11.84
C LYS B 417 9.04 -27.43 10.76
N GLY B 418 8.45 -27.49 9.56
CA GLY B 418 8.73 -26.56 8.45
C GLY B 418 10.02 -26.84 7.70
N LEU B 419 10.65 -27.99 7.89
CA LEU B 419 11.92 -28.31 7.20
C LEU B 419 11.73 -28.33 5.68
N HIS B 420 10.66 -28.92 5.17
CA HIS B 420 10.45 -29.00 3.69
C HIS B 420 10.34 -27.58 3.11
N HIS B 421 9.50 -26.73 3.72
CA HIS B 421 9.24 -25.37 3.22
C HIS B 421 10.51 -24.52 3.30
N LYS B 422 11.34 -24.74 4.32
CA LYS B 422 12.62 -24.04 4.46
C LYS B 422 13.50 -24.37 3.27
N ILE B 423 13.57 -25.64 2.87
CA ILE B 423 14.44 -26.05 1.73
C ILE B 423 13.85 -25.46 0.44
N LEU B 424 12.52 -25.52 0.27
CA LEU B 424 11.84 -24.93 -0.90
C LEU B 424 12.18 -23.45 -1.03
N LEU B 425 12.07 -22.68 0.05
CA LEU B 425 12.41 -21.22 0.07
C LEU B 425 13.88 -21.04 -0.27
N ALA B 426 14.79 -21.80 0.33
CA ALA B 426 16.24 -21.65 0.06
C ALA B 426 16.53 -21.83 -1.44
N ASN B 427 15.89 -22.82 -2.08
CA ASN B 427 16.07 -23.11 -3.53
C ASN B 427 15.53 -21.94 -4.34
N PHE B 428 14.32 -21.47 -3.99
CA PHE B 428 13.68 -20.32 -4.66
C PHE B 428 14.66 -19.13 -4.72
N LEU B 429 15.28 -18.85 -3.58
CA LEU B 429 16.19 -17.69 -3.43
C LEU B 429 17.51 -17.95 -4.17
N ALA B 430 18.11 -19.11 -3.96
CA ALA B 430 19.45 -19.43 -4.50
C ALA B 430 19.43 -19.48 -6.04
N GLN B 431 18.34 -19.97 -6.63
CA GLN B 431 18.23 -20.08 -8.10
C GLN B 431 18.23 -18.71 -8.78
N THR B 432 17.41 -17.75 -8.33
CA THR B 432 17.37 -16.40 -8.94
C THR B 432 18.73 -15.71 -8.75
N GLU B 433 19.37 -15.92 -7.59
CA GLU B 433 20.69 -15.30 -7.27
C GLU B 433 21.71 -15.84 -8.29
N ALA B 434 21.79 -17.16 -8.46
CA ALA B 434 22.75 -17.79 -9.40
C ALA B 434 22.48 -17.36 -10.85
N LEU B 435 21.22 -17.28 -11.28
CA LEU B 435 20.87 -16.80 -12.64
C LEU B 435 21.38 -15.38 -12.84
N MET B 436 21.30 -14.56 -11.80
CA MET B 436 21.82 -13.17 -11.87
C MET B 436 23.36 -13.19 -11.91
N ARG B 437 23.99 -13.88 -10.97
CA ARG B 437 25.46 -13.73 -10.71
C ARG B 437 26.28 -14.57 -11.68
N GLY B 438 25.80 -15.78 -11.98
CA GLY B 438 26.60 -16.72 -12.75
C GLY B 438 27.83 -17.09 -11.96
N LYS B 439 28.88 -17.51 -12.66
CA LYS B 439 30.15 -17.95 -12.03
C LYS B 439 31.24 -17.82 -13.09
N SER B 440 32.22 -16.97 -12.82
CA SER B 440 33.25 -16.55 -13.79
C SER B 440 34.26 -17.69 -13.99
N THR B 441 35.06 -17.58 -15.04
CA THR B 441 36.23 -18.46 -15.30
C THR B 441 37.12 -18.48 -14.05
N GLU B 442 37.38 -17.35 -13.39
CA GLU B 442 38.26 -17.31 -12.19
C GLU B 442 37.61 -18.12 -11.07
N GLU B 443 36.33 -17.87 -10.79
CA GLU B 443 35.63 -18.53 -9.67
C GLU B 443 35.65 -20.04 -9.93
N ALA B 444 35.27 -20.46 -11.14
CA ALA B 444 35.22 -21.90 -11.51
C ALA B 444 36.64 -22.49 -11.43
N ARG B 445 37.63 -21.78 -11.97
CA ARG B 445 39.04 -22.26 -11.92
C ARG B 445 39.44 -22.51 -10.45
N LYS B 446 39.11 -21.58 -9.55
CA LYS B 446 39.44 -21.67 -8.09
C LYS B 446 38.83 -22.92 -7.47
N GLU B 447 37.56 -23.23 -7.77
CA GLU B 447 36.88 -24.41 -7.15
C GLU B 447 37.51 -25.69 -7.68
N LEU B 448 37.85 -25.74 -8.97
CA LEU B 448 38.48 -26.92 -9.60
C LEU B 448 39.88 -27.12 -9.01
N GLN B 449 40.63 -26.04 -8.73
CA GLN B 449 41.98 -26.12 -8.12
C GLN B 449 41.86 -26.69 -6.71
N ALA B 450 40.91 -26.22 -5.90
CA ALA B 450 40.69 -26.72 -4.52
C ALA B 450 40.19 -28.16 -4.56
N ALA B 451 39.54 -28.60 -5.65
CA ALA B 451 39.05 -29.98 -5.83
C ALA B 451 40.22 -30.92 -6.15
N GLY B 452 41.33 -30.41 -6.69
CA GLY B 452 42.57 -31.17 -6.97
C GLY B 452 42.70 -31.60 -8.43
N LYS B 453 42.16 -30.84 -9.38
CA LYS B 453 42.27 -31.15 -10.84
C LYS B 453 43.69 -30.88 -11.32
N SER B 454 44.25 -31.76 -12.16
CA SER B 454 45.52 -31.54 -12.87
C SER B 454 45.36 -30.37 -13.84
N PRO B 455 46.38 -29.50 -13.99
CA PRO B 455 46.25 -28.32 -14.85
C PRO B 455 45.67 -28.60 -16.24
N GLU B 456 46.01 -29.74 -16.87
CA GLU B 456 45.48 -30.03 -18.22
C GLU B 456 43.99 -30.43 -18.12
N ASP B 457 43.57 -31.23 -17.13
CA ASP B 457 42.14 -31.60 -16.93
C ASP B 457 41.31 -30.35 -16.63
N LEU B 458 41.79 -29.52 -15.72
CA LEU B 458 41.10 -28.29 -15.30
C LEU B 458 40.85 -27.42 -16.54
N GLU B 459 41.86 -27.17 -17.39
CA GLU B 459 41.73 -26.21 -18.51
C GLU B 459 40.78 -26.79 -19.56
N ARG B 460 40.62 -28.11 -19.63
CA ARG B 460 39.73 -28.78 -20.63
C ARG B 460 38.28 -28.67 -20.13
N LEU B 461 38.07 -28.86 -18.83
CA LEU B 461 36.74 -28.91 -18.18
C LEU B 461 36.21 -27.50 -17.88
N LEU B 462 37.11 -26.57 -17.60
CA LEU B 462 36.82 -25.26 -17.00
C LEU B 462 35.69 -24.56 -17.75
N PRO B 463 35.76 -24.31 -19.08
CA PRO B 463 34.76 -23.48 -19.75
C PRO B 463 33.35 -24.05 -19.67
N HIS B 464 33.23 -25.37 -19.44
CA HIS B 464 31.96 -26.12 -19.31
C HIS B 464 31.27 -25.77 -18.01
N LYS B 465 32.01 -25.32 -16.99
CA LYS B 465 31.49 -25.07 -15.62
C LYS B 465 31.37 -23.57 -15.35
N VAL B 466 31.47 -22.78 -16.41
CA VAL B 466 31.35 -21.30 -16.33
C VAL B 466 29.91 -20.95 -16.70
N PHE B 467 29.35 -20.02 -15.93
CA PHE B 467 27.95 -19.55 -16.03
C PHE B 467 28.01 -18.05 -16.27
N GLU B 468 27.51 -17.61 -17.41
CA GLU B 468 27.66 -16.19 -17.83
C GLU B 468 26.69 -15.33 -17.00
N GLY B 469 25.66 -15.92 -16.42
CA GLY B 469 24.72 -15.20 -15.55
C GLY B 469 24.06 -14.10 -16.34
N ASN B 470 23.72 -13.01 -15.66
CA ASN B 470 22.99 -11.86 -16.25
C ASN B 470 21.62 -12.32 -16.79
N ARG B 471 21.00 -13.34 -16.18
CA ARG B 471 19.67 -13.82 -16.61
C ARG B 471 18.59 -13.27 -15.69
N PRO B 472 17.69 -12.44 -16.25
CA PRO B 472 16.78 -11.68 -15.44
C PRO B 472 15.59 -12.51 -14.92
N THR B 473 15.15 -12.19 -13.70
CA THR B 473 14.00 -12.84 -13.03
C THR B 473 13.17 -11.79 -12.31
N ASN B 474 11.87 -12.09 -12.19
CA ASN B 474 10.95 -11.49 -11.21
C ASN B 474 10.80 -12.49 -10.08
N SER B 475 10.80 -12.00 -8.83
CA SER B 475 10.46 -12.81 -7.64
C SER B 475 9.17 -12.24 -7.03
N ILE B 476 8.15 -13.06 -6.95
CA ILE B 476 6.81 -12.66 -6.48
C ILE B 476 6.52 -13.51 -5.24
N VAL B 477 6.56 -12.89 -4.07
CA VAL B 477 6.46 -13.61 -2.78
C VAL B 477 5.20 -13.09 -2.08
N PHE B 478 4.38 -14.00 -1.60
CA PHE B 478 3.09 -13.61 -1.00
C PHE B 478 2.92 -14.41 0.28
N THR B 479 2.16 -13.86 1.23
CA THR B 479 2.13 -14.41 2.60
C THR B 479 1.70 -15.88 2.56
N LYS B 480 0.59 -16.17 1.90
CA LYS B 480 0.01 -17.53 1.92
C LYS B 480 -0.93 -17.68 0.74
N LEU B 481 -0.98 -18.87 0.16
CA LEU B 481 -1.84 -19.18 -0.99
C LEU B 481 -3.22 -19.54 -0.47
N THR B 482 -3.97 -18.51 -0.12
CA THR B 482 -5.39 -18.57 0.30
C THR B 482 -6.26 -18.29 -0.91
N PRO B 483 -7.57 -18.59 -0.83
CA PRO B 483 -8.51 -18.22 -1.89
C PRO B 483 -8.38 -16.74 -2.28
N PHE B 484 -8.28 -15.85 -1.29
CA PHE B 484 -8.22 -14.40 -1.53
C PHE B 484 -6.94 -14.08 -2.31
N MET B 485 -5.82 -14.60 -1.84
CA MET B 485 -4.50 -14.27 -2.42
C MET B 485 -4.41 -14.85 -3.85
N LEU B 486 -4.95 -16.03 -4.08
CA LEU B 486 -4.97 -16.61 -5.45
C LEU B 486 -5.77 -15.68 -6.37
N GLY B 487 -6.92 -15.17 -5.92
CA GLY B 487 -7.71 -14.20 -6.71
C GLY B 487 -6.90 -12.99 -7.10
N ALA B 488 -6.15 -12.43 -6.15
CA ALA B 488 -5.34 -11.23 -6.39
C ALA B 488 -4.24 -11.58 -7.42
N LEU B 489 -3.61 -12.75 -7.33
CA LEU B 489 -2.48 -13.11 -8.23
C LEU B 489 -3.01 -13.36 -9.64
N VAL B 490 -4.12 -14.03 -9.79
CA VAL B 490 -4.71 -14.29 -11.12
C VAL B 490 -5.07 -12.94 -11.78
N ALA B 491 -5.76 -12.06 -11.06
CA ALA B 491 -6.18 -10.75 -11.60
C ALA B 491 -4.93 -9.92 -11.95
N MET B 492 -3.86 -10.06 -11.18
CA MET B 492 -2.64 -9.26 -11.45
C MET B 492 -2.11 -9.64 -12.85
N TYR B 493 -2.07 -10.92 -13.20
CA TYR B 493 -1.62 -11.37 -14.55
C TYR B 493 -2.66 -11.05 -15.64
N GLU B 494 -3.95 -11.13 -15.34
CA GLU B 494 -4.99 -10.70 -16.30
C GLU B 494 -4.72 -9.24 -16.71
N HIS B 495 -4.43 -8.35 -15.77
CA HIS B 495 -4.20 -6.93 -16.11
C HIS B 495 -2.84 -6.74 -16.76
N LYS B 496 -1.84 -7.54 -16.42
CA LYS B 496 -0.54 -7.50 -17.16
C LYS B 496 -0.80 -7.73 -18.67
N ILE B 497 -1.59 -8.74 -18.99
CA ILE B 497 -1.91 -9.14 -20.39
C ILE B 497 -2.69 -7.99 -21.06
N PHE B 498 -3.62 -7.39 -20.33
CA PHE B 498 -4.41 -6.22 -20.81
C PHE B 498 -3.47 -5.06 -21.19
N VAL B 499 -2.56 -4.73 -20.30
CA VAL B 499 -1.65 -3.59 -20.52
C VAL B 499 -0.81 -3.86 -21.77
N GLN B 500 -0.30 -5.08 -21.94
CA GLN B 500 0.60 -5.41 -23.10
C GLN B 500 -0.20 -5.26 -24.38
N GLY B 501 -1.45 -5.71 -24.38
CA GLY B 501 -2.31 -5.61 -25.56
C GLY B 501 -2.53 -4.16 -26.00
N ILE B 502 -2.78 -3.27 -25.05
CA ILE B 502 -3.00 -1.84 -25.34
C ILE B 502 -1.70 -1.30 -25.95
N ILE B 503 -0.55 -1.62 -25.37
CA ILE B 503 0.74 -1.08 -25.88
C ILE B 503 0.97 -1.53 -27.32
N TRP B 504 0.64 -2.79 -27.64
CA TRP B 504 0.78 -3.38 -29.00
C TRP B 504 -0.37 -2.93 -29.90
N ASP B 505 -1.42 -2.36 -29.34
CA ASP B 505 -2.63 -1.89 -30.10
C ASP B 505 -3.33 -3.07 -30.76
N ILE B 506 -3.36 -4.23 -30.07
CA ILE B 506 -4.11 -5.43 -30.57
C ILE B 506 -5.37 -5.60 -29.73
N ASN B 507 -6.28 -6.46 -30.17
CA ASN B 507 -7.48 -6.84 -29.40
C ASN B 507 -7.15 -8.08 -28.54
N SER B 508 -6.94 -7.89 -27.24
CA SER B 508 -6.58 -8.97 -26.29
C SER B 508 -7.77 -9.91 -26.05
N PHE B 509 -8.95 -9.59 -26.58
CA PHE B 509 -10.21 -10.21 -26.08
C PHE B 509 -10.98 -10.98 -27.14
N ASP B 510 -10.49 -11.03 -28.38
CA ASP B 510 -11.07 -11.89 -29.44
C ASP B 510 -10.14 -13.12 -29.57
N GLN B 511 -10.51 -14.07 -30.42
CA GLN B 511 -9.69 -15.30 -30.67
C GLN B 511 -10.13 -15.95 -32.00
N TRP B 512 -9.89 -15.28 -33.13
CA TRP B 512 -10.38 -15.76 -34.44
C TRP B 512 -9.66 -17.07 -34.84
N GLY B 513 -8.42 -17.32 -34.40
CA GLY B 513 -7.79 -18.65 -34.58
C GLY B 513 -8.53 -19.77 -33.87
N VAL B 514 -9.08 -19.49 -32.69
CA VAL B 514 -9.84 -20.50 -31.91
C VAL B 514 -11.22 -20.69 -32.56
N GLU B 515 -11.85 -19.60 -32.98
CA GLU B 515 -13.14 -19.67 -33.70
C GLU B 515 -12.93 -20.44 -35.01
N LEU B 516 -11.84 -20.20 -35.75
CA LEU B 516 -11.56 -20.95 -36.99
C LEU B 516 -11.47 -22.44 -36.66
N GLY B 517 -10.73 -22.78 -35.59
CA GLY B 517 -10.48 -24.18 -35.20
C GLY B 517 -11.79 -24.94 -35.02
N LYS B 518 -12.81 -24.28 -34.49
CA LYS B 518 -14.13 -24.92 -34.23
C LYS B 518 -14.89 -25.18 -35.54
N GLN B 519 -14.38 -24.72 -36.67
CA GLN B 519 -15.05 -24.94 -37.99
C GLN B 519 -14.28 -25.96 -38.83
N LEU B 520 -13.07 -26.37 -38.44
CA LEU B 520 -12.12 -27.03 -39.37
C LEU B 520 -12.45 -28.51 -39.61
N ALA B 521 -12.83 -29.24 -38.56
CA ALA B 521 -12.86 -30.71 -38.57
C ALA B 521 -14.04 -31.17 -39.41
N LYS B 522 -15.14 -30.41 -39.44
CA LYS B 522 -16.35 -30.75 -40.23
C LYS B 522 -15.96 -31.07 -41.68
N LYS B 523 -14.93 -30.42 -42.21
CA LYS B 523 -14.61 -30.59 -43.64
C LYS B 523 -13.86 -31.92 -43.88
N ILE B 524 -13.26 -32.51 -42.83
CA ILE B 524 -12.42 -33.75 -42.95
C ILE B 524 -13.23 -34.96 -42.48
N GLU B 525 -14.09 -34.79 -41.47
CA GLU B 525 -14.83 -35.93 -40.86
C GLU B 525 -15.40 -36.87 -41.93
N PRO B 526 -16.14 -36.41 -42.98
CA PRO B 526 -16.74 -37.35 -43.92
C PRO B 526 -15.69 -38.13 -44.73
N GLU B 527 -14.48 -37.59 -44.90
CA GLU B 527 -13.41 -38.30 -45.65
C GLU B 527 -12.96 -39.55 -44.89
N LEU B 528 -13.20 -39.65 -43.57
CA LEU B 528 -12.66 -40.74 -42.73
C LEU B 528 -13.55 -41.98 -42.83
N ASP B 529 -14.77 -41.85 -43.37
CA ASP B 529 -15.71 -42.99 -43.52
C ASP B 529 -15.32 -43.84 -44.73
N GLY B 530 -15.46 -45.16 -44.62
CA GLY B 530 -15.23 -46.09 -45.73
C GLY B 530 -13.76 -46.38 -45.94
N SER B 531 -13.45 -47.35 -46.80
CA SER B 531 -12.10 -47.90 -47.05
C SER B 531 -11.42 -47.16 -48.20
N ALA B 532 -12.15 -46.34 -48.96
CA ALA B 532 -11.65 -45.75 -50.22
C ALA B 532 -10.51 -44.76 -49.94
N GLN B 533 -9.51 -44.77 -50.80
CA GLN B 533 -8.45 -43.73 -50.85
C GLN B 533 -9.11 -42.36 -51.06
N VAL B 534 -8.50 -41.35 -50.46
CA VAL B 534 -8.99 -39.95 -50.48
C VAL B 534 -8.07 -39.16 -51.41
N THR B 535 -8.64 -38.23 -52.17
CA THR B 535 -7.92 -37.40 -53.15
C THR B 535 -8.37 -35.93 -53.08
N SER B 536 -9.27 -35.56 -52.18
CA SER B 536 -9.95 -34.25 -52.22
C SER B 536 -9.12 -33.14 -51.55
N HIS B 537 -8.00 -33.44 -50.88
CA HIS B 537 -7.18 -32.42 -50.18
C HIS B 537 -5.77 -32.36 -50.80
N ASP B 538 -4.87 -31.63 -50.15
CA ASP B 538 -3.42 -31.66 -50.45
C ASP B 538 -2.86 -33.07 -50.24
N ALA B 539 -1.65 -33.32 -50.75
CA ALA B 539 -1.03 -34.65 -50.78
C ALA B 539 -0.81 -35.17 -49.34
N SER B 540 -0.50 -34.29 -48.40
CA SER B 540 -0.17 -34.73 -47.01
C SER B 540 -1.48 -35.14 -46.32
N THR B 541 -2.47 -34.25 -46.28
CA THR B 541 -3.80 -34.59 -45.71
C THR B 541 -4.30 -35.92 -46.31
N ASN B 542 -4.25 -36.07 -47.62
CA ASN B 542 -4.69 -37.32 -48.31
C ASN B 542 -3.85 -38.50 -47.83
N GLY B 543 -2.52 -38.38 -47.85
CA GLY B 543 -1.61 -39.47 -47.44
C GLY B 543 -1.85 -39.88 -45.99
N LEU B 544 -2.07 -38.92 -45.11
CA LEU B 544 -2.34 -39.20 -43.67
C LEU B 544 -3.65 -39.95 -43.54
N ILE B 545 -4.69 -39.49 -44.22
CA ILE B 545 -6.03 -40.17 -44.18
C ILE B 545 -5.90 -41.60 -44.72
N ASN B 546 -5.16 -41.78 -45.81
CA ASN B 546 -5.02 -43.13 -46.42
C ASN B 546 -4.26 -44.05 -45.47
N PHE B 547 -3.26 -43.55 -44.74
CA PHE B 547 -2.54 -44.38 -43.74
C PHE B 547 -3.46 -44.75 -42.60
N ILE B 548 -4.25 -43.79 -42.14
CA ILE B 548 -5.23 -44.01 -41.03
C ILE B 548 -6.17 -45.13 -41.46
N LYS B 549 -6.67 -45.07 -42.69
CA LYS B 549 -7.64 -46.10 -43.17
C LYS B 549 -6.94 -47.46 -43.27
N GLN B 550 -5.71 -47.47 -43.75
CA GLN B 550 -4.91 -48.72 -43.85
C GLN B 550 -4.72 -49.33 -42.44
N GLN B 551 -4.37 -48.52 -41.43
CA GLN B 551 -3.95 -49.04 -40.10
C GLN B 551 -5.16 -49.25 -39.19
N ARG B 552 -6.32 -48.76 -39.61
CA ARG B 552 -7.58 -48.77 -38.84
C ARG B 552 -7.89 -50.17 -38.30
N GLU B 553 -7.78 -51.20 -39.15
CA GLU B 553 -8.11 -52.61 -38.82
C GLU B 553 -6.83 -53.46 -38.80
N ALA B 554 -5.66 -52.88 -38.59
CA ALA B 554 -4.41 -53.63 -38.39
C ALA B 554 -4.47 -54.28 -36.99
N ARG B 555 -4.14 -55.56 -36.88
CA ARG B 555 -4.12 -56.25 -35.56
C ARG B 555 -2.67 -56.21 -35.05
N VAL B 556 -2.46 -55.71 -33.83
CA VAL B 556 -1.10 -55.54 -33.24
C VAL B 556 -0.89 -56.61 -32.16
N ALA C 1 33.21 -21.66 -33.64
CA ALA C 1 32.65 -23.01 -33.29
C ALA C 1 32.61 -23.88 -34.55
N ALA C 2 32.63 -25.21 -34.37
CA ALA C 2 32.76 -26.18 -35.47
C ALA C 2 31.67 -25.90 -36.51
N LEU C 3 30.43 -25.69 -36.09
CA LEU C 3 29.27 -25.68 -37.00
C LEU C 3 29.39 -24.51 -38.00
N THR C 4 29.64 -23.28 -37.54
CA THR C 4 29.57 -22.09 -38.41
C THR C 4 30.74 -22.13 -39.39
N ARG C 5 31.80 -22.87 -39.05
CA ARG C 5 33.00 -23.08 -39.91
C ARG C 5 32.74 -24.15 -40.95
N ASP C 6 31.71 -24.98 -40.76
CA ASP C 6 31.44 -26.13 -41.65
C ASP C 6 30.96 -25.65 -43.02
N PRO C 7 31.57 -26.14 -44.13
CA PRO C 7 31.21 -25.68 -45.47
C PRO C 7 29.77 -26.03 -45.89
N GLN C 8 29.26 -27.19 -45.48
CA GLN C 8 27.85 -27.58 -45.77
C GLN C 8 26.91 -26.64 -45.01
N PHE C 9 27.24 -26.25 -43.77
CA PHE C 9 26.38 -25.34 -42.97
C PHE C 9 26.28 -23.97 -43.68
N GLN C 10 27.43 -23.44 -44.08
CA GLN C 10 27.51 -22.12 -44.79
C GLN C 10 26.67 -22.20 -46.07
N LYS C 11 26.76 -23.30 -46.80
CA LYS C 11 26.01 -23.50 -48.08
C LYS C 11 24.51 -23.52 -47.75
N LEU C 12 24.12 -24.19 -46.67
CA LEU C 12 22.70 -24.23 -46.21
C LEU C 12 22.22 -22.81 -45.86
N GLN C 13 23.04 -22.02 -45.17
CA GLN C 13 22.70 -20.63 -44.79
C GLN C 13 22.59 -19.78 -46.07
N GLN C 14 23.48 -20.03 -47.04
CA GLN C 14 23.48 -19.29 -48.32
C GLN C 14 22.18 -19.55 -49.05
N TRP C 15 21.78 -20.82 -49.14
CA TRP C 15 20.53 -21.22 -49.84
C TRP C 15 19.35 -20.54 -49.15
N TYR C 16 19.33 -20.58 -47.81
CA TYR C 16 18.26 -19.94 -46.99
C TYR C 16 18.16 -18.46 -47.38
N ARG C 17 19.28 -17.74 -47.39
CA ARG C 17 19.26 -16.27 -47.72
C ARG C 17 18.69 -16.07 -49.13
N GLU C 18 19.12 -16.86 -50.08
CA GLU C 18 18.72 -16.69 -51.50
C GLU C 18 17.23 -17.02 -51.69
N HIS C 19 16.74 -18.10 -51.06
CA HIS C 19 15.50 -18.80 -51.49
C HIS C 19 14.38 -18.75 -50.42
N ARG C 20 14.62 -18.18 -49.23
CA ARG C 20 13.62 -18.13 -48.14
C ARG C 20 12.22 -17.77 -48.68
N SER C 21 12.12 -16.74 -49.52
CA SER C 21 10.84 -16.25 -50.10
C SER C 21 10.22 -17.29 -51.03
N GLU C 22 10.99 -18.29 -51.48
CA GLU C 22 10.53 -19.40 -52.36
C GLU C 22 9.70 -20.41 -51.56
N LEU C 23 9.81 -20.42 -50.23
CA LEU C 23 9.26 -21.53 -49.42
C LEU C 23 7.83 -21.18 -49.03
N ASN C 24 6.88 -21.57 -49.87
CA ASN C 24 5.43 -21.36 -49.67
C ASN C 24 4.76 -22.72 -49.81
N LEU C 25 4.21 -23.24 -48.71
CA LEU C 25 3.72 -24.64 -48.65
C LEU C 25 2.55 -24.81 -49.63
N ARG C 26 1.64 -23.85 -49.73
CA ARG C 26 0.46 -23.94 -50.64
C ARG C 26 0.96 -24.22 -52.06
N ARG C 27 1.93 -23.45 -52.52
CA ARG C 27 2.55 -23.59 -53.85
C ARG C 27 3.33 -24.91 -53.99
N LEU C 28 4.08 -25.31 -52.97
CA LEU C 28 4.90 -26.56 -53.01
C LEU C 28 3.97 -27.75 -53.24
N PHE C 29 2.82 -27.80 -52.57
CA PHE C 29 1.86 -28.94 -52.70
C PHE C 29 1.09 -28.83 -54.02
N ASP C 30 0.81 -27.61 -54.48
CA ASP C 30 0.13 -27.37 -55.79
C ASP C 30 1.05 -27.83 -56.94
N ALA C 31 2.35 -27.58 -56.85
CA ALA C 31 3.30 -27.91 -57.94
C ALA C 31 3.74 -29.38 -57.90
N ASN C 32 3.48 -30.12 -56.81
CA ASN C 32 4.00 -31.50 -56.65
C ASN C 32 2.97 -32.41 -55.97
N LYS C 33 2.27 -33.21 -56.77
CA LYS C 33 1.25 -34.18 -56.30
C LYS C 33 1.95 -35.33 -55.56
N ASP C 34 3.26 -35.53 -55.74
CA ASP C 34 4.03 -36.58 -55.02
C ASP C 34 4.69 -36.04 -53.74
N ARG C 35 4.36 -34.84 -53.28
CA ARG C 35 5.12 -34.19 -52.18
C ARG C 35 5.06 -35.09 -50.94
N PHE C 36 3.91 -35.65 -50.61
CA PHE C 36 3.78 -36.53 -49.43
C PHE C 36 4.68 -37.75 -49.62
N ASN C 37 4.57 -38.41 -50.78
CA ASN C 37 5.34 -39.64 -51.10
C ASN C 37 6.85 -39.37 -50.96
N HIS C 38 7.31 -38.19 -51.37
CA HIS C 38 8.75 -37.83 -51.34
C HIS C 38 9.20 -37.42 -49.94
N PHE C 39 8.32 -36.90 -49.07
CA PHE C 39 8.71 -36.25 -47.80
C PHE C 39 8.01 -36.90 -46.61
N SER C 40 8.00 -38.23 -46.58
CA SER C 40 7.39 -38.99 -45.48
C SER C 40 8.13 -40.31 -45.41
N LEU C 41 8.24 -40.90 -44.22
CA LEU C 41 8.77 -42.25 -43.98
C LEU C 41 7.66 -43.09 -43.38
N THR C 42 7.56 -44.35 -43.78
CA THR C 42 6.67 -45.34 -43.11
C THR C 42 7.58 -46.44 -42.57
N LEU C 43 7.56 -46.61 -41.26
CA LEU C 43 8.39 -47.61 -40.58
C LEU C 43 7.44 -48.74 -40.17
N ASN C 44 7.78 -49.99 -40.50
CA ASN C 44 7.07 -51.18 -39.99
C ASN C 44 7.96 -51.77 -38.88
N THR C 45 7.51 -51.65 -37.65
CA THR C 45 8.24 -52.17 -36.48
C THR C 45 7.91 -53.65 -36.28
N ASN C 46 6.96 -54.20 -37.06
CA ASN C 46 6.38 -55.56 -36.87
C ASN C 46 5.47 -55.58 -35.64
N HIS C 47 5.38 -54.48 -34.89
CA HIS C 47 4.43 -54.32 -33.76
C HIS C 47 3.68 -52.99 -33.93
N GLY C 48 3.45 -52.59 -35.16
CA GLY C 48 2.77 -51.32 -35.50
C GLY C 48 3.58 -50.56 -36.50
N HIS C 49 2.90 -49.74 -37.30
CA HIS C 49 3.56 -48.83 -38.26
C HIS C 49 3.67 -47.44 -37.66
N ILE C 50 4.72 -46.72 -38.03
CA ILE C 50 4.93 -45.30 -37.74
C ILE C 50 5.05 -44.59 -39.07
N LEU C 51 4.17 -43.62 -39.29
CA LEU C 51 4.30 -42.67 -40.40
C LEU C 51 4.90 -41.39 -39.82
N VAL C 52 6.07 -41.01 -40.30
CA VAL C 52 6.66 -39.68 -40.05
C VAL C 52 6.45 -38.83 -41.31
N ASP C 53 5.42 -38.01 -41.31
CA ASP C 53 5.07 -37.16 -42.47
C ASP C 53 5.67 -35.79 -42.22
N TYR C 54 6.77 -35.47 -42.90
CA TYR C 54 7.44 -34.17 -42.76
C TYR C 54 7.16 -33.33 -44.01
N SER C 55 6.06 -33.57 -44.73
CA SER C 55 5.84 -32.92 -46.05
C SER C 55 5.32 -31.49 -45.84
N LYS C 56 4.75 -31.17 -44.68
CA LYS C 56 4.27 -29.80 -44.37
C LYS C 56 5.39 -29.02 -43.71
N ASN C 57 6.65 -29.30 -44.03
CA ASN C 57 7.81 -28.49 -43.60
C ASN C 57 8.26 -27.57 -44.72
N LEU C 58 8.90 -26.47 -44.37
CA LEU C 58 9.39 -25.46 -45.34
C LEU C 58 10.70 -25.96 -45.95
N VAL C 59 10.59 -27.06 -46.66
CA VAL C 59 11.75 -27.75 -47.28
C VAL C 59 11.40 -28.16 -48.73
N THR C 60 12.45 -28.25 -49.51
CA THR C 60 12.43 -28.85 -50.87
C THR C 60 13.45 -29.97 -50.85
N GLU C 61 13.46 -30.77 -51.93
CA GLU C 61 14.45 -31.85 -52.10
C GLU C 61 15.88 -31.31 -51.90
N ASP C 62 16.20 -30.12 -52.42
CA ASP C 62 17.56 -29.53 -52.29
C ASP C 62 17.90 -29.24 -50.82
N VAL C 63 16.93 -28.72 -50.07
CA VAL C 63 17.14 -28.41 -48.63
C VAL C 63 17.44 -29.72 -47.91
N MET C 64 16.63 -30.76 -48.15
CA MET C 64 16.84 -32.07 -47.48
C MET C 64 18.22 -32.62 -47.85
N ARG C 65 18.65 -32.43 -49.10
CA ARG C 65 19.96 -32.94 -49.59
C ARG C 65 21.06 -32.21 -48.81
N MET C 66 21.01 -30.87 -48.77
CA MET C 66 22.02 -30.08 -48.04
C MET C 66 22.02 -30.47 -46.54
N LEU C 67 20.85 -30.76 -45.96
CA LEU C 67 20.77 -31.14 -44.52
C LEU C 67 21.48 -32.49 -44.32
N VAL C 68 21.26 -33.45 -45.23
CA VAL C 68 21.92 -34.78 -45.05
C VAL C 68 23.42 -34.62 -45.28
N ASP C 69 23.81 -33.78 -46.23
CA ASP C 69 25.26 -33.46 -46.44
C ASP C 69 25.85 -32.79 -45.19
N LEU C 70 25.09 -31.92 -44.51
CA LEU C 70 25.51 -31.38 -43.20
C LEU C 70 25.75 -32.53 -42.20
N ALA C 71 24.81 -33.48 -42.07
CA ALA C 71 24.95 -34.56 -41.07
C ALA C 71 26.20 -35.40 -41.39
N LYS C 72 26.47 -35.65 -42.67
CA LYS C 72 27.68 -36.43 -43.00
C LYS C 72 28.92 -35.56 -42.67
N SER C 73 28.91 -34.30 -43.05
CA SER C 73 30.03 -33.34 -42.84
C SER C 73 30.34 -33.17 -41.35
N ARG C 74 29.32 -33.17 -40.49
CA ARG C 74 29.48 -33.04 -39.02
C ARG C 74 29.74 -34.41 -38.37
N GLY C 75 29.85 -35.51 -39.14
CA GLY C 75 30.29 -36.80 -38.58
C GLY C 75 29.27 -37.49 -37.67
N VAL C 76 27.98 -37.41 -38.00
CA VAL C 76 26.88 -38.02 -37.18
C VAL C 76 27.08 -39.53 -37.06
N GLU C 77 27.41 -40.22 -38.16
CA GLU C 77 27.47 -41.71 -38.14
C GLU C 77 28.63 -42.17 -37.25
N ALA C 78 29.80 -41.56 -37.38
CA ALA C 78 30.98 -41.86 -36.54
C ALA C 78 30.62 -41.62 -35.06
N ALA C 79 29.96 -40.50 -34.72
CA ALA C 79 29.60 -40.19 -33.33
C ALA C 79 28.61 -41.25 -32.81
N ARG C 80 27.62 -41.61 -33.64
CA ARG C 80 26.64 -42.68 -33.27
C ARG C 80 27.41 -43.95 -32.89
N GLU C 81 28.37 -44.36 -33.70
CA GLU C 81 29.10 -45.64 -33.45
C GLU C 81 29.82 -45.52 -32.11
N ARG C 82 30.42 -44.38 -31.83
CA ARG C 82 31.15 -44.20 -30.54
C ARG C 82 30.16 -44.40 -29.39
N MET C 83 28.96 -43.84 -29.48
CA MET C 83 27.93 -44.05 -28.42
C MET C 83 27.65 -45.56 -28.27
N PHE C 84 27.28 -46.25 -29.34
CA PHE C 84 26.82 -47.67 -29.28
C PHE C 84 27.94 -48.63 -28.86
N ASN C 85 29.20 -48.29 -29.15
CA ASN C 85 30.36 -49.14 -28.75
C ASN C 85 30.87 -48.82 -27.34
N GLY C 86 30.23 -47.91 -26.60
CA GLY C 86 30.57 -47.66 -25.17
C GLY C 86 31.80 -46.78 -24.99
N GLU C 87 32.20 -46.00 -25.98
CA GLU C 87 33.27 -44.99 -25.82
C GLU C 87 32.77 -43.85 -24.92
N LYS C 88 33.69 -43.17 -24.24
CA LYS C 88 33.34 -42.23 -23.14
C LYS C 88 33.05 -40.86 -23.75
N ILE C 89 31.97 -40.79 -24.54
CA ILE C 89 31.60 -39.57 -25.31
C ILE C 89 31.00 -38.50 -24.39
N ASN C 90 30.65 -38.82 -23.14
CA ASN C 90 30.34 -37.80 -22.09
C ASN C 90 31.71 -37.32 -21.59
N TYR C 91 32.37 -36.48 -22.38
CA TYR C 91 33.81 -36.19 -22.20
C TYR C 91 34.06 -35.28 -20.97
N THR C 92 33.11 -34.44 -20.56
CA THR C 92 33.29 -33.53 -19.40
C THR C 92 33.24 -34.33 -18.09
N GLU C 93 32.49 -35.43 -18.05
CA GLU C 93 32.35 -36.28 -16.84
C GLU C 93 33.18 -37.55 -17.01
N GLY C 94 33.70 -37.83 -18.21
CA GLY C 94 34.48 -39.05 -18.50
C GLY C 94 33.62 -40.29 -18.37
N ARG C 95 32.44 -40.30 -18.97
CA ARG C 95 31.51 -41.46 -18.87
C ARG C 95 31.09 -41.90 -20.26
N ALA C 96 30.83 -43.21 -20.40
CA ALA C 96 30.08 -43.76 -21.55
C ALA C 96 28.66 -43.17 -21.51
N VAL C 97 27.92 -43.35 -22.59
CA VAL C 97 26.48 -42.97 -22.74
C VAL C 97 25.72 -44.19 -23.28
N LEU C 98 25.07 -44.93 -22.39
CA LEU C 98 24.65 -46.31 -22.74
C LEU C 98 23.24 -46.63 -22.21
N HIS C 99 22.30 -45.69 -22.35
CA HIS C 99 20.86 -46.05 -22.27
C HIS C 99 20.56 -47.15 -23.30
N VAL C 100 21.23 -47.15 -24.46
CA VAL C 100 20.95 -48.18 -25.52
C VAL C 100 21.34 -49.56 -24.99
N ALA C 101 22.36 -49.67 -24.13
CA ALA C 101 22.69 -50.95 -23.44
C ALA C 101 21.54 -51.43 -22.57
N LEU C 102 20.76 -50.55 -21.94
CA LEU C 102 19.73 -50.96 -20.94
C LEU C 102 18.63 -51.77 -21.64
N ARG C 103 18.40 -51.52 -22.93
CA ARG C 103 17.27 -52.15 -23.68
C ARG C 103 17.86 -52.99 -24.82
N ASN C 104 19.14 -53.37 -24.72
CA ASN C 104 19.87 -54.15 -25.75
C ASN C 104 19.39 -55.61 -25.66
N ARG C 105 18.20 -55.87 -26.19
CA ARG C 105 17.57 -57.22 -26.19
C ARG C 105 18.39 -58.21 -27.03
N SER C 106 19.20 -57.77 -28.00
CA SER C 106 20.12 -58.62 -28.80
C SER C 106 21.22 -59.25 -27.93
N ASN C 107 21.58 -58.60 -26.83
CA ASN C 107 22.65 -59.02 -25.88
C ASN C 107 24.04 -59.01 -26.55
N THR C 108 24.21 -58.35 -27.68
CA THR C 108 25.57 -58.18 -28.27
C THR C 108 26.43 -57.44 -27.25
N PRO C 109 27.67 -57.91 -27.00
CA PRO C 109 28.51 -57.27 -26.00
C PRO C 109 28.71 -55.76 -26.25
N ILE C 110 28.67 -54.98 -25.17
CA ILE C 110 29.07 -53.54 -25.17
C ILE C 110 30.10 -53.36 -24.05
N LEU C 111 31.33 -53.02 -24.41
CA LEU C 111 32.45 -53.02 -23.44
C LEU C 111 32.64 -51.60 -22.89
N VAL C 112 32.65 -51.49 -21.56
CA VAL C 112 33.13 -50.28 -20.83
C VAL C 112 34.28 -50.70 -19.91
N ASP C 113 35.42 -50.01 -20.01
CA ASP C 113 36.62 -50.28 -19.19
C ASP C 113 37.01 -51.75 -19.32
N GLY C 114 36.92 -52.28 -20.54
CA GLY C 114 37.26 -53.67 -20.92
C GLY C 114 36.33 -54.75 -20.38
N LYS C 115 35.11 -54.44 -19.92
CA LYS C 115 34.13 -55.48 -19.48
C LYS C 115 32.76 -55.29 -20.15
N ASP C 116 32.13 -56.38 -20.56
CA ASP C 116 30.77 -56.33 -21.14
C ASP C 116 29.83 -55.80 -20.06
N VAL C 117 28.98 -54.80 -20.36
CA VAL C 117 27.99 -54.28 -19.35
C VAL C 117 26.75 -55.20 -19.32
N MET C 118 26.54 -56.02 -20.35
CA MET C 118 25.23 -56.68 -20.59
C MET C 118 24.90 -57.70 -19.50
N PRO C 119 25.85 -58.52 -18.99
CA PRO C 119 25.54 -59.37 -17.84
C PRO C 119 24.97 -58.63 -16.61
N GLU C 120 25.48 -57.42 -16.33
CA GLU C 120 25.00 -56.62 -15.16
C GLU C 120 23.61 -56.05 -15.47
N VAL C 121 23.43 -55.52 -16.65
CA VAL C 121 22.09 -55.02 -17.11
C VAL C 121 21.07 -56.13 -16.90
N ASN C 122 21.37 -57.34 -17.39
CA ASN C 122 20.40 -58.48 -17.40
C ASN C 122 20.20 -58.98 -15.98
N LYS C 123 21.23 -58.94 -15.14
CA LYS C 123 21.08 -59.39 -13.73
C LYS C 123 20.06 -58.51 -13.02
N VAL C 124 20.15 -57.20 -13.18
CA VAL C 124 19.19 -56.27 -12.52
C VAL C 124 17.80 -56.47 -13.13
N LEU C 125 17.70 -56.70 -14.46
CA LEU C 125 16.37 -56.93 -15.10
C LEU C 125 15.73 -58.19 -14.50
N ASP C 126 16.53 -59.24 -14.29
CA ASP C 126 16.05 -60.50 -13.67
C ASP C 126 15.55 -60.22 -12.26
N LYS C 127 16.33 -59.46 -11.49
CA LYS C 127 15.93 -59.07 -10.11
C LYS C 127 14.64 -58.24 -10.15
N MET C 128 14.53 -57.28 -11.07
CA MET C 128 13.27 -56.50 -11.22
C MET C 128 12.11 -57.45 -11.50
N LYS C 129 12.32 -58.44 -12.37
CA LYS C 129 11.23 -59.36 -12.81
C LYS C 129 10.80 -60.22 -11.62
N SER C 130 11.74 -60.75 -10.84
CA SER C 130 11.37 -61.55 -9.64
C SER C 130 10.57 -60.67 -8.67
N PHE C 131 11.05 -59.46 -8.39
CA PHE C 131 10.39 -58.58 -7.38
C PHE C 131 8.96 -58.24 -7.85
N CYS C 132 8.79 -57.91 -9.12
CA CYS C 132 7.47 -57.57 -9.71
C CYS C 132 6.49 -58.72 -9.55
N GLN C 133 6.89 -59.94 -9.90
CA GLN C 133 6.05 -61.15 -9.71
C GLN C 133 5.64 -61.27 -8.24
N ARG C 134 6.59 -61.13 -7.31
CA ARG C 134 6.34 -61.28 -5.85
C ARG C 134 5.35 -60.21 -5.37
N VAL C 135 5.56 -58.93 -5.72
CA VAL C 135 4.64 -57.85 -5.26
C VAL C 135 3.26 -58.06 -5.91
N ARG C 136 3.21 -58.23 -7.22
CA ARG C 136 1.91 -58.18 -7.96
C ARG C 136 1.10 -59.42 -7.63
N SER C 137 1.74 -60.57 -7.41
CA SER C 137 1.03 -61.84 -7.10
C SER C 137 0.45 -61.77 -5.69
N GLY C 138 0.94 -60.86 -4.84
CA GLY C 138 0.53 -60.82 -3.42
C GLY C 138 1.45 -61.68 -2.55
N ASP C 139 2.50 -62.23 -3.13
CA ASP C 139 3.52 -63.08 -2.43
C ASP C 139 4.26 -62.25 -1.40
N TRP C 140 4.70 -61.04 -1.81
CA TRP C 140 5.45 -60.07 -0.96
C TRP C 140 4.46 -59.41 -0.01
N LYS C 141 4.64 -59.56 1.31
CA LYS C 141 3.65 -59.09 2.31
C LYS C 141 4.21 -57.93 3.12
N GLY C 142 3.33 -57.02 3.49
CA GLY C 142 3.69 -55.91 4.39
C GLY C 142 3.89 -56.43 5.80
N TYR C 143 4.12 -55.51 6.73
CA TYR C 143 4.55 -55.81 8.12
C TYR C 143 3.39 -56.41 8.94
N THR C 144 2.15 -56.33 8.47
CA THR C 144 0.98 -56.97 9.11
C THR C 144 0.44 -58.10 8.24
N GLY C 145 1.20 -58.50 7.20
CA GLY C 145 0.82 -59.65 6.35
C GLY C 145 -0.15 -59.29 5.23
N LYS C 146 -0.29 -58.02 4.88
CA LYS C 146 -1.20 -57.63 3.76
C LYS C 146 -0.43 -57.52 2.43
N THR C 147 -1.16 -57.60 1.33
CA THR C 147 -0.59 -57.43 -0.03
C THR C 147 -0.40 -55.93 -0.30
N ILE C 148 0.58 -55.59 -1.12
CA ILE C 148 0.92 -54.20 -1.48
C ILE C 148 -0.16 -53.69 -2.43
N THR C 149 -0.85 -52.61 -2.09
CA THR C 149 -1.91 -52.00 -2.92
C THR C 149 -1.41 -50.70 -3.59
N ASP C 150 -0.31 -50.13 -3.09
CA ASP C 150 0.14 -48.76 -3.43
C ASP C 150 1.66 -48.78 -3.47
N VAL C 151 2.21 -48.34 -4.60
CA VAL C 151 3.67 -48.11 -4.79
C VAL C 151 3.88 -46.60 -4.89
N ILE C 152 4.87 -46.08 -4.16
CA ILE C 152 5.20 -44.65 -4.12
C ILE C 152 6.64 -44.48 -4.56
N ASN C 153 6.83 -43.89 -5.74
CA ASN C 153 8.16 -43.51 -6.24
C ASN C 153 8.52 -42.19 -5.59
N ILE C 154 9.64 -42.14 -4.88
CA ILE C 154 10.22 -40.87 -4.36
C ILE C 154 11.53 -40.61 -5.10
N GLY C 155 11.54 -39.53 -5.86
CA GLY C 155 12.68 -39.10 -6.67
C GLY C 155 12.30 -37.87 -7.44
N ILE C 156 13.29 -37.20 -8.01
CA ILE C 156 13.06 -35.94 -8.73
C ILE C 156 13.83 -35.98 -10.05
N GLY C 157 13.39 -35.16 -11.01
CA GLY C 157 13.98 -35.01 -12.35
C GLY C 157 14.01 -36.35 -13.06
N GLY C 158 15.19 -36.77 -13.48
CA GLY C 158 15.39 -38.04 -14.18
C GLY C 158 14.90 -39.23 -13.37
N SER C 159 14.86 -39.14 -12.04
CA SER C 159 14.42 -40.26 -11.18
C SER C 159 12.91 -40.20 -10.93
N ASP C 160 12.19 -39.34 -11.65
CA ASP C 160 10.73 -39.11 -11.49
C ASP C 160 10.00 -39.15 -12.84
N LEU C 161 10.37 -38.26 -13.78
CA LEU C 161 9.45 -37.83 -14.89
C LEU C 161 9.23 -38.96 -15.92
N GLY C 162 10.27 -39.72 -16.24
CA GLY C 162 10.20 -40.88 -17.12
C GLY C 162 9.13 -41.88 -16.67
N PRO C 163 9.29 -42.50 -15.48
CA PRO C 163 8.30 -43.43 -14.96
C PRO C 163 6.90 -42.82 -14.81
N LEU C 164 6.79 -41.55 -14.39
CA LEU C 164 5.47 -40.86 -14.30
C LEU C 164 4.85 -40.81 -15.71
N MET C 165 5.59 -40.31 -16.71
CA MET C 165 5.05 -40.15 -18.07
C MET C 165 4.64 -41.53 -18.62
N VAL C 166 5.45 -42.58 -18.43
CA VAL C 166 5.17 -43.91 -19.04
C VAL C 166 3.97 -44.54 -18.33
N THR C 167 3.89 -44.46 -16.99
CA THR C 167 2.75 -45.08 -16.24
C THR C 167 1.46 -44.33 -16.56
N GLU C 168 1.52 -43.02 -16.79
CA GLU C 168 0.33 -42.27 -17.31
C GLU C 168 -0.02 -42.79 -18.71
N ALA C 169 0.98 -42.90 -19.59
CA ALA C 169 0.76 -43.29 -20.99
C ALA C 169 0.23 -44.73 -21.10
N LEU C 170 0.66 -45.63 -20.20
CA LEU C 170 0.31 -47.07 -20.29
C LEU C 170 -0.71 -47.44 -19.21
N LYS C 171 -1.50 -46.48 -18.75
CA LYS C 171 -2.51 -46.69 -17.68
C LYS C 171 -3.46 -47.85 -18.05
N PRO C 172 -3.89 -48.07 -19.32
CA PRO C 172 -4.78 -49.20 -19.59
C PRO C 172 -4.15 -50.59 -19.34
N TYR C 173 -2.82 -50.68 -19.20
CA TYR C 173 -2.10 -51.96 -19.03
C TYR C 173 -1.86 -52.27 -17.54
N SER C 174 -2.44 -51.49 -16.63
CA SER C 174 -2.16 -51.55 -15.17
C SER C 174 -3.27 -52.29 -14.42
N SER C 175 -4.22 -52.94 -15.09
CA SER C 175 -5.24 -53.78 -14.40
C SER C 175 -4.51 -54.91 -13.65
N GLY C 176 -4.85 -55.10 -12.37
CA GLY C 176 -4.23 -56.10 -11.50
C GLY C 176 -2.89 -55.64 -10.96
N GLY C 177 -2.48 -54.40 -11.24
CA GLY C 177 -1.24 -53.82 -10.70
C GLY C 177 -1.56 -52.95 -9.51
N PRO C 178 -0.61 -52.70 -8.60
CA PRO C 178 -0.85 -51.74 -7.52
C PRO C 178 -1.00 -50.33 -8.11
N ARG C 179 -1.65 -49.45 -7.35
CA ARG C 179 -1.70 -47.99 -7.67
C ARG C 179 -0.27 -47.44 -7.56
N VAL C 180 0.04 -46.48 -8.41
CA VAL C 180 1.40 -45.86 -8.41
C VAL C 180 1.25 -44.36 -8.12
N TRP C 181 2.15 -43.83 -7.27
CA TRP C 181 2.22 -42.42 -6.84
C TRP C 181 3.64 -41.90 -7.06
N TYR C 182 3.75 -40.65 -7.47
CA TYR C 182 5.06 -40.00 -7.71
C TYR C 182 5.16 -38.80 -6.79
N VAL C 183 6.12 -38.87 -5.87
CA VAL C 183 6.48 -37.78 -4.95
C VAL C 183 7.85 -37.29 -5.41
N SER C 184 7.95 -36.02 -5.75
CA SER C 184 9.19 -35.45 -6.33
C SER C 184 9.59 -34.15 -5.65
N ASN C 185 8.66 -33.18 -5.60
CA ASN C 185 8.92 -31.82 -5.10
C ASN C 185 9.37 -31.91 -3.62
N ILE C 186 10.33 -31.09 -3.23
CA ILE C 186 10.63 -30.90 -1.78
C ILE C 186 9.41 -30.27 -1.10
N ASP C 187 8.68 -29.44 -1.83
CA ASP C 187 7.45 -28.81 -1.29
C ASP C 187 6.68 -29.89 -0.53
N GLY C 188 6.54 -29.72 0.78
CA GLY C 188 5.99 -30.74 1.69
C GLY C 188 4.55 -31.04 1.38
N THR C 189 3.88 -30.16 0.64
CA THR C 189 2.55 -30.49 0.05
C THR C 189 2.61 -31.87 -0.64
N HIS C 190 3.67 -32.15 -1.40
CA HIS C 190 3.68 -33.33 -2.29
C HIS C 190 3.63 -34.60 -1.45
N ILE C 191 4.58 -34.79 -0.53
CA ILE C 191 4.57 -35.98 0.36
C ILE C 191 3.36 -35.93 1.29
N ALA C 192 3.02 -34.76 1.86
CA ALA C 192 1.94 -34.71 2.88
C ALA C 192 0.63 -35.19 2.28
N LYS C 193 0.24 -34.70 1.10
CA LYS C 193 -1.10 -35.03 0.56
C LYS C 193 -1.08 -36.47 0.03
N THR C 194 0.08 -36.99 -0.34
CA THR C 194 0.21 -38.41 -0.79
C THR C 194 0.03 -39.32 0.44
N LEU C 195 0.76 -39.06 1.53
CA LEU C 195 0.76 -39.96 2.71
C LEU C 195 -0.64 -39.96 3.32
N ALA C 196 -1.37 -38.84 3.25
CA ALA C 196 -2.71 -38.73 3.86
C ALA C 196 -3.68 -39.72 3.22
N GLN C 197 -3.36 -40.27 2.04
CA GLN C 197 -4.26 -41.19 1.30
C GLN C 197 -3.80 -42.66 1.42
N LEU C 198 -2.69 -42.92 2.11
CA LEU C 198 -2.09 -44.28 2.11
C LEU C 198 -2.29 -45.00 3.45
N ASN C 199 -2.31 -46.32 3.39
CA ASN C 199 -2.26 -47.22 4.57
C ASN C 199 -0.84 -47.74 4.68
N PRO C 200 -0.13 -47.48 5.80
CA PRO C 200 1.24 -47.96 5.95
C PRO C 200 1.36 -49.48 5.81
N GLU C 201 0.29 -50.23 6.08
CA GLU C 201 0.31 -51.70 6.03
C GLU C 201 0.48 -52.20 4.59
N SER C 202 0.10 -51.41 3.58
CA SER C 202 0.00 -51.90 2.18
C SER C 202 0.73 -50.96 1.21
N SER C 203 1.65 -50.14 1.71
CA SER C 203 2.35 -49.15 0.87
C SER C 203 3.81 -49.54 0.73
N LEU C 204 4.29 -49.60 -0.51
CA LEU C 204 5.71 -49.86 -0.81
C LEU C 204 6.33 -48.57 -1.37
N PHE C 205 7.39 -48.09 -0.72
CA PHE C 205 8.19 -46.90 -1.09
C PHE C 205 9.42 -47.32 -1.89
N ILE C 206 9.59 -46.64 -3.01
CA ILE C 206 10.76 -46.80 -3.89
C ILE C 206 11.56 -45.50 -3.81
N ILE C 207 12.77 -45.57 -3.27
CA ILE C 207 13.64 -44.37 -3.21
C ILE C 207 14.55 -44.41 -4.44
N ALA C 208 14.27 -43.53 -5.40
CA ALA C 208 14.88 -43.50 -6.73
C ALA C 208 15.90 -42.37 -6.75
N SER C 209 17.19 -42.72 -6.67
CA SER C 209 18.27 -41.71 -6.70
C SER C 209 19.59 -42.33 -7.19
N LYS C 210 20.01 -41.98 -8.40
CA LYS C 210 21.33 -42.31 -8.96
C LYS C 210 22.43 -42.07 -7.90
N THR C 211 22.51 -40.87 -7.33
CA THR C 211 23.59 -40.49 -6.35
C THR C 211 23.19 -40.94 -4.94
N PHE C 212 21.90 -41.01 -4.65
CA PHE C 212 21.34 -41.20 -3.29
C PHE C 212 21.76 -40.07 -2.33
N THR C 213 22.08 -38.89 -2.85
CA THR C 213 22.38 -37.70 -2.01
C THR C 213 21.41 -36.55 -2.29
N THR C 214 20.56 -36.61 -3.32
CA THR C 214 19.74 -35.44 -3.70
C THR C 214 18.88 -34.99 -2.51
N GLN C 215 18.91 -33.69 -2.18
CA GLN C 215 18.29 -33.19 -0.93
C GLN C 215 16.78 -33.45 -1.00
N GLU C 216 16.14 -33.14 -2.13
CA GLU C 216 14.66 -33.31 -2.24
C GLU C 216 14.33 -34.76 -1.90
N THR C 217 15.02 -35.71 -2.52
CA THR C 217 14.63 -37.15 -2.46
C THR C 217 14.97 -37.71 -1.09
N ILE C 218 16.16 -37.41 -0.57
CA ILE C 218 16.52 -37.95 0.78
C ILE C 218 15.59 -37.36 1.86
N THR C 219 15.27 -36.06 1.78
CA THR C 219 14.35 -35.45 2.75
C THR C 219 12.97 -36.11 2.62
N ASN C 220 12.43 -36.22 1.41
CA ASN C 220 11.12 -36.90 1.21
C ASN C 220 11.17 -38.35 1.77
N ALA C 221 12.25 -39.08 1.50
CA ALA C 221 12.43 -40.49 1.93
C ALA C 221 12.39 -40.58 3.46
N GLU C 222 13.15 -39.70 4.13
CA GLU C 222 13.17 -39.64 5.61
C GLU C 222 11.79 -39.31 6.13
N THR C 223 11.08 -38.39 5.49
CA THR C 223 9.71 -38.03 5.94
C THR C 223 8.82 -39.25 5.81
N ALA C 224 8.89 -39.96 4.69
CA ALA C 224 8.09 -41.20 4.49
C ALA C 224 8.47 -42.24 5.55
N LYS C 225 9.77 -42.43 5.77
CA LYS C 225 10.24 -43.46 6.75
C LYS C 225 9.73 -43.12 8.15
N GLU C 226 9.78 -41.85 8.54
CA GLU C 226 9.30 -41.40 9.86
C GLU C 226 7.80 -41.69 9.97
N TRP C 227 7.01 -41.36 8.94
CA TRP C 227 5.54 -41.61 8.91
C TRP C 227 5.28 -43.12 9.04
N PHE C 228 6.01 -43.92 8.28
CA PHE C 228 5.86 -45.39 8.30
C PHE C 228 6.15 -45.92 9.70
N LEU C 229 7.27 -45.50 10.29
CA LEU C 229 7.72 -46.01 11.62
C LEU C 229 6.74 -45.56 12.69
N GLN C 230 6.06 -44.42 12.52
CA GLN C 230 5.08 -43.95 13.54
C GLN C 230 3.96 -44.98 13.61
N ALA C 231 3.62 -45.67 12.51
CA ALA C 231 2.58 -46.72 12.50
C ALA C 231 3.20 -48.09 12.84
N ALA C 232 4.36 -48.42 12.27
CA ALA C 232 4.97 -49.79 12.39
C ALA C 232 5.80 -49.94 13.69
N LYS C 233 6.49 -48.87 14.12
CA LYS C 233 7.27 -48.78 15.38
C LYS C 233 8.55 -49.63 15.28
N ASP C 234 8.48 -50.80 14.66
CA ASP C 234 9.60 -51.77 14.58
C ASP C 234 10.47 -51.46 13.35
N PRO C 235 11.73 -51.00 13.51
CA PRO C 235 12.59 -50.68 12.38
C PRO C 235 12.92 -51.84 11.41
N SER C 236 12.68 -53.09 11.81
CA SER C 236 12.85 -54.26 10.91
C SER C 236 11.73 -54.28 9.85
N ALA C 237 10.58 -53.61 10.09
CA ALA C 237 9.45 -53.56 9.13
C ALA C 237 9.86 -52.80 7.87
N VAL C 238 10.85 -51.91 7.98
CA VAL C 238 11.35 -51.09 6.85
C VAL C 238 11.75 -51.98 5.68
N ALA C 239 12.33 -53.16 5.93
CA ALA C 239 12.82 -54.08 4.87
C ALA C 239 11.66 -54.64 4.04
N LYS C 240 10.42 -54.55 4.52
CA LYS C 240 9.24 -55.00 3.74
C LYS C 240 8.61 -53.85 2.95
N HIS C 241 9.00 -52.59 3.21
CA HIS C 241 8.24 -51.43 2.66
C HIS C 241 9.13 -50.39 1.98
N PHE C 242 10.45 -50.53 2.01
CA PHE C 242 11.38 -49.58 1.32
C PHE C 242 12.38 -50.35 0.46
N VAL C 243 12.45 -49.98 -0.82
CA VAL C 243 13.50 -50.42 -1.77
C VAL C 243 14.15 -49.18 -2.32
N ALA C 244 15.35 -49.37 -2.86
CA ALA C 244 16.18 -48.28 -3.41
C ALA C 244 16.57 -48.62 -4.83
N LEU C 245 16.55 -47.60 -5.70
CA LEU C 245 17.11 -47.68 -7.06
C LEU C 245 18.28 -46.72 -7.11
N SER C 246 19.51 -47.21 -7.20
CA SER C 246 20.70 -46.34 -7.03
C SER C 246 21.97 -46.93 -7.65
N THR C 247 23.01 -46.08 -7.74
CA THR C 247 24.40 -46.47 -8.11
C THR C 247 25.29 -46.54 -6.85
N ASN C 248 24.77 -46.16 -5.69
CA ASN C 248 25.61 -46.01 -4.47
C ASN C 248 25.10 -46.93 -3.36
N THR C 249 25.61 -48.16 -3.29
CA THR C 249 25.26 -49.17 -2.23
C THR C 249 25.57 -48.65 -0.82
N THR C 250 26.69 -47.96 -0.64
CA THR C 250 27.10 -47.42 0.69
C THR C 250 26.00 -46.50 1.22
N LYS C 251 25.64 -45.46 0.46
CA LYS C 251 24.64 -44.43 0.86
C LYS C 251 23.28 -45.11 1.10
N VAL C 252 22.93 -46.16 0.34
CA VAL C 252 21.62 -46.87 0.54
C VAL C 252 21.67 -47.53 1.90
N LYS C 253 22.80 -48.17 2.22
CA LYS C 253 22.97 -48.94 3.46
C LYS C 253 22.92 -47.93 4.63
N GLU C 254 23.64 -46.80 4.52
CA GLU C 254 23.64 -45.72 5.53
C GLU C 254 22.21 -45.26 5.82
N PHE C 255 21.36 -45.15 4.78
CA PHE C 255 19.96 -44.66 4.92
C PHE C 255 19.09 -45.69 5.66
N GLY C 256 19.50 -46.95 5.69
CA GLY C 256 18.81 -48.02 6.45
C GLY C 256 18.04 -48.96 5.54
N ILE C 257 18.35 -48.98 4.25
CA ILE C 257 17.69 -49.94 3.33
C ILE C 257 18.60 -51.16 3.23
N ASP C 258 18.00 -52.33 3.42
CA ASP C 258 18.61 -53.66 3.23
C ASP C 258 19.28 -53.69 1.85
N PRO C 259 20.58 -54.03 1.74
CA PRO C 259 21.23 -54.11 0.42
C PRO C 259 20.59 -55.11 -0.55
N GLN C 260 19.85 -56.12 -0.06
CA GLN C 260 19.00 -57.02 -0.90
C GLN C 260 17.97 -56.20 -1.69
N ASN C 261 17.51 -55.08 -1.13
CA ASN C 261 16.38 -54.25 -1.64
C ASN C 261 16.96 -53.12 -2.48
N MET C 262 18.18 -53.23 -2.96
CA MET C 262 18.78 -52.23 -3.85
C MET C 262 18.76 -52.75 -5.29
N PHE C 263 18.20 -51.97 -6.21
CA PHE C 263 18.20 -52.28 -7.64
C PHE C 263 19.18 -51.33 -8.29
N GLU C 264 20.27 -51.88 -8.80
CA GLU C 264 21.46 -51.09 -9.18
C GLU C 264 21.35 -50.59 -10.61
N PHE C 265 21.93 -49.43 -10.90
CA PHE C 265 22.27 -49.00 -12.28
C PHE C 265 23.66 -48.34 -12.24
N TRP C 266 24.06 -47.65 -13.31
CA TRP C 266 25.48 -47.36 -13.61
C TRP C 266 25.65 -45.89 -14.00
N ASP C 267 26.89 -45.41 -13.88
CA ASP C 267 27.27 -44.02 -14.16
C ASP C 267 26.85 -43.64 -15.57
N TRP C 268 26.88 -44.58 -16.52
CA TRP C 268 26.68 -44.28 -17.97
C TRP C 268 25.17 -44.20 -18.32
N VAL C 269 24.31 -44.27 -17.29
CA VAL C 269 22.84 -44.08 -17.41
C VAL C 269 22.52 -42.65 -16.95
N GLY C 270 22.38 -41.73 -17.89
CA GLY C 270 21.91 -40.36 -17.61
C GLY C 270 20.53 -40.41 -16.95
N GLY C 271 20.26 -39.52 -15.99
CA GLY C 271 18.96 -39.47 -15.30
C GLY C 271 17.81 -39.33 -16.29
N ARG C 272 17.98 -38.44 -17.27
CA ARG C 272 16.91 -38.13 -18.28
C ARG C 272 16.81 -39.26 -19.32
N TYR C 273 17.65 -40.29 -19.21
CA TYR C 273 17.62 -41.50 -20.10
C TYR C 273 17.53 -42.74 -19.22
N SER C 274 16.98 -42.63 -18.02
CA SER C 274 17.12 -43.70 -17.00
C SER C 274 15.87 -44.55 -16.84
N LEU C 275 14.73 -44.24 -17.46
CA LEU C 275 13.49 -45.05 -17.20
C LEU C 275 13.66 -46.51 -17.68
N TRP C 276 14.61 -46.77 -18.57
CA TRP C 276 14.92 -48.11 -19.14
C TRP C 276 15.67 -48.99 -18.13
N SER C 277 16.20 -48.38 -17.07
CA SER C 277 17.04 -49.00 -16.02
C SER C 277 16.15 -49.41 -14.87
N ALA C 278 16.78 -49.71 -13.74
CA ALA C 278 16.11 -49.96 -12.43
C ALA C 278 15.15 -48.81 -12.10
N ILE C 279 15.44 -47.59 -12.58
CA ILE C 279 14.58 -46.40 -12.33
C ILE C 279 13.15 -46.74 -12.79
N GLY C 280 13.01 -47.59 -13.80
CA GLY C 280 11.71 -47.99 -14.35
C GLY C 280 10.99 -49.01 -13.51
N LEU C 281 11.45 -49.31 -12.29
CA LEU C 281 10.80 -50.36 -11.46
C LEU C 281 9.32 -50.02 -11.21
N SER C 282 8.97 -48.76 -10.99
CA SER C 282 7.55 -48.39 -10.72
C SER C 282 6.72 -48.66 -11.98
N ILE C 283 7.32 -48.58 -13.17
CA ILE C 283 6.60 -48.93 -14.44
C ILE C 283 6.29 -50.42 -14.41
N ALA C 284 7.30 -51.25 -14.14
CA ALA C 284 7.16 -52.72 -14.18
C ALA C 284 6.17 -53.15 -13.10
N LEU C 285 6.18 -52.52 -11.92
CA LEU C 285 5.23 -52.94 -10.87
C LEU C 285 3.80 -52.61 -11.33
N HIS C 286 3.59 -51.46 -11.97
CA HIS C 286 2.24 -50.92 -12.30
C HIS C 286 1.63 -51.73 -13.46
N VAL C 287 2.39 -51.95 -14.53
CA VAL C 287 1.84 -52.59 -15.76
C VAL C 287 2.43 -53.98 -15.98
N GLY C 288 3.27 -54.46 -15.06
CA GLY C 288 3.83 -55.81 -15.16
C GLY C 288 5.14 -55.81 -15.91
N PHE C 289 6.00 -56.74 -15.54
CA PHE C 289 7.36 -56.83 -16.14
C PHE C 289 7.26 -57.16 -17.65
N ASP C 290 6.28 -57.95 -18.08
CA ASP C 290 6.15 -58.32 -19.52
C ASP C 290 5.95 -57.03 -20.34
N ASN C 291 5.10 -56.13 -19.85
CA ASN C 291 4.83 -54.84 -20.54
C ASN C 291 6.11 -53.97 -20.52
N PHE C 292 6.88 -54.05 -19.44
CA PHE C 292 8.14 -53.30 -19.32
C PHE C 292 9.12 -53.80 -20.38
N GLU C 293 9.25 -55.11 -20.54
CA GLU C 293 10.12 -55.73 -21.58
C GLU C 293 9.66 -55.31 -22.98
N GLN C 294 8.35 -55.27 -23.24
CA GLN C 294 7.83 -54.76 -24.53
C GLN C 294 8.27 -53.30 -24.77
N LEU C 295 8.22 -52.46 -23.73
CA LEU C 295 8.68 -51.05 -23.80
C LEU C 295 10.17 -51.01 -24.16
N LEU C 296 11.01 -51.78 -23.47
CA LEU C 296 12.48 -51.88 -23.82
C LEU C 296 12.64 -52.38 -25.28
N SER C 297 11.84 -53.34 -25.71
CA SER C 297 11.94 -53.93 -27.06
C SER C 297 11.64 -52.86 -28.11
N GLY C 298 10.65 -52.01 -27.86
CA GLY C 298 10.30 -50.92 -28.80
C GLY C 298 11.49 -50.00 -28.95
N ALA C 299 12.09 -49.63 -27.83
CA ALA C 299 13.26 -48.75 -27.82
C ALA C 299 14.39 -49.44 -28.57
N HIS C 300 14.56 -50.73 -28.35
CA HIS C 300 15.61 -51.53 -29.06
C HIS C 300 15.38 -51.50 -30.58
N TRP C 301 14.14 -51.70 -31.04
CA TRP C 301 13.81 -51.59 -32.48
C TRP C 301 14.28 -50.25 -33.03
N MET C 302 13.98 -49.16 -32.33
CA MET C 302 14.29 -47.81 -32.84
C MET C 302 15.82 -47.56 -32.78
N ASP C 303 16.50 -48.12 -31.79
CA ASP C 303 17.99 -48.08 -31.69
C ASP C 303 18.58 -48.69 -32.95
N GLN C 304 18.05 -49.84 -33.36
CA GLN C 304 18.57 -50.58 -34.54
C GLN C 304 18.21 -49.81 -35.81
N HIS C 305 16.98 -49.30 -35.92
CA HIS C 305 16.56 -48.45 -37.06
C HIS C 305 17.58 -47.31 -37.17
N PHE C 306 17.88 -46.63 -36.04
CA PHE C 306 18.78 -45.47 -36.00
C PHE C 306 20.17 -45.92 -36.47
N ARG C 307 20.62 -47.08 -36.01
CA ARG C 307 21.99 -47.55 -36.28
C ARG C 307 22.18 -48.00 -37.75
N THR C 308 21.14 -48.53 -38.40
CA THR C 308 21.30 -49.33 -39.64
C THR C 308 20.73 -48.59 -40.85
N THR C 309 20.00 -47.49 -40.66
CA THR C 309 19.28 -46.86 -41.79
C THR C 309 20.12 -45.76 -42.41
N PRO C 310 20.29 -45.74 -43.74
CA PRO C 310 20.93 -44.60 -44.41
C PRO C 310 20.31 -43.27 -43.97
N LEU C 311 21.17 -42.26 -43.78
CA LEU C 311 20.80 -40.97 -43.14
C LEU C 311 19.54 -40.37 -43.78
N GLU C 312 19.40 -40.45 -45.10
CA GLU C 312 18.29 -39.78 -45.83
C GLU C 312 16.95 -40.49 -45.56
N LYS C 313 16.92 -41.64 -44.89
CA LYS C 313 15.66 -42.36 -44.59
C LYS C 313 15.59 -42.68 -43.11
N ASN C 314 16.47 -42.08 -42.32
CA ASN C 314 16.65 -42.36 -40.87
C ASN C 314 15.77 -41.40 -40.05
N ALA C 315 14.74 -41.90 -39.35
CA ALA C 315 13.68 -41.06 -38.76
C ALA C 315 14.27 -40.06 -37.75
N PRO C 316 14.98 -40.48 -36.68
CA PRO C 316 15.52 -39.53 -35.72
C PRO C 316 16.45 -38.52 -36.39
N VAL C 317 17.17 -38.94 -37.42
CA VAL C 317 18.12 -38.03 -38.13
C VAL C 317 17.32 -36.94 -38.86
N LEU C 318 16.27 -37.32 -39.58
CA LEU C 318 15.48 -36.33 -40.37
C LEU C 318 14.79 -35.34 -39.40
N LEU C 319 14.20 -35.84 -38.32
CA LEU C 319 13.59 -34.97 -37.27
C LEU C 319 14.65 -33.98 -36.76
N ALA C 320 15.87 -34.46 -36.49
CA ALA C 320 16.96 -33.62 -35.96
C ALA C 320 17.30 -32.53 -36.96
N LEU C 321 17.43 -32.91 -38.25
CA LEU C 321 17.87 -31.96 -39.29
C LEU C 321 16.78 -30.91 -39.54
N LEU C 322 15.50 -31.30 -39.55
CA LEU C 322 14.41 -30.31 -39.70
C LEU C 322 14.52 -29.29 -38.56
N GLY C 323 14.81 -29.74 -37.33
CA GLY C 323 15.06 -28.86 -36.18
C GLY C 323 16.21 -27.90 -36.46
N ILE C 324 17.32 -28.42 -36.98
CA ILE C 324 18.51 -27.58 -37.27
C ILE C 324 18.10 -26.49 -38.25
N TRP C 325 17.37 -26.85 -39.31
CA TRP C 325 16.84 -25.92 -40.33
C TRP C 325 16.10 -24.77 -39.64
N TYR C 326 15.20 -25.09 -38.72
CA TYR C 326 14.34 -24.06 -38.07
C TYR C 326 15.12 -23.27 -37.01
N ILE C 327 16.03 -23.91 -36.30
CA ILE C 327 16.79 -23.23 -35.23
C ILE C 327 17.89 -22.36 -35.85
N ASN C 328 18.70 -22.91 -36.76
CA ASN C 328 19.98 -22.26 -37.16
C ASN C 328 19.80 -21.46 -38.45
N CYS C 329 18.74 -21.67 -39.21
CA CYS C 329 18.48 -20.82 -40.41
C CYS C 329 17.30 -19.89 -40.12
N PHE C 330 16.17 -20.44 -39.68
CA PHE C 330 14.97 -19.61 -39.41
C PHE C 330 15.09 -18.87 -38.06
N GLY C 331 15.92 -19.32 -37.12
CA GLY C 331 16.02 -18.68 -35.79
C GLY C 331 14.82 -18.92 -34.87
N CYS C 332 14.07 -20.02 -35.02
CA CYS C 332 12.93 -20.40 -34.11
C CYS C 332 13.48 -20.82 -32.74
N GLU C 333 13.06 -20.15 -31.69
CA GLU C 333 13.51 -20.43 -30.31
C GLU C 333 12.87 -21.72 -29.80
N THR C 334 11.65 -22.06 -30.24
CA THR C 334 10.85 -23.10 -29.56
C THR C 334 10.52 -24.25 -30.52
N HIS C 335 10.12 -25.36 -29.92
CA HIS C 335 9.56 -26.54 -30.62
C HIS C 335 8.40 -27.08 -29.80
N ALA C 336 7.20 -27.15 -30.37
CA ALA C 336 6.00 -27.61 -29.66
C ALA C 336 5.74 -29.09 -29.98
N MET C 337 5.36 -29.85 -28.95
CA MET C 337 5.05 -31.28 -29.07
C MET C 337 3.61 -31.45 -28.61
N LEU C 338 2.76 -31.88 -29.52
CA LEU C 338 1.27 -31.81 -29.38
C LEU C 338 0.69 -33.19 -29.65
N PRO C 339 0.75 -34.09 -28.66
CA PRO C 339 0.18 -35.42 -28.84
C PRO C 339 -1.34 -35.33 -28.69
N TYR C 340 -2.08 -35.85 -29.66
CA TYR C 340 -3.57 -35.94 -29.65
C TYR C 340 -3.91 -37.24 -28.93
N ASP C 341 -3.61 -37.25 -27.64
CA ASP C 341 -3.75 -38.46 -26.82
C ASP C 341 -3.68 -38.03 -25.37
N GLN C 342 -4.78 -38.23 -24.65
CA GLN C 342 -4.85 -37.80 -23.24
C GLN C 342 -3.82 -38.61 -22.42
N TYR C 343 -3.59 -39.88 -22.76
CA TYR C 343 -2.64 -40.73 -22.01
C TYR C 343 -1.23 -40.15 -22.12
N LEU C 344 -0.91 -39.44 -23.21
CA LEU C 344 0.41 -38.81 -23.37
C LEU C 344 0.42 -37.37 -22.81
N HIS C 345 -0.39 -37.06 -21.80
CA HIS C 345 -0.46 -35.68 -21.24
C HIS C 345 0.84 -35.27 -20.55
N ARG C 346 1.76 -36.19 -20.26
CA ARG C 346 3.07 -35.79 -19.65
C ARG C 346 4.20 -35.96 -20.65
N PHE C 347 3.90 -36.28 -21.89
CA PHE C 347 4.90 -36.58 -22.93
C PHE C 347 5.68 -35.32 -23.33
N ALA C 348 5.02 -34.19 -23.61
CA ALA C 348 5.76 -32.92 -23.87
C ALA C 348 6.61 -32.53 -22.65
N ALA C 349 6.11 -32.68 -21.43
CA ALA C 349 6.89 -32.28 -20.23
C ALA C 349 8.13 -33.17 -20.10
N TYR C 350 8.01 -34.45 -20.41
CA TYR C 350 9.16 -35.39 -20.38
C TYR C 350 10.25 -34.92 -21.34
N PHE C 351 9.91 -34.58 -22.59
CA PHE C 351 10.93 -34.16 -23.59
C PHE C 351 11.35 -32.72 -23.37
N GLN C 352 10.56 -31.96 -22.62
CA GLN C 352 11.01 -30.64 -22.14
C GLN C 352 12.27 -30.85 -21.31
N GLN C 353 12.27 -31.87 -20.46
CA GLN C 353 13.50 -32.20 -19.69
C GLN C 353 14.53 -32.83 -20.64
N GLY C 354 14.17 -33.89 -21.37
CA GLY C 354 15.12 -34.66 -22.20
C GLY C 354 15.82 -33.80 -23.23
N ASP C 355 15.10 -32.92 -23.91
CA ASP C 355 15.67 -32.06 -24.97
C ASP C 355 16.43 -30.91 -24.31
N MET C 356 15.81 -30.14 -23.42
CA MET C 356 16.37 -28.84 -22.96
C MET C 356 17.59 -29.09 -22.06
N GLU C 357 17.57 -30.15 -21.27
CA GLU C 357 18.68 -30.46 -20.33
C GLU C 357 19.86 -31.04 -21.13
N SER C 358 19.59 -31.72 -22.25
CA SER C 358 20.63 -32.31 -23.12
C SER C 358 21.33 -31.17 -23.88
N ASN C 359 20.56 -30.36 -24.62
CA ASN C 359 21.16 -29.48 -25.64
C ASN C 359 21.10 -28.01 -25.22
N GLY C 360 20.76 -27.74 -23.97
CA GLY C 360 20.85 -26.39 -23.36
C GLY C 360 22.30 -26.10 -22.98
N LYS C 361 23.15 -25.86 -23.98
CA LYS C 361 24.63 -25.79 -23.79
C LYS C 361 25.16 -24.68 -24.67
N TYR C 362 26.34 -24.16 -24.35
CA TYR C 362 26.97 -23.05 -25.12
C TYR C 362 28.48 -23.25 -25.29
N ILE C 363 29.02 -24.39 -24.83
CA ILE C 363 30.46 -24.70 -24.96
C ILE C 363 30.59 -25.97 -25.79
N THR C 364 31.42 -25.89 -26.84
CA THR C 364 31.65 -27.00 -27.78
C THR C 364 32.64 -28.00 -27.16
N LYS C 365 32.84 -29.10 -27.87
CA LYS C 365 33.76 -30.21 -27.52
C LYS C 365 35.19 -29.68 -27.35
N SER C 366 35.58 -28.70 -28.15
CA SER C 366 36.93 -28.08 -28.11
C SER C 366 37.01 -26.99 -27.02
N GLY C 367 35.96 -26.79 -26.21
CA GLY C 367 35.92 -25.75 -25.16
C GLY C 367 35.66 -24.37 -25.72
N THR C 368 35.35 -24.20 -27.00
CA THR C 368 34.99 -22.89 -27.60
C THR C 368 33.51 -22.57 -27.33
N ARG C 369 33.22 -21.28 -27.14
CA ARG C 369 31.85 -20.76 -27.04
C ARG C 369 31.18 -20.93 -28.40
N VAL C 370 29.97 -21.46 -28.45
CA VAL C 370 29.18 -21.48 -29.72
C VAL C 370 28.96 -20.03 -30.16
N ASP C 371 28.89 -19.82 -31.46
CA ASP C 371 28.48 -18.53 -32.07
C ASP C 371 27.24 -18.78 -32.91
N HIS C 372 26.37 -19.66 -32.43
CA HIS C 372 25.11 -20.07 -33.09
C HIS C 372 24.15 -20.57 -32.01
N GLN C 373 22.88 -20.69 -32.34
CA GLN C 373 21.84 -21.24 -31.42
C GLN C 373 22.13 -22.70 -31.16
N THR C 374 21.81 -23.16 -29.95
CA THR C 374 21.66 -24.61 -29.64
C THR C 374 20.21 -24.94 -29.31
N GLY C 375 20.02 -25.82 -28.32
CA GLY C 375 18.75 -26.49 -28.07
C GLY C 375 17.61 -25.47 -27.96
N PRO C 376 16.41 -25.81 -28.47
CA PRO C 376 15.25 -24.95 -28.32
C PRO C 376 14.51 -25.17 -26.98
N ILE C 377 13.57 -24.26 -26.71
CA ILE C 377 12.61 -24.41 -25.60
C ILE C 377 11.53 -25.33 -26.12
N VAL C 378 11.32 -26.45 -25.43
CA VAL C 378 10.30 -27.46 -25.79
C VAL C 378 9.10 -27.31 -24.85
N TRP C 379 7.90 -27.40 -25.41
CA TRP C 379 6.65 -27.18 -24.65
C TRP C 379 5.50 -27.85 -25.39
N GLY C 380 4.38 -28.01 -24.71
CA GLY C 380 3.15 -28.42 -25.38
C GLY C 380 2.13 -28.96 -24.41
N GLU C 381 0.94 -29.19 -24.93
CA GLU C 381 -0.18 -29.80 -24.17
C GLU C 381 -0.92 -30.68 -25.17
N PRO C 382 -1.64 -31.74 -24.72
CA PRO C 382 -2.30 -32.64 -25.64
C PRO C 382 -3.41 -31.91 -26.39
N GLY C 383 -3.59 -32.26 -27.67
CA GLY C 383 -4.81 -31.89 -28.42
C GLY C 383 -5.98 -32.76 -27.98
N THR C 384 -7.22 -32.28 -28.14
CA THR C 384 -7.54 -31.06 -28.86
C THR C 384 -7.47 -29.78 -28.00
N ASN C 385 -7.18 -29.87 -26.70
CA ASN C 385 -7.33 -28.73 -25.75
C ASN C 385 -6.56 -27.51 -26.26
N GLY C 386 -5.33 -27.68 -26.74
CA GLY C 386 -4.51 -26.57 -27.26
C GLY C 386 -5.23 -25.72 -28.30
N GLN C 387 -6.12 -26.32 -29.09
CA GLN C 387 -6.83 -25.68 -30.21
C GLN C 387 -7.69 -24.55 -29.66
N HIS C 388 -8.04 -24.63 -28.37
CA HIS C 388 -8.98 -23.70 -27.70
C HIS C 388 -8.22 -22.65 -26.89
N ALA C 389 -6.90 -22.65 -26.98
CA ALA C 389 -6.03 -21.82 -26.14
C ALA C 389 -4.87 -21.32 -26.99
N PHE C 390 -3.68 -21.86 -26.78
CA PHE C 390 -2.44 -21.27 -27.34
C PHE C 390 -2.36 -21.48 -28.87
N TYR C 391 -3.19 -22.31 -29.50
CA TYR C 391 -3.18 -22.41 -30.99
C TYR C 391 -3.51 -21.03 -31.61
N GLN C 392 -4.17 -20.13 -30.86
CA GLN C 392 -4.44 -18.76 -31.34
C GLN C 392 -3.10 -18.10 -31.74
N LEU C 393 -2.07 -18.22 -30.90
CA LEU C 393 -0.74 -17.64 -31.19
C LEU C 393 -0.05 -18.41 -32.32
N ILE C 394 -0.20 -19.74 -32.39
CA ILE C 394 0.45 -20.56 -33.45
C ILE C 394 -0.12 -20.11 -34.79
N HIS C 395 -1.43 -19.85 -34.85
CA HIS C 395 -2.14 -19.48 -36.10
C HIS C 395 -1.93 -18.02 -36.48
N GLN C 396 -2.01 -17.09 -35.51
CA GLN C 396 -2.14 -15.64 -35.81
C GLN C 396 -1.21 -14.77 -34.97
N GLY C 397 -0.20 -15.35 -34.34
CA GLY C 397 0.80 -14.56 -33.61
C GLY C 397 1.94 -14.12 -34.50
N THR C 398 3.07 -13.78 -33.89
CA THR C 398 4.23 -13.18 -34.61
C THR C 398 5.44 -14.10 -34.46
N LYS C 399 5.21 -15.32 -34.01
CA LYS C 399 6.28 -16.32 -33.80
C LYS C 399 6.11 -17.45 -34.79
N MET C 400 7.23 -17.95 -35.29
CA MET C 400 7.28 -19.21 -36.05
C MET C 400 7.57 -20.34 -35.07
N ILE C 401 6.67 -21.34 -35.02
CA ILE C 401 6.70 -22.45 -34.03
C ILE C 401 6.59 -23.78 -34.76
N PRO C 402 7.71 -24.49 -35.02
CA PRO C 402 7.62 -25.85 -35.56
C PRO C 402 6.88 -26.71 -34.53
N CYS C 403 5.88 -27.46 -34.97
CA CYS C 403 5.04 -28.35 -34.13
C CYS C 403 5.16 -29.80 -34.59
N ASP C 404 5.33 -30.73 -33.66
CA ASP C 404 5.13 -32.17 -33.91
C ASP C 404 3.73 -32.52 -33.40
N PHE C 405 2.85 -32.92 -34.31
CA PHE C 405 1.50 -33.46 -34.00
C PHE C 405 1.64 -34.98 -34.01
N LEU C 406 1.26 -35.66 -32.92
CA LEU C 406 1.34 -37.14 -32.81
C LEU C 406 -0.03 -37.70 -32.47
N ILE C 407 -0.36 -38.87 -33.01
CA ILE C 407 -1.68 -39.51 -32.75
C ILE C 407 -1.61 -40.99 -33.04
N PRO C 408 -2.28 -41.83 -32.24
CA PRO C 408 -2.47 -43.21 -32.61
C PRO C 408 -3.71 -43.36 -33.50
N VAL C 409 -3.61 -44.25 -34.48
CA VAL C 409 -4.75 -44.59 -35.36
C VAL C 409 -5.83 -45.27 -34.52
N GLN C 410 -5.44 -46.20 -33.66
CA GLN C 410 -6.37 -47.02 -32.84
C GLN C 410 -6.36 -46.48 -31.42
N THR C 411 -7.56 -46.23 -30.88
CA THR C 411 -7.74 -45.72 -29.50
C THR C 411 -7.81 -46.90 -28.55
N GLN C 412 -7.37 -46.71 -27.30
CA GLN C 412 -7.52 -47.70 -26.19
C GLN C 412 -9.00 -47.75 -25.77
N HIS C 413 -9.82 -46.76 -26.10
CA HIS C 413 -11.23 -46.64 -25.62
C HIS C 413 -12.11 -46.25 -26.79
N PRO C 414 -12.43 -47.21 -27.69
CA PRO C 414 -13.25 -46.90 -28.88
C PRO C 414 -14.73 -46.76 -28.51
N ILE C 415 -15.05 -45.85 -27.61
CA ILE C 415 -16.46 -45.64 -27.17
C ILE C 415 -17.30 -45.03 -28.30
N ARG C 416 -18.61 -45.22 -28.20
CA ARG C 416 -19.63 -44.65 -29.12
C ARG C 416 -19.30 -45.10 -30.55
N LYS C 417 -18.94 -46.38 -30.72
CA LYS C 417 -18.55 -46.98 -32.01
C LYS C 417 -17.46 -46.11 -32.67
N GLY C 418 -16.52 -45.59 -31.90
CA GLY C 418 -15.35 -44.86 -32.42
C GLY C 418 -15.64 -43.40 -32.74
N LEU C 419 -16.79 -42.87 -32.33
CA LEU C 419 -17.17 -41.46 -32.63
C LEU C 419 -16.13 -40.47 -32.07
N HIS C 420 -15.72 -40.65 -30.82
CA HIS C 420 -14.78 -39.71 -30.19
C HIS C 420 -13.50 -39.70 -31.01
N HIS C 421 -12.99 -40.87 -31.38
CA HIS C 421 -11.66 -40.99 -32.01
C HIS C 421 -11.74 -40.42 -33.42
N LYS C 422 -12.88 -40.59 -34.09
CA LYS C 422 -13.09 -40.03 -35.44
C LYS C 422 -12.96 -38.51 -35.40
N ILE C 423 -13.61 -37.88 -34.43
CA ILE C 423 -13.55 -36.41 -34.24
C ILE C 423 -12.11 -36.01 -33.88
N LEU C 424 -11.43 -36.77 -33.00
CA LEU C 424 -10.03 -36.47 -32.63
C LEU C 424 -9.15 -36.49 -33.88
N LEU C 425 -9.20 -37.57 -34.66
CA LEU C 425 -8.44 -37.70 -35.94
C LEU C 425 -8.77 -36.53 -36.88
N ALA C 426 -10.05 -36.19 -37.05
CA ALA C 426 -10.46 -35.10 -37.97
C ALA C 426 -9.80 -33.78 -37.53
N ASN C 427 -9.75 -33.52 -36.22
CA ASN C 427 -9.12 -32.29 -35.69
C ASN C 427 -7.61 -32.34 -35.94
N PHE C 428 -6.98 -33.48 -35.68
CA PHE C 428 -5.54 -33.68 -35.89
C PHE C 428 -5.19 -33.29 -37.33
N LEU C 429 -5.97 -33.77 -38.29
CA LEU C 429 -5.72 -33.58 -39.75
C LEU C 429 -6.00 -32.13 -40.14
N ALA C 430 -7.12 -31.60 -39.66
CA ALA C 430 -7.62 -30.26 -40.09
C ALA C 430 -6.68 -29.18 -39.57
N GLN C 431 -6.10 -29.37 -38.38
CA GLN C 431 -5.29 -28.30 -37.77
C GLN C 431 -3.99 -28.11 -38.56
N THR C 432 -3.32 -29.20 -38.92
CA THR C 432 -2.03 -29.11 -39.66
C THR C 432 -2.30 -28.55 -41.06
N GLU C 433 -3.44 -28.92 -41.63
CA GLU C 433 -3.86 -28.44 -42.96
C GLU C 433 -4.11 -26.93 -42.88
N ALA C 434 -4.82 -26.47 -41.86
CA ALA C 434 -5.12 -25.02 -41.73
C ALA C 434 -3.83 -24.25 -41.45
N LEU C 435 -2.93 -24.79 -40.63
CA LEU C 435 -1.63 -24.13 -40.31
C LEU C 435 -0.83 -23.94 -41.60
N MET C 436 -0.90 -24.92 -42.49
CA MET C 436 -0.20 -24.89 -43.80
C MET C 436 -0.87 -23.88 -44.73
N ARG C 437 -2.16 -23.99 -44.92
CA ARG C 437 -2.89 -23.28 -46.00
C ARG C 437 -3.22 -21.85 -45.59
N GLY C 438 -3.66 -21.65 -44.35
CA GLY C 438 -4.15 -20.36 -43.90
C GLY C 438 -5.42 -20.04 -44.64
N LYS C 439 -5.78 -18.75 -44.66
CA LYS C 439 -7.04 -18.29 -45.30
C LYS C 439 -6.80 -16.85 -45.78
N SER C 440 -6.86 -16.65 -47.09
CA SER C 440 -6.43 -15.38 -47.72
C SER C 440 -7.49 -14.30 -47.45
N THR C 441 -7.12 -13.04 -47.64
CA THR C 441 -8.09 -11.91 -47.61
C THR C 441 -9.29 -12.21 -48.53
N GLU C 442 -9.04 -12.78 -49.71
CA GLU C 442 -10.11 -13.02 -50.72
C GLU C 442 -11.09 -14.07 -50.18
N GLU C 443 -10.60 -15.16 -49.61
CA GLU C 443 -11.46 -16.23 -49.03
C GLU C 443 -12.24 -15.67 -47.83
N ALA C 444 -11.59 -14.97 -46.90
CA ALA C 444 -12.27 -14.39 -45.71
C ALA C 444 -13.32 -13.34 -46.14
N ARG C 445 -13.02 -12.51 -47.16
CA ARG C 445 -14.01 -11.52 -47.68
C ARG C 445 -15.27 -12.24 -48.18
N LYS C 446 -15.11 -13.31 -48.96
CA LYS C 446 -16.28 -14.05 -49.50
C LYS C 446 -17.10 -14.69 -48.37
N GLU C 447 -16.44 -15.23 -47.33
CA GLU C 447 -17.15 -15.83 -46.17
C GLU C 447 -17.97 -14.75 -45.45
N LEU C 448 -17.41 -13.57 -45.24
CA LEU C 448 -18.13 -12.48 -44.56
C LEU C 448 -19.31 -12.01 -45.42
N GLN C 449 -19.14 -11.93 -46.74
CA GLN C 449 -20.22 -11.53 -47.68
C GLN C 449 -21.34 -12.58 -47.64
N ALA C 450 -21.01 -13.86 -47.65
CA ALA C 450 -22.01 -14.96 -47.54
C ALA C 450 -22.68 -14.93 -46.15
N ALA C 451 -22.01 -14.43 -45.11
CA ALA C 451 -22.60 -14.27 -43.75
C ALA C 451 -23.62 -13.11 -43.72
N GLY C 452 -23.53 -12.20 -44.68
CA GLY C 452 -24.47 -11.06 -44.83
C GLY C 452 -23.94 -9.81 -44.19
N LYS C 453 -22.62 -9.72 -43.99
CA LYS C 453 -21.99 -8.54 -43.35
C LYS C 453 -22.27 -7.28 -44.18
N SER C 454 -22.54 -6.17 -43.51
CA SER C 454 -22.60 -4.81 -44.10
C SER C 454 -21.24 -4.51 -44.72
N PRO C 455 -21.16 -3.83 -45.89
CA PRO C 455 -19.87 -3.59 -46.56
C PRO C 455 -18.84 -2.88 -45.66
N GLU C 456 -19.34 -2.09 -44.71
CA GLU C 456 -18.53 -1.27 -43.77
C GLU C 456 -18.21 -2.07 -42.50
N ASP C 457 -19.11 -2.95 -42.05
CA ASP C 457 -18.82 -3.94 -40.98
C ASP C 457 -17.76 -4.93 -41.49
N LEU C 458 -17.93 -5.41 -42.72
CA LEU C 458 -17.05 -6.40 -43.35
C LEU C 458 -15.63 -5.88 -43.30
N GLU C 459 -15.44 -4.62 -43.72
CA GLU C 459 -14.10 -4.00 -43.91
C GLU C 459 -13.41 -3.86 -42.55
N ARG C 460 -14.17 -3.68 -41.48
CA ARG C 460 -13.60 -3.54 -40.11
C ARG C 460 -13.11 -4.92 -39.64
N LEU C 461 -13.92 -5.95 -39.83
CA LEU C 461 -13.62 -7.30 -39.32
C LEU C 461 -12.57 -8.00 -40.20
N LEU C 462 -12.55 -7.74 -41.52
CA LEU C 462 -11.91 -8.60 -42.55
C LEU C 462 -10.45 -8.92 -42.17
N PRO C 463 -9.57 -7.95 -41.90
CA PRO C 463 -8.16 -8.28 -41.74
C PRO C 463 -7.95 -9.17 -40.50
N HIS C 464 -8.83 -9.09 -39.50
CA HIS C 464 -8.75 -9.90 -38.25
C HIS C 464 -9.00 -11.40 -38.53
N LYS C 465 -9.70 -11.74 -39.62
CA LYS C 465 -10.13 -13.12 -39.92
C LYS C 465 -9.25 -13.76 -41.00
N VAL C 466 -8.12 -13.13 -41.29
CA VAL C 466 -7.16 -13.61 -42.32
C VAL C 466 -6.04 -14.37 -41.61
N PHE C 467 -5.68 -15.52 -42.15
CA PHE C 467 -4.61 -16.40 -41.62
C PHE C 467 -3.54 -16.49 -42.69
N GLU C 468 -2.32 -16.11 -42.36
CA GLU C 468 -1.20 -16.09 -43.34
C GLU C 468 -0.73 -17.53 -43.64
N GLY C 469 -0.99 -18.46 -42.73
CA GLY C 469 -0.59 -19.85 -42.93
C GLY C 469 0.92 -19.98 -43.09
N ASN C 470 1.35 -20.98 -43.84
CA ASN C 470 2.76 -21.32 -44.10
C ASN C 470 3.45 -21.71 -42.79
N ARG C 471 2.70 -22.29 -41.85
CA ARG C 471 3.25 -22.71 -40.55
C ARG C 471 3.51 -24.19 -40.65
N PRO C 472 4.79 -24.60 -40.50
CA PRO C 472 5.16 -25.98 -40.74
C PRO C 472 4.84 -26.88 -39.55
N THR C 473 4.47 -28.12 -39.86
CA THR C 473 4.27 -29.20 -38.89
C THR C 473 4.91 -30.51 -39.37
N ASN C 474 5.26 -31.37 -38.42
CA ASN C 474 5.40 -32.84 -38.59
C ASN C 474 4.12 -33.49 -38.10
N SER C 475 3.61 -34.49 -38.83
CA SER C 475 2.55 -35.39 -38.33
C SER C 475 3.17 -36.77 -38.15
N ILE C 476 3.15 -37.25 -36.90
CA ILE C 476 3.66 -38.60 -36.52
C ILE C 476 2.47 -39.45 -36.13
N VAL C 477 2.14 -40.39 -37.00
CA VAL C 477 0.92 -41.23 -36.83
C VAL C 477 1.41 -42.67 -36.65
N PHE C 478 0.86 -43.37 -35.68
CA PHE C 478 1.31 -44.75 -35.35
C PHE C 478 0.07 -45.57 -35.04
N THR C 479 0.19 -46.87 -35.24
CA THR C 479 -0.96 -47.78 -35.27
C THR C 479 -1.70 -47.67 -33.94
N LYS C 480 -0.97 -47.77 -32.83
CA LYS C 480 -1.59 -47.84 -31.51
C LYS C 480 -0.57 -47.60 -30.42
N LEU C 481 -0.97 -46.90 -29.36
CA LEU C 481 -0.03 -46.57 -28.25
C LEU C 481 0.04 -47.73 -27.28
N THR C 482 0.85 -48.71 -27.67
CA THR C 482 1.16 -49.91 -26.86
C THR C 482 2.47 -49.65 -26.16
N PRO C 483 2.82 -50.48 -25.14
CA PRO C 483 4.15 -50.42 -24.53
C PRO C 483 5.27 -50.43 -25.55
N PHE C 484 5.22 -51.33 -26.54
CA PHE C 484 6.26 -51.39 -27.58
C PHE C 484 6.33 -50.06 -28.34
N MET C 485 5.18 -49.59 -28.83
CA MET C 485 5.19 -48.36 -29.67
C MET C 485 5.66 -47.15 -28.85
N LEU C 486 5.26 -47.04 -27.59
CA LEU C 486 5.74 -45.96 -26.70
C LEU C 486 7.27 -46.03 -26.63
N GLY C 487 7.83 -47.24 -26.48
CA GLY C 487 9.29 -47.38 -26.39
C GLY C 487 9.97 -46.89 -27.63
N ALA C 488 9.42 -47.22 -28.79
CA ALA C 488 9.99 -46.81 -30.09
C ALA C 488 9.91 -45.27 -30.21
N LEU C 489 8.79 -44.67 -29.85
CA LEU C 489 8.60 -43.19 -29.98
C LEU C 489 9.57 -42.44 -29.04
N VAL C 490 9.71 -42.87 -27.80
CA VAL C 490 10.63 -42.19 -26.84
C VAL C 490 12.06 -42.30 -27.35
N ALA C 491 12.48 -43.49 -27.78
CA ALA C 491 13.86 -43.69 -28.29
C ALA C 491 14.06 -42.82 -29.51
N MET C 492 13.02 -42.66 -30.35
CA MET C 492 13.15 -41.86 -31.60
C MET C 492 13.55 -40.43 -31.25
N TYR C 493 12.92 -39.84 -30.24
CA TYR C 493 13.24 -38.45 -29.78
C TYR C 493 14.60 -38.42 -29.06
N GLU C 494 14.93 -39.45 -28.31
CA GLU C 494 16.28 -39.55 -27.67
C GLU C 494 17.35 -39.42 -28.76
N HIS C 495 17.22 -40.14 -29.86
CA HIS C 495 18.26 -40.13 -30.93
C HIS C 495 18.17 -38.83 -31.72
N LYS C 496 16.98 -38.24 -31.87
CA LYS C 496 16.86 -36.88 -32.47
C LYS C 496 17.77 -35.92 -31.69
N ILE C 497 17.65 -35.94 -30.37
CA ILE C 497 18.40 -35.04 -29.47
C ILE C 497 19.91 -35.29 -29.62
N PHE C 498 20.31 -36.56 -29.70
CA PHE C 498 21.72 -36.96 -29.91
C PHE C 498 22.26 -36.34 -31.21
N VAL C 499 21.54 -36.51 -32.31
CA VAL C 499 22.00 -36.02 -33.64
C VAL C 499 22.14 -34.50 -33.60
N GLN C 500 21.18 -33.78 -33.00
CA GLN C 500 21.30 -32.30 -32.92
C GLN C 500 22.57 -31.91 -32.14
N GLY C 501 22.85 -32.57 -31.03
CA GLY C 501 24.04 -32.29 -30.22
C GLY C 501 25.33 -32.48 -31.01
N ILE C 502 25.42 -33.55 -31.81
CA ILE C 502 26.63 -33.82 -32.61
C ILE C 502 26.79 -32.67 -33.61
N ILE C 503 25.70 -32.25 -34.28
CA ILE C 503 25.78 -31.20 -35.31
C ILE C 503 26.22 -29.88 -34.67
N TRP C 504 25.73 -29.57 -33.45
CA TRP C 504 26.12 -28.36 -32.68
C TRP C 504 27.48 -28.53 -32.01
N ASP C 505 28.00 -29.76 -31.92
CA ASP C 505 29.33 -30.11 -31.37
C ASP C 505 29.34 -29.85 -29.87
N ILE C 506 28.21 -30.03 -29.20
CA ILE C 506 28.11 -29.87 -27.73
C ILE C 506 28.02 -31.26 -27.13
N ASN C 507 28.14 -31.33 -25.81
CA ASN C 507 28.00 -32.56 -25.02
C ASN C 507 26.54 -32.69 -24.57
N SER C 508 25.77 -33.59 -25.19
CA SER C 508 24.32 -33.74 -24.94
C SER C 508 24.05 -34.40 -23.59
N PHE C 509 25.11 -34.80 -22.86
CA PHE C 509 25.00 -35.84 -21.82
C PHE C 509 25.46 -35.38 -20.44
N ASP C 510 26.01 -34.16 -20.33
CA ASP C 510 26.36 -33.54 -19.02
C ASP C 510 25.27 -32.53 -18.69
N GLN C 511 25.29 -31.96 -17.48
CA GLN C 511 24.25 -31.00 -17.01
C GLN C 511 24.83 -30.18 -15.85
N TRP C 512 25.83 -29.37 -16.14
CA TRP C 512 26.57 -28.63 -15.08
C TRP C 512 25.65 -27.61 -14.42
N GLY C 513 24.61 -27.12 -15.12
CA GLY C 513 23.60 -26.22 -14.53
C GLY C 513 22.77 -26.95 -13.50
N VAL C 514 22.46 -28.22 -13.75
CA VAL C 514 21.67 -29.04 -12.79
C VAL C 514 22.58 -29.42 -11.61
N GLU C 515 23.84 -29.74 -11.87
CA GLU C 515 24.83 -30.09 -10.82
C GLU C 515 25.02 -28.86 -9.93
N LEU C 516 25.15 -27.67 -10.51
CA LEU C 516 25.29 -26.39 -9.77
C LEU C 516 24.07 -26.23 -8.86
N GLY C 517 22.86 -26.40 -9.43
CA GLY C 517 21.57 -26.23 -8.72
C GLY C 517 21.53 -26.99 -7.41
N LYS C 518 22.07 -28.21 -7.42
CA LYS C 518 22.00 -29.12 -6.25
C LYS C 518 22.94 -28.64 -5.15
N GLN C 519 23.74 -27.61 -5.40
CA GLN C 519 24.73 -27.04 -4.44
C GLN C 519 24.35 -25.61 -3.98
N LEU C 520 23.38 -24.95 -4.59
CA LEU C 520 23.09 -23.50 -4.36
C LEU C 520 22.39 -23.23 -3.02
N ALA C 521 21.47 -24.09 -2.60
CA ALA C 521 20.54 -23.83 -1.47
C ALA C 521 21.29 -23.86 -0.14
N LYS C 522 22.37 -24.64 -0.02
CA LYS C 522 23.00 -24.82 1.31
C LYS C 522 23.62 -23.50 1.79
N LYS C 523 23.98 -22.54 0.93
CA LYS C 523 24.57 -21.27 1.43
C LYS C 523 23.46 -20.37 1.99
N ILE C 524 22.19 -20.56 1.61
CA ILE C 524 21.06 -19.69 2.01
C ILE C 524 20.28 -20.37 3.13
N GLU C 525 20.23 -21.69 3.14
CA GLU C 525 19.42 -22.48 4.11
C GLU C 525 19.65 -22.00 5.55
N PRO C 526 20.90 -21.83 6.03
CA PRO C 526 21.10 -21.42 7.42
C PRO C 526 20.62 -19.98 7.71
N GLU C 527 20.64 -19.11 6.70
CA GLU C 527 20.23 -17.70 6.81
C GLU C 527 18.71 -17.58 7.07
N LEU C 528 17.92 -18.61 6.77
CA LEU C 528 16.44 -18.54 6.91
C LEU C 528 16.00 -18.76 8.36
N ASP C 529 16.76 -19.48 9.18
CA ASP C 529 16.38 -19.75 10.59
C ASP C 529 16.53 -18.49 11.42
N GLY C 530 15.55 -18.23 12.31
CA GLY C 530 15.60 -17.13 13.28
C GLY C 530 15.23 -15.80 12.64
N SER C 531 15.24 -14.76 13.46
CA SER C 531 14.62 -13.43 13.21
C SER C 531 15.61 -12.43 12.61
N ALA C 532 16.92 -12.68 12.64
CA ALA C 532 17.91 -11.63 12.32
C ALA C 532 17.76 -11.22 10.85
N GLN C 533 17.89 -9.92 10.58
CA GLN C 533 18.02 -9.40 9.21
C GLN C 533 19.21 -10.05 8.53
N VAL C 534 19.15 -10.25 7.21
CA VAL C 534 20.27 -10.82 6.43
C VAL C 534 20.84 -9.70 5.56
N THR C 535 22.16 -9.55 5.55
CA THR C 535 22.85 -8.48 4.79
C THR C 535 24.00 -9.06 3.93
N SER C 536 24.26 -10.37 4.00
CA SER C 536 25.45 -11.04 3.42
C SER C 536 25.38 -11.22 1.90
N HIS C 537 24.24 -10.98 1.24
CA HIS C 537 24.10 -11.21 -0.22
C HIS C 537 23.85 -9.88 -0.93
N ASP C 538 23.53 -9.96 -2.21
CA ASP C 538 23.03 -8.82 -3.02
C ASP C 538 21.73 -8.30 -2.39
N ALA C 539 21.36 -7.07 -2.74
CA ALA C 539 20.21 -6.34 -2.13
C ALA C 539 18.93 -7.16 -2.32
N SER C 540 18.77 -7.84 -3.47
CA SER C 540 17.51 -8.55 -3.82
C SER C 540 17.34 -9.78 -2.93
N THR C 541 18.32 -10.67 -2.93
CA THR C 541 18.37 -11.86 -2.04
C THR C 541 18.13 -11.42 -0.59
N ASN C 542 18.81 -10.36 -0.13
CA ASN C 542 18.64 -9.86 1.26
C ASN C 542 17.19 -9.41 1.44
N GLY C 543 16.69 -8.61 0.50
CA GLY C 543 15.32 -8.05 0.57
C GLY C 543 14.28 -9.15 0.65
N LEU C 544 14.44 -10.20 -0.18
CA LEU C 544 13.45 -11.31 -0.24
C LEU C 544 13.49 -12.07 1.08
N ILE C 545 14.68 -12.37 1.59
CA ILE C 545 14.82 -13.14 2.85
C ILE C 545 14.15 -12.37 3.99
N ASN C 546 14.38 -11.06 4.03
CA ASN C 546 13.88 -10.21 5.15
C ASN C 546 12.36 -10.14 5.05
N PHE C 547 11.81 -10.13 3.83
CA PHE C 547 10.35 -10.16 3.63
C PHE C 547 9.82 -11.49 4.15
N ILE C 548 10.48 -12.61 3.79
CA ILE C 548 10.06 -13.97 4.24
C ILE C 548 10.05 -13.98 5.77
N LYS C 549 11.09 -13.48 6.42
CA LYS C 549 11.17 -13.47 7.91
C LYS C 549 10.06 -12.61 8.50
N GLN C 550 9.78 -11.45 7.92
CA GLN C 550 8.68 -10.56 8.33
C GLN C 550 7.34 -11.29 8.22
N GLN C 551 7.07 -12.00 7.13
CA GLN C 551 5.69 -12.54 6.90
C GLN C 551 5.55 -13.95 7.50
N ARG C 552 6.64 -14.57 7.90
CA ARG C 552 6.67 -15.93 8.46
C ARG C 552 5.65 -16.05 9.58
N GLU C 553 5.47 -14.99 10.38
CA GLU C 553 4.56 -15.01 11.56
C GLU C 553 3.37 -14.07 11.39
N ALA C 554 3.03 -13.67 10.17
CA ALA C 554 1.82 -12.85 9.92
C ALA C 554 0.60 -13.76 10.04
N ARG C 555 -0.44 -13.32 10.73
CA ARG C 555 -1.73 -14.05 10.76
C ARG C 555 -2.66 -13.45 9.72
N VAL C 556 -3.16 -14.26 8.78
CA VAL C 556 -4.16 -13.82 7.77
C VAL C 556 -5.51 -14.51 8.05
N ALA D 1 27.71 33.86 28.49
CA ALA D 1 26.64 34.89 28.26
C ALA D 1 26.42 35.66 29.57
N ALA D 2 25.90 36.88 29.46
CA ALA D 2 25.82 37.84 30.58
C ALA D 2 25.09 37.18 31.75
N LEU D 3 23.93 36.55 31.49
CA LEU D 3 23.05 36.10 32.60
C LEU D 3 23.74 35.06 33.50
N THR D 4 24.43 34.05 32.95
CA THR D 4 25.04 32.93 33.75
C THR D 4 26.22 33.48 34.56
N ARG D 5 26.84 34.56 34.08
CA ARG D 5 27.96 35.30 34.73
C ARG D 5 27.41 36.14 35.89
N ASP D 6 26.12 36.48 35.89
CA ASP D 6 25.59 37.49 36.83
C ASP D 6 25.59 36.89 38.23
N PRO D 7 26.11 37.60 39.26
CA PRO D 7 26.17 37.05 40.61
C PRO D 7 24.80 36.82 41.25
N GLN D 8 23.81 37.66 40.90
CA GLN D 8 22.44 37.51 41.45
C GLN D 8 21.79 36.25 40.85
N PHE D 9 22.07 35.97 39.58
CA PHE D 9 21.56 34.76 38.90
C PHE D 9 22.19 33.51 39.55
N GLN D 10 23.49 33.52 39.74
CA GLN D 10 24.21 32.42 40.45
C GLN D 10 23.64 32.21 41.84
N LYS D 11 23.38 33.29 42.58
CA LYS D 11 22.79 33.22 43.95
C LYS D 11 21.40 32.56 43.87
N LEU D 12 20.58 32.97 42.90
CA LEU D 12 19.23 32.43 42.63
C LEU D 12 19.35 30.91 42.38
N GLN D 13 20.26 30.48 41.50
CA GLN D 13 20.42 29.03 41.14
C GLN D 13 20.88 28.24 42.37
N GLN D 14 21.84 28.77 43.12
CA GLN D 14 22.31 28.23 44.41
C GLN D 14 21.10 27.95 45.31
N TRP D 15 20.24 28.94 45.47
CA TRP D 15 19.10 28.86 46.42
C TRP D 15 18.17 27.74 45.95
N TYR D 16 17.89 27.71 44.64
CA TYR D 16 17.00 26.70 44.03
C TYR D 16 17.51 25.30 44.40
N ARG D 17 18.79 25.04 44.16
CA ARG D 17 19.37 23.68 44.40
C ARG D 17 19.14 23.28 45.85
N GLU D 18 19.27 24.21 46.78
CA GLU D 18 19.28 23.90 48.23
C GLU D 18 17.87 23.94 48.85
N HIS D 19 17.01 24.90 48.50
CA HIS D 19 15.74 25.10 49.24
C HIS D 19 14.51 24.68 48.41
N ARG D 20 14.69 24.16 47.21
CA ARG D 20 13.61 23.67 46.30
C ARG D 20 12.52 22.94 47.09
N SER D 21 12.91 22.17 48.11
CA SER D 21 12.01 21.34 48.95
C SER D 21 11.13 22.22 49.85
N GLU D 22 11.51 23.48 50.14
CA GLU D 22 10.65 24.41 50.91
C GLU D 22 9.35 24.73 50.14
N LEU D 23 9.39 24.61 48.80
CA LEU D 23 8.40 25.23 47.89
C LEU D 23 7.19 24.31 47.75
N ASN D 24 6.42 24.22 48.80
CA ASN D 24 5.16 23.46 48.82
C ASN D 24 4.02 24.44 49.11
N LEU D 25 3.15 24.65 48.13
CA LEU D 25 2.12 25.71 48.21
C LEU D 25 1.19 25.46 49.40
N ARG D 26 0.73 24.23 49.59
CA ARG D 26 -0.20 23.90 50.72
C ARG D 26 0.44 24.39 52.02
N ARG D 27 1.74 24.12 52.20
CA ARG D 27 2.47 24.44 53.44
C ARG D 27 2.67 25.96 53.55
N LEU D 28 3.01 26.62 52.44
CA LEU D 28 3.27 28.10 52.42
C LEU D 28 1.99 28.85 52.81
N PHE D 29 0.82 28.43 52.32
CA PHE D 29 -0.47 29.08 52.66
C PHE D 29 -0.88 28.75 54.10
N ASP D 30 -0.65 27.53 54.59
CA ASP D 30 -0.95 27.13 55.99
C ASP D 30 -0.09 27.94 56.96
N ALA D 31 1.17 28.23 56.63
CA ALA D 31 2.09 28.97 57.52
C ALA D 31 1.89 30.49 57.46
N ASN D 32 1.31 31.05 56.38
CA ASN D 32 1.29 32.53 56.17
C ASN D 32 -0.11 33.02 55.78
N LYS D 33 -0.87 33.45 56.80
CA LYS D 33 -2.27 33.93 56.69
C LYS D 33 -2.32 35.15 55.77
N ASP D 34 -1.18 35.84 55.60
CA ASP D 34 -1.05 37.07 54.77
C ASP D 34 -0.41 36.80 53.40
N ARG D 35 -0.31 35.55 52.97
CA ARG D 35 0.40 35.24 51.71
C ARG D 35 -0.28 35.97 50.54
N PHE D 36 -1.60 35.99 50.44
CA PHE D 36 -2.32 36.71 49.35
C PHE D 36 -1.94 38.21 49.40
N ASN D 37 -2.03 38.85 50.59
CA ASN D 37 -1.73 40.31 50.74
C ASN D 37 -0.30 40.62 50.35
N HIS D 38 0.63 39.72 50.64
CA HIS D 38 2.07 39.99 50.43
C HIS D 38 2.49 39.67 49.00
N PHE D 39 1.76 38.80 48.29
CA PHE D 39 2.18 38.27 46.96
C PHE D 39 1.09 38.58 45.93
N SER D 40 0.55 39.80 45.96
CA SER D 40 -0.44 40.27 44.96
C SER D 40 -0.28 41.77 44.80
N LEU D 41 -0.57 42.29 43.61
CA LEU D 41 -0.67 43.74 43.33
C LEU D 41 -2.12 44.05 42.98
N THR D 42 -2.66 45.12 43.56
CA THR D 42 -3.92 45.73 43.12
C THR D 42 -3.62 47.07 42.44
N LEU D 43 -3.90 47.18 41.15
CA LEU D 43 -3.65 48.40 40.35
C LEU D 43 -4.99 49.09 40.13
N ASN D 44 -5.09 50.39 40.45
CA ASN D 44 -6.29 51.19 40.12
C ASN D 44 -5.94 52.04 38.90
N THR D 45 -6.47 51.71 37.74
CA THR D 45 -6.18 52.44 36.48
C THR D 45 -7.04 53.71 36.42
N ASN D 46 -8.02 53.85 37.33
CA ASN D 46 -9.11 54.87 37.29
C ASN D 46 -10.14 54.53 36.19
N HIS D 47 -9.94 53.44 35.45
CA HIS D 47 -10.90 52.92 34.44
C HIS D 47 -11.07 51.42 34.66
N GLY D 48 -10.91 50.99 35.90
CA GLY D 48 -11.00 49.58 36.30
C GLY D 48 -9.81 49.18 37.14
N HIS D 49 -10.00 48.21 38.02
CA HIS D 49 -8.88 47.64 38.80
C HIS D 49 -8.33 46.41 38.08
N ILE D 50 -7.02 46.17 38.22
CA ILE D 50 -6.35 44.90 37.85
C ILE D 50 -5.73 44.31 39.13
N LEU D 51 -6.18 43.12 39.51
CA LEU D 51 -5.58 42.31 40.58
C LEU D 51 -4.65 41.29 39.92
N VAL D 52 -3.36 41.46 40.14
CA VAL D 52 -2.32 40.49 39.73
C VAL D 52 -1.96 39.65 40.98
N ASP D 53 -2.62 38.51 41.14
CA ASP D 53 -2.41 37.59 42.29
C ASP D 53 -1.39 36.53 41.86
N TYR D 54 -0.15 36.69 42.32
CA TYR D 54 0.95 35.73 42.03
C TYR D 54 1.27 34.89 43.28
N SER D 55 0.32 34.77 44.22
CA SER D 55 0.56 34.12 45.52
C SER D 55 0.54 32.59 45.39
N LYS D 56 -0.09 32.03 44.34
CA LYS D 56 -0.02 30.58 44.07
C LYS D 56 1.19 30.25 43.18
N ASN D 57 2.28 31.01 43.28
CA ASN D 57 3.57 30.67 42.64
C ASN D 57 4.54 30.04 43.67
N LEU D 58 5.50 29.26 43.16
CA LEU D 58 6.49 28.50 43.96
C LEU D 58 7.58 29.46 44.41
N VAL D 59 7.20 30.46 45.19
CA VAL D 59 8.12 31.56 45.62
C VAL D 59 7.90 31.87 47.11
N THR D 60 8.97 32.37 47.73
CA THR D 60 8.95 33.00 49.07
C THR D 60 9.44 34.43 48.95
N GLU D 61 9.35 35.17 50.06
CA GLU D 61 9.92 36.53 50.27
C GLU D 61 11.33 36.58 49.71
N ASP D 62 12.18 35.62 50.09
CA ASP D 62 13.62 35.59 49.75
C ASP D 62 13.75 35.44 48.23
N VAL D 63 12.95 34.56 47.65
CA VAL D 63 13.01 34.35 46.16
C VAL D 63 12.63 35.66 45.46
N MET D 64 11.51 36.27 45.84
CA MET D 64 11.01 37.50 45.15
C MET D 64 12.08 38.60 45.26
N ARG D 65 12.70 38.68 46.42
CA ARG D 65 13.75 39.70 46.67
C ARG D 65 14.98 39.41 45.80
N MET D 66 15.43 38.16 45.76
CA MET D 66 16.56 37.76 44.87
C MET D 66 16.18 38.00 43.40
N LEU D 67 14.93 37.75 43.03
CA LEU D 67 14.50 38.02 41.62
C LEU D 67 14.58 39.53 41.34
N VAL D 68 14.09 40.38 42.24
CA VAL D 68 14.13 41.86 42.01
C VAL D 68 15.59 42.32 41.94
N ASP D 69 16.46 41.76 42.77
CA ASP D 69 17.92 42.07 42.73
C ASP D 69 18.49 41.67 41.38
N LEU D 70 18.03 40.54 40.79
CA LEU D 70 18.51 40.15 39.45
C LEU D 70 18.09 41.21 38.43
N ALA D 71 16.85 41.70 38.50
CA ALA D 71 16.35 42.74 37.57
C ALA D 71 17.23 43.98 37.68
N LYS D 72 17.63 44.36 38.89
CA LYS D 72 18.52 45.54 39.08
C LYS D 72 19.91 45.24 38.52
N SER D 73 20.48 44.09 38.84
CA SER D 73 21.82 43.66 38.36
C SER D 73 21.88 43.61 36.82
N ARG D 74 20.80 43.20 36.16
CA ARG D 74 20.78 43.08 34.67
C ARG D 74 20.40 44.43 34.03
N GLY D 75 20.13 45.47 34.81
CA GLY D 75 19.99 46.84 34.26
C GLY D 75 18.62 47.07 33.63
N VAL D 76 17.57 46.46 34.19
CA VAL D 76 16.20 46.57 33.59
C VAL D 76 15.78 48.03 33.48
N GLU D 77 16.02 48.84 34.52
CA GLU D 77 15.55 50.24 34.54
C GLU D 77 16.29 51.06 33.50
N ALA D 78 17.60 50.89 33.36
CA ALA D 78 18.40 51.65 32.37
C ALA D 78 17.93 51.28 30.95
N ALA D 79 17.62 49.99 30.71
CA ALA D 79 17.15 49.54 29.39
C ALA D 79 15.75 50.14 29.12
N ARG D 80 14.90 50.18 30.15
CA ARG D 80 13.54 50.75 30.00
C ARG D 80 13.66 52.21 29.55
N GLU D 81 14.55 52.97 30.18
CA GLU D 81 14.73 54.41 29.85
C GLU D 81 15.24 54.50 28.42
N ARG D 82 16.11 53.60 27.98
CA ARG D 82 16.64 53.70 26.60
C ARG D 82 15.49 53.50 25.60
N MET D 83 14.57 52.56 25.87
CA MET D 83 13.44 52.29 24.95
C MET D 83 12.60 53.58 24.82
N PHE D 84 12.20 54.14 25.95
CA PHE D 84 11.23 55.28 26.05
C PHE D 84 11.85 56.57 25.50
N ASN D 85 13.18 56.70 25.55
CA ASN D 85 13.91 57.91 25.09
C ASN D 85 14.25 57.79 23.60
N GLY D 86 13.84 56.71 22.94
CA GLY D 86 13.94 56.63 21.46
C GLY D 86 15.34 56.27 21.02
N GLU D 87 16.15 55.73 21.93
CA GLU D 87 17.47 55.18 21.57
C GLU D 87 17.28 53.91 20.72
N LYS D 88 18.29 53.58 19.89
CA LYS D 88 18.21 52.52 18.85
C LYS D 88 18.55 51.17 19.48
N ILE D 89 17.66 50.71 20.38
CA ILE D 89 17.91 49.47 21.17
C ILE D 89 17.63 48.24 20.30
N ASN D 90 17.04 48.38 19.11
CA ASN D 90 17.01 47.29 18.10
C ASN D 90 18.35 47.34 17.35
N TYR D 91 19.40 46.79 17.97
CA TYR D 91 20.81 47.11 17.60
C TYR D 91 21.24 46.34 16.34
N THR D 92 20.61 45.20 16.03
CA THR D 92 20.95 44.41 14.81
C THR D 92 20.39 45.19 13.61
N GLU D 93 19.19 45.75 13.69
CA GLU D 93 18.57 46.50 12.57
C GLU D 93 18.90 48.01 12.69
N GLY D 94 19.43 48.47 13.84
CA GLY D 94 19.80 49.88 14.10
C GLY D 94 18.57 50.77 14.14
N ARG D 95 17.52 50.35 14.86
CA ARG D 95 16.22 51.08 14.88
C ARG D 95 15.83 51.36 16.33
N ALA D 96 15.10 52.44 16.53
CA ALA D 96 14.36 52.68 17.78
C ALA D 96 13.25 51.63 17.92
N VAL D 97 12.69 51.52 19.11
CA VAL D 97 11.57 50.61 19.47
C VAL D 97 10.55 51.47 20.17
N LEU D 98 9.54 51.94 19.43
CA LEU D 98 8.70 53.05 19.93
C LEU D 98 7.23 52.76 19.68
N HIS D 99 6.79 51.54 19.93
CA HIS D 99 5.32 51.30 20.09
C HIS D 99 4.80 52.20 21.20
N VAL D 100 5.61 52.55 22.20
CA VAL D 100 5.11 53.37 23.34
C VAL D 100 4.80 54.79 22.83
N ALA D 101 5.48 55.27 21.79
CA ALA D 101 5.21 56.58 21.17
C ALA D 101 3.83 56.60 20.50
N LEU D 102 3.38 55.45 19.98
CA LEU D 102 2.13 55.36 19.20
C LEU D 102 0.96 55.70 20.13
N ARG D 103 1.08 55.40 21.42
CA ARG D 103 -0.02 55.59 22.38
C ARG D 103 0.38 56.64 23.42
N ASN D 104 1.37 57.47 23.11
CA ASN D 104 1.88 58.54 24.02
C ASN D 104 0.86 59.66 24.07
N ARG D 105 -0.22 59.48 24.83
CA ARG D 105 -1.36 60.44 24.86
C ARG D 105 -0.90 61.74 25.55
N SER D 106 0.14 61.68 26.38
CA SER D 106 0.76 62.85 27.04
C SER D 106 1.38 63.80 26.02
N ASN D 107 1.86 63.26 24.89
CA ASN D 107 2.49 64.01 23.76
C ASN D 107 3.84 64.57 24.18
N THR D 108 4.40 64.09 25.29
CA THR D 108 5.80 64.39 25.68
C THR D 108 6.70 64.08 24.50
N PRO D 109 7.60 64.99 24.08
CA PRO D 109 8.49 64.71 22.95
C PRO D 109 9.26 63.41 23.13
N ILE D 110 9.35 62.63 22.05
CA ILE D 110 10.26 61.47 21.91
C ILE D 110 11.06 61.70 20.64
N LEU D 111 12.39 61.82 20.77
CA LEU D 111 13.25 62.18 19.63
C LEU D 111 13.91 60.92 19.05
N VAL D 112 13.78 60.78 17.74
CA VAL D 112 14.56 59.82 16.91
C VAL D 112 15.36 60.64 15.90
N ASP D 113 16.68 60.42 15.87
CA ASP D 113 17.62 61.17 14.99
C ASP D 113 17.40 62.66 15.23
N GLY D 114 17.26 63.05 16.50
CA GLY D 114 17.08 64.42 16.98
C GLY D 114 15.76 65.09 16.56
N LYS D 115 14.74 64.36 16.10
CA LYS D 115 13.43 64.98 15.75
C LYS D 115 12.26 64.33 16.50
N ASP D 116 11.30 65.13 16.95
CA ASP D 116 10.12 64.64 17.70
C ASP D 116 9.25 63.78 16.76
N VAL D 117 8.95 62.53 17.13
CA VAL D 117 8.09 61.62 16.30
C VAL D 117 6.62 61.95 16.55
N MET D 118 6.31 62.62 17.66
CA MET D 118 4.90 62.75 18.12
C MET D 118 4.06 63.54 17.13
N PRO D 119 4.54 64.65 16.51
CA PRO D 119 3.79 65.28 15.41
C PRO D 119 3.31 64.31 14.30
N GLU D 120 4.20 63.44 13.82
CA GLU D 120 3.90 62.44 12.77
C GLU D 120 2.91 61.40 13.32
N VAL D 121 3.13 60.93 14.55
CA VAL D 121 2.19 59.95 15.17
C VAL D 121 0.79 60.56 15.12
N ASN D 122 0.65 61.79 15.60
CA ASN D 122 -0.68 62.44 15.82
C ASN D 122 -1.31 62.83 14.50
N LYS D 123 -0.49 63.13 13.49
CA LYS D 123 -0.99 63.40 12.11
C LYS D 123 -1.71 62.16 11.56
N VAL D 124 -1.10 60.99 11.70
CA VAL D 124 -1.74 59.75 11.15
C VAL D 124 -2.99 59.46 11.98
N LEU D 125 -2.94 59.64 13.30
CA LEU D 125 -4.14 59.39 14.15
C LEU D 125 -5.28 60.33 13.71
N ASP D 126 -4.98 61.58 13.40
CA ASP D 126 -6.02 62.53 12.91
C ASP D 126 -6.56 62.00 11.56
N LYS D 127 -5.67 61.60 10.67
CA LYS D 127 -6.10 61.03 9.36
C LYS D 127 -7.00 59.80 9.57
N MET D 128 -6.63 58.90 10.48
CA MET D 128 -7.42 57.68 10.76
C MET D 128 -8.79 58.09 11.27
N LYS D 129 -8.83 59.05 12.19
CA LYS D 129 -10.08 59.49 12.87
C LYS D 129 -11.03 60.07 11.82
N SER D 130 -10.47 60.88 10.93
CA SER D 130 -11.20 61.55 9.83
C SER D 130 -11.79 60.48 8.88
N PHE D 131 -10.96 59.53 8.43
CA PHE D 131 -11.43 58.42 7.56
C PHE D 131 -12.52 57.58 8.27
N CYS D 132 -12.31 57.19 9.52
CA CYS D 132 -13.30 56.36 10.25
C CYS D 132 -14.66 57.06 10.36
N GLN D 133 -14.66 58.37 10.62
CA GLN D 133 -15.92 59.14 10.69
C GLN D 133 -16.63 59.01 9.33
N ARG D 134 -15.91 59.26 8.23
CA ARG D 134 -16.49 59.24 6.87
C ARG D 134 -17.04 57.84 6.54
N VAL D 135 -16.26 56.79 6.81
CA VAL D 135 -16.71 55.42 6.46
C VAL D 135 -17.91 55.07 7.32
N ARG D 136 -17.79 55.25 8.62
CA ARG D 136 -18.79 54.68 9.56
C ARG D 136 -20.12 55.42 9.44
N SER D 137 -20.08 56.73 9.20
CA SER D 137 -21.27 57.61 9.04
C SER D 137 -22.00 57.30 7.72
N GLY D 138 -21.30 56.77 6.71
CA GLY D 138 -21.88 56.53 5.38
C GLY D 138 -21.56 57.64 4.40
N ASP D 139 -20.75 58.64 4.81
CA ASP D 139 -20.31 59.74 3.91
C ASP D 139 -19.45 59.14 2.80
N TRP D 140 -18.53 58.25 3.14
CA TRP D 140 -17.59 57.64 2.16
C TRP D 140 -18.38 56.61 1.34
N LYS D 141 -18.52 56.82 0.03
CA LYS D 141 -19.39 55.97 -0.82
C LYS D 141 -18.54 55.06 -1.72
N GLY D 142 -19.03 53.85 -1.97
CA GLY D 142 -18.48 52.96 -3.00
C GLY D 142 -18.79 53.45 -4.42
N TYR D 143 -18.28 52.72 -5.41
CA TYR D 143 -18.23 53.16 -6.84
C TYR D 143 -19.65 53.22 -7.43
N THR D 144 -20.68 52.72 -6.74
CA THR D 144 -22.10 52.83 -7.18
C THR D 144 -22.89 53.68 -6.18
N GLY D 145 -22.22 54.38 -5.29
CA GLY D 145 -22.85 55.34 -4.35
C GLY D 145 -23.43 54.67 -3.11
N LYS D 146 -23.01 53.45 -2.78
CA LYS D 146 -23.47 52.74 -1.54
C LYS D 146 -22.50 52.98 -0.38
N THR D 147 -23.04 52.84 0.82
CA THR D 147 -22.22 52.91 2.05
C THR D 147 -21.43 51.61 2.18
N ILE D 148 -20.27 51.70 2.84
CA ILE D 148 -19.38 50.54 3.09
C ILE D 148 -20.01 49.67 4.18
N THR D 149 -20.27 48.40 3.88
CA THR D 149 -20.86 47.44 4.85
C THR D 149 -19.81 46.46 5.40
N ASP D 150 -18.67 46.33 4.70
CA ASP D 150 -17.66 45.27 4.95
C ASP D 150 -16.28 45.88 4.77
N VAL D 151 -15.39 45.63 5.72
CA VAL D 151 -13.97 46.06 5.70
C VAL D 151 -13.12 44.79 5.73
N ILE D 152 -12.14 44.70 4.82
CA ILE D 152 -11.31 43.50 4.66
C ILE D 152 -9.86 43.89 4.89
N ASN D 153 -9.30 43.45 6.01
CA ASN D 153 -7.85 43.61 6.26
C ASN D 153 -7.11 42.50 5.53
N ILE D 154 -6.12 42.87 4.74
CA ILE D 154 -5.25 41.92 4.01
C ILE D 154 -3.84 42.15 4.52
N GLY D 155 -3.30 41.12 5.14
CA GLY D 155 -1.97 41.21 5.77
C GLY D 155 -1.70 39.98 6.58
N ILE D 156 -0.44 39.77 6.93
CA ILE D 156 -0.05 38.53 7.64
C ILE D 156 0.81 38.89 8.85
N GLY D 157 0.81 38.00 9.85
CA GLY D 157 1.63 38.13 11.07
C GLY D 157 1.29 39.39 11.84
N GLY D 158 2.28 40.24 12.06
CA GLY D 158 2.08 41.52 12.79
C GLY D 158 1.07 42.42 12.09
N SER D 159 0.88 42.28 10.77
CA SER D 159 -0.11 43.08 10.00
C SER D 159 -1.49 42.43 10.01
N ASP D 160 -1.69 41.37 10.80
CA ASP D 160 -2.97 40.62 10.88
C ASP D 160 -3.42 40.44 12.35
N LEU D 161 -2.63 39.77 13.19
CA LEU D 161 -3.16 39.07 14.40
C LEU D 161 -3.59 40.06 15.50
N GLY D 162 -2.86 41.17 15.63
CA GLY D 162 -3.20 42.24 16.59
C GLY D 162 -4.60 42.80 16.33
N PRO D 163 -4.86 43.37 15.14
CA PRO D 163 -6.19 43.85 14.81
C PRO D 163 -7.25 42.75 14.90
N LEU D 164 -6.92 41.52 14.47
CA LEU D 164 -7.89 40.40 14.55
C LEU D 164 -8.23 40.15 16.03
N MET D 165 -7.22 40.03 16.89
CA MET D 165 -7.45 39.68 18.32
C MET D 165 -8.26 40.79 18.98
N VAL D 166 -7.93 42.05 18.68
CA VAL D 166 -8.60 43.22 19.30
C VAL D 166 -10.06 43.33 18.83
N THR D 167 -10.35 43.16 17.53
CA THR D 167 -11.75 43.27 17.02
C THR D 167 -12.57 42.10 17.55
N GLU D 168 -12.00 40.91 17.68
CA GLU D 168 -12.70 39.79 18.38
C GLU D 168 -12.97 40.16 19.85
N ALA D 169 -11.98 40.69 20.56
CA ALA D 169 -12.12 41.03 22.00
C ALA D 169 -13.13 42.17 22.21
N LEU D 170 -13.22 43.12 21.29
CA LEU D 170 -14.07 44.33 21.48
C LEU D 170 -15.33 44.25 20.61
N LYS D 171 -15.76 43.05 20.26
CA LYS D 171 -16.92 42.80 19.37
C LYS D 171 -18.17 43.51 19.92
N PRO D 172 -18.42 43.55 21.24
CA PRO D 172 -19.61 44.26 21.72
C PRO D 172 -19.61 45.77 21.43
N TYR D 173 -18.47 46.36 21.03
CA TYR D 173 -18.35 47.83 20.81
C TYR D 173 -18.49 48.18 19.34
N SER D 174 -18.87 47.22 18.49
CA SER D 174 -18.88 47.37 17.01
C SER D 174 -20.31 47.62 16.49
N SER D 175 -21.27 47.88 17.36
CA SER D 175 -22.64 48.31 16.95
C SER D 175 -22.53 49.57 16.07
N GLY D 176 -23.14 49.54 14.87
CA GLY D 176 -23.07 50.63 13.89
C GLY D 176 -21.74 50.67 13.12
N GLY D 177 -20.84 49.72 13.34
CA GLY D 177 -19.59 49.66 12.56
C GLY D 177 -19.79 48.70 11.38
N PRO D 178 -18.94 48.76 10.34
CA PRO D 178 -18.99 47.75 9.29
C PRO D 178 -18.51 46.40 9.84
N ARG D 179 -18.86 45.31 9.17
CA ARG D 179 -18.27 43.97 9.43
C ARG D 179 -16.80 44.04 9.03
N VAL D 180 -15.96 43.32 9.77
CA VAL D 180 -14.50 43.27 9.50
C VAL D 180 -14.14 41.80 9.24
N TRP D 181 -13.26 41.59 8.26
CA TRP D 181 -12.73 40.30 7.79
C TRP D 181 -11.21 40.39 7.77
N TYR D 182 -10.53 39.30 8.07
CA TYR D 182 -9.05 39.22 8.07
C TYR D 182 -8.66 38.12 7.09
N VAL D 183 -7.98 38.53 6.04
CA VAL D 183 -7.41 37.61 5.04
C VAL D 183 -5.92 37.71 5.23
N SER D 184 -5.27 36.58 5.50
CA SER D 184 -3.84 36.56 5.88
C SER D 184 -3.09 35.48 5.11
N ASN D 185 -3.59 34.25 5.17
CA ASN D 185 -2.90 33.06 4.63
C ASN D 185 -2.74 33.23 3.11
N ILE D 186 -1.60 32.83 2.56
CA ILE D 186 -1.47 32.71 1.08
C ILE D 186 -2.46 31.66 0.57
N ASP D 187 -2.78 30.66 1.39
CA ASP D 187 -3.72 29.59 1.00
C ASP D 187 -4.94 30.26 0.38
N GLY D 188 -5.20 29.99 -0.90
CA GLY D 188 -6.25 30.67 -1.68
C GLY D 188 -7.64 30.44 -1.10
N THR D 189 -7.80 29.42 -0.27
CA THR D 189 -9.05 29.23 0.51
C THR D 189 -9.40 30.56 1.21
N HIS D 190 -8.43 31.17 1.86
CA HIS D 190 -8.70 32.34 2.74
C HIS D 190 -9.33 33.49 1.94
N ILE D 191 -8.66 33.98 0.91
CA ILE D 191 -9.23 35.08 0.07
C ILE D 191 -10.48 34.56 -0.67
N ALA D 192 -10.47 33.34 -1.21
CA ALA D 192 -11.58 32.82 -2.06
C ALA D 192 -12.87 32.76 -1.25
N LYS D 193 -12.82 32.19 -0.05
CA LYS D 193 -14.07 32.00 0.73
C LYS D 193 -14.55 33.35 1.29
N THR D 194 -13.64 34.32 1.45
CA THR D 194 -14.00 35.67 1.93
C THR D 194 -14.72 36.42 0.80
N LEU D 195 -14.08 36.51 -0.37
CA LEU D 195 -14.63 37.23 -1.56
C LEU D 195 -16.02 36.68 -1.93
N ALA D 196 -16.25 35.38 -1.79
CA ALA D 196 -17.56 34.78 -2.12
C ALA D 196 -18.67 35.42 -1.26
N GLN D 197 -18.36 36.06 -0.13
CA GLN D 197 -19.41 36.58 0.79
C GLN D 197 -19.53 38.10 0.67
N LEU D 198 -18.78 38.74 -0.22
CA LEU D 198 -18.70 40.21 -0.29
C LEU D 198 -19.42 40.75 -1.53
N ASN D 199 -19.95 41.96 -1.43
CA ASN D 199 -20.43 42.76 -2.59
C ASN D 199 -19.38 43.79 -2.91
N PRO D 200 -18.75 43.77 -4.10
CA PRO D 200 -17.70 44.74 -4.44
C PRO D 200 -18.15 46.21 -4.30
N GLU D 201 -19.46 46.46 -4.40
CA GLU D 201 -20.01 47.85 -4.33
C GLU D 201 -19.91 48.40 -2.91
N SER D 202 -19.83 47.53 -1.88
CA SER D 202 -19.89 47.98 -0.48
C SER D 202 -18.73 47.44 0.37
N SER D 203 -17.63 47.03 -0.26
CA SER D 203 -16.49 46.38 0.43
C SER D 203 -15.27 47.30 0.30
N LEU D 204 -14.66 47.63 1.45
CA LEU D 204 -13.41 48.41 1.52
C LEU D 204 -12.26 47.47 1.92
N PHE D 205 -11.22 47.43 1.10
CA PHE D 205 -10.01 46.60 1.29
C PHE D 205 -8.91 47.45 1.91
N ILE D 206 -8.28 46.92 2.96
CA ILE D 206 -7.12 47.53 3.65
C ILE D 206 -5.91 46.65 3.41
N ILE D 207 -4.92 47.15 2.71
CA ILE D 207 -3.66 46.41 2.45
C ILE D 207 -2.65 46.85 3.50
N ALA D 208 -2.44 45.97 4.47
CA ALA D 208 -1.65 46.17 5.69
C ALA D 208 -0.30 45.50 5.48
N SER D 209 0.74 46.29 5.29
CA SER D 209 2.09 45.74 5.07
C SER D 209 3.14 46.82 5.31
N LYS D 210 3.89 46.65 6.40
CA LYS D 210 5.01 47.54 6.75
C LYS D 210 5.90 47.77 5.53
N THR D 211 6.36 46.69 4.90
CA THR D 211 7.33 46.71 3.77
C THR D 211 6.59 46.88 2.44
N PHE D 212 5.35 46.43 2.37
CA PHE D 212 4.54 46.35 1.13
C PHE D 212 5.21 45.46 0.08
N THR D 213 6.04 44.49 0.49
CA THR D 213 6.67 43.49 -0.42
C THR D 213 6.33 42.04 -0.01
N THR D 214 5.66 41.82 1.12
CA THR D 214 5.39 40.44 1.61
C THR D 214 4.57 39.67 0.58
N GLN D 215 5.06 38.49 0.18
CA GLN D 215 4.45 37.73 -0.95
C GLN D 215 2.99 37.40 -0.62
N GLU D 216 2.71 36.88 0.58
CA GLU D 216 1.29 36.50 0.90
C GLU D 216 0.39 37.72 0.71
N THR D 217 0.77 38.86 1.30
CA THR D 217 -0.11 40.06 1.35
C THR D 217 -0.26 40.62 -0.07
N ILE D 218 0.82 40.72 -0.83
CA ILE D 218 0.77 41.37 -2.16
C ILE D 218 0.00 40.47 -3.12
N THR D 219 0.20 39.15 -3.00
CA THR D 219 -0.54 38.17 -3.83
C THR D 219 -2.03 38.27 -3.51
N ASN D 220 -2.41 38.24 -2.23
CA ASN D 220 -3.83 38.38 -1.78
C ASN D 220 -4.40 39.73 -2.27
N ALA D 221 -3.65 40.83 -2.14
CA ALA D 221 -4.10 42.19 -2.55
C ALA D 221 -4.38 42.22 -4.07
N GLU D 222 -3.48 41.64 -4.87
CA GLU D 222 -3.67 41.53 -6.34
C GLU D 222 -4.93 40.71 -6.66
N THR D 223 -5.15 39.60 -5.96
CA THR D 223 -6.33 38.73 -6.18
C THR D 223 -7.59 39.55 -5.88
N ALA D 224 -7.62 40.26 -4.75
CA ALA D 224 -8.78 41.12 -4.40
C ALA D 224 -8.95 42.22 -5.46
N LYS D 225 -7.87 42.87 -5.88
CA LYS D 225 -7.95 43.98 -6.87
C LYS D 225 -8.51 43.48 -8.20
N GLU D 226 -8.08 42.29 -8.66
CA GLU D 226 -8.59 41.64 -9.88
C GLU D 226 -10.09 41.39 -9.70
N TRP D 227 -10.50 40.82 -8.56
CA TRP D 227 -11.93 40.50 -8.31
C TRP D 227 -12.75 41.81 -8.35
N PHE D 228 -12.23 42.85 -7.69
CA PHE D 228 -12.89 44.18 -7.63
C PHE D 228 -13.03 44.76 -9.05
N LEU D 229 -11.94 44.76 -9.83
CA LEU D 229 -11.89 45.39 -11.18
C LEU D 229 -12.83 44.64 -12.13
N GLN D 230 -13.06 43.35 -11.93
CA GLN D 230 -13.99 42.58 -12.79
C GLN D 230 -15.40 43.10 -12.58
N ALA D 231 -15.77 43.53 -11.37
CA ALA D 231 -17.13 44.09 -11.12
C ALA D 231 -17.17 45.56 -11.55
N ALA D 232 -16.21 46.39 -11.11
CA ALA D 232 -16.22 47.87 -11.24
C ALA D 232 -15.85 48.31 -12.67
N LYS D 233 -14.89 47.63 -13.32
CA LYS D 233 -14.49 47.88 -14.73
C LYS D 233 -14.07 49.33 -14.87
N ASP D 234 -13.38 49.87 -13.86
CA ASP D 234 -13.01 51.30 -13.79
C ASP D 234 -11.83 51.42 -12.81
N PRO D 235 -10.60 51.63 -13.30
CA PRO D 235 -9.45 51.84 -12.41
C PRO D 235 -9.64 52.97 -11.39
N SER D 236 -10.42 54.01 -11.73
CA SER D 236 -10.73 55.17 -10.84
C SER D 236 -11.45 54.66 -9.58
N ALA D 237 -12.28 53.62 -9.70
CA ALA D 237 -13.08 53.10 -8.57
C ALA D 237 -12.14 52.55 -7.48
N VAL D 238 -10.89 52.22 -7.80
CA VAL D 238 -9.96 51.59 -6.84
C VAL D 238 -9.77 52.56 -5.65
N ALA D 239 -9.70 53.86 -5.92
CA ALA D 239 -9.48 54.92 -4.90
C ALA D 239 -10.64 54.97 -3.90
N LYS D 240 -11.80 54.40 -4.23
CA LYS D 240 -12.93 54.38 -3.28
C LYS D 240 -12.92 53.10 -2.43
N HIS D 241 -12.14 52.08 -2.79
CA HIS D 241 -12.32 50.72 -2.20
C HIS D 241 -11.01 50.11 -1.71
N PHE D 242 -9.86 50.77 -1.90
CA PHE D 242 -8.54 50.26 -1.46
C PHE D 242 -7.77 51.37 -0.73
N VAL D 243 -7.34 51.08 0.51
CA VAL D 243 -6.37 51.94 1.25
C VAL D 243 -5.18 51.07 1.62
N ALA D 244 -4.04 51.70 1.92
CA ALA D 244 -2.82 50.98 2.34
C ALA D 244 -2.36 51.50 3.70
N LEU D 245 -1.79 50.59 4.50
CA LEU D 245 -1.14 50.87 5.80
C LEU D 245 0.30 50.40 5.62
N SER D 246 1.24 51.32 5.53
CA SER D 246 2.62 50.95 5.13
C SER D 246 3.64 52.01 5.54
N THR D 247 4.92 51.67 5.38
CA THR D 247 6.03 52.63 5.56
C THR D 247 6.62 52.97 4.20
N ASN D 248 6.08 52.43 3.09
CA ASN D 248 6.74 52.50 1.78
C ASN D 248 5.81 53.14 0.74
N THR D 249 5.86 54.46 0.59
CA THR D 249 4.97 55.23 -0.32
C THR D 249 5.18 54.77 -1.76
N THR D 250 6.43 54.51 -2.16
CA THR D 250 6.77 54.09 -3.54
C THR D 250 5.97 52.85 -3.92
N LYS D 251 6.11 51.78 -3.15
CA LYS D 251 5.49 50.49 -3.51
C LYS D 251 3.97 50.62 -3.45
N VAL D 252 3.43 51.43 -2.54
CA VAL D 252 1.95 51.64 -2.45
C VAL D 252 1.43 52.23 -3.77
N LYS D 253 2.08 53.28 -4.30
CA LYS D 253 1.70 53.90 -5.60
C LYS D 253 1.86 52.87 -6.71
N GLU D 254 3.01 52.21 -6.75
CA GLU D 254 3.31 51.20 -7.81
C GLU D 254 2.18 50.17 -7.84
N PHE D 255 1.61 49.81 -6.70
CA PHE D 255 0.52 48.81 -6.60
C PHE D 255 -0.77 49.43 -7.15
N GLY D 256 -0.86 50.77 -7.18
CA GLY D 256 -2.00 51.51 -7.75
C GLY D 256 -2.92 52.10 -6.69
N ILE D 257 -2.45 52.28 -5.46
CA ILE D 257 -3.27 52.94 -4.42
C ILE D 257 -2.90 54.42 -4.44
N ASP D 258 -3.91 55.27 -4.52
CA ASP D 258 -3.77 56.75 -4.44
C ASP D 258 -2.98 57.09 -3.18
N PRO D 259 -1.82 57.78 -3.27
CA PRO D 259 -1.01 58.09 -2.08
C PRO D 259 -1.76 58.84 -0.96
N GLN D 260 -2.90 59.46 -1.29
CA GLN D 260 -3.83 60.06 -0.29
C GLN D 260 -4.50 58.96 0.55
N ASN D 261 -4.55 57.73 0.03
CA ASN D 261 -5.22 56.56 0.66
C ASN D 261 -4.19 55.77 1.46
N MET D 262 -3.03 56.34 1.75
CA MET D 262 -1.97 55.64 2.51
C MET D 262 -1.93 56.18 3.94
N PHE D 263 -2.02 55.28 4.91
CA PHE D 263 -1.85 55.58 6.35
C PHE D 263 -0.47 55.11 6.76
N GLU D 264 0.39 56.03 7.15
CA GLU D 264 1.84 55.77 7.32
C GLU D 264 2.17 55.27 8.73
N PHE D 265 3.21 54.44 8.85
CA PHE D 265 3.88 54.20 10.13
C PHE D 265 5.37 54.14 9.84
N TRP D 266 6.18 53.71 10.80
CA TRP D 266 7.63 54.01 10.85
C TRP D 266 8.40 52.74 11.18
N ASP D 267 9.68 52.74 10.82
CA ASP D 267 10.68 51.66 11.03
C ASP D 267 10.62 51.12 12.46
N TRP D 268 10.43 51.99 13.44
CA TRP D 268 10.53 51.68 14.88
C TRP D 268 9.20 51.10 15.41
N VAL D 269 8.23 50.85 14.54
CA VAL D 269 6.99 50.11 14.90
C VAL D 269 7.18 48.66 14.48
N GLY D 270 7.51 47.80 15.44
CA GLY D 270 7.60 46.36 15.21
C GLY D 270 6.25 45.80 14.81
N GLY D 271 6.24 44.87 13.84
CA GLY D 271 5.02 44.20 13.35
C GLY D 271 4.19 43.65 14.48
N ARG D 272 4.80 42.93 15.41
CA ARG D 272 4.11 42.31 16.57
C ARG D 272 3.76 43.35 17.62
N TYR D 273 4.15 44.62 17.42
CA TYR D 273 3.80 45.77 18.30
C TYR D 273 3.06 46.86 17.53
N SER D 274 2.42 46.54 16.40
CA SER D 274 1.98 47.53 15.40
C SER D 274 0.49 47.85 15.52
N LEU D 275 -0.30 47.12 16.30
CA LEU D 275 -1.78 47.37 16.30
C LEU D 275 -2.08 48.80 16.82
N TRP D 276 -1.15 49.42 17.53
CA TRP D 276 -1.32 50.79 18.08
C TRP D 276 -1.17 51.85 16.99
N SER D 277 -0.63 51.49 15.82
CA SER D 277 -0.31 52.37 14.68
C SER D 277 -1.47 52.41 13.69
N ALA D 278 -1.20 52.90 12.48
CA ALA D 278 -2.09 52.80 11.31
C ALA D 278 -2.58 51.35 11.12
N ILE D 279 -1.78 50.35 11.47
CA ILE D 279 -2.15 48.90 11.36
C ILE D 279 -3.49 48.69 12.09
N GLY D 280 -3.78 49.53 13.07
CA GLY D 280 -5.03 49.43 13.84
C GLY D 280 -6.23 50.00 13.13
N LEU D 281 -6.09 50.44 11.88
CA LEU D 281 -7.23 51.13 11.19
C LEU D 281 -8.48 50.25 11.22
N SER D 282 -8.35 48.93 11.00
CA SER D 282 -9.54 48.05 10.97
C SER D 282 -10.21 48.01 12.35
N ILE D 283 -9.44 48.15 13.43
CA ILE D 283 -10.00 48.27 14.80
C ILE D 283 -10.85 49.54 14.86
N ALA D 284 -10.24 50.68 14.53
CA ALA D 284 -10.90 52.00 14.61
C ALA D 284 -12.15 52.00 13.74
N LEU D 285 -12.10 51.34 12.58
CA LEU D 285 -13.29 51.28 11.68
C LEU D 285 -14.38 50.45 12.32
N HIS D 286 -14.02 49.35 12.99
CA HIS D 286 -15.01 48.38 13.53
C HIS D 286 -15.71 48.96 14.76
N VAL D 287 -14.95 49.46 15.73
CA VAL D 287 -15.48 49.86 17.06
C VAL D 287 -15.45 51.38 17.19
N GLY D 288 -15.00 52.12 16.17
CA GLY D 288 -15.05 53.58 16.23
C GLY D 288 -13.74 54.11 16.73
N PHE D 289 -13.34 55.29 16.25
CA PHE D 289 -12.04 55.89 16.62
C PHE D 289 -12.02 56.23 18.12
N ASP D 290 -13.16 56.56 18.74
CA ASP D 290 -13.23 56.89 20.19
C ASP D 290 -12.76 55.67 21.00
N ASN D 291 -13.28 54.49 20.68
CA ASN D 291 -12.89 53.23 21.37
C ASN D 291 -11.41 52.92 21.11
N PHE D 292 -10.93 53.17 19.89
CA PHE D 292 -9.51 52.93 19.54
C PHE D 292 -8.64 53.82 20.43
N GLU D 293 -9.03 55.08 20.62
CA GLU D 293 -8.31 56.03 21.51
C GLU D 293 -8.32 55.51 22.96
N GLN D 294 -9.43 54.99 23.42
CA GLN D 294 -9.51 54.37 24.76
C GLN D 294 -8.51 53.22 24.88
N LEU D 295 -8.44 52.36 23.84
CA LEU D 295 -7.43 51.26 23.75
C LEU D 295 -6.00 51.83 23.87
N LEU D 296 -5.67 52.88 23.12
CA LEU D 296 -4.32 53.48 23.22
C LEU D 296 -4.10 54.04 24.64
N SER D 297 -5.14 54.61 25.24
CA SER D 297 -5.03 55.25 26.57
C SER D 297 -4.70 54.19 27.61
N GLY D 298 -5.36 53.03 27.56
CA GLY D 298 -5.12 51.93 28.49
C GLY D 298 -3.66 51.48 28.42
N ALA D 299 -3.15 51.35 27.21
CA ALA D 299 -1.74 50.99 26.98
C ALA D 299 -0.87 52.08 27.59
N HIS D 300 -1.23 53.34 27.36
CA HIS D 300 -0.46 54.49 27.89
C HIS D 300 -0.41 54.44 29.42
N TRP D 301 -1.53 54.17 30.09
CA TRP D 301 -1.54 54.02 31.57
C TRP D 301 -0.53 52.95 32.01
N MET D 302 -0.53 51.79 31.34
CA MET D 302 0.36 50.66 31.70
C MET D 302 1.81 51.04 31.38
N ASP D 303 2.06 51.78 30.31
CA ASP D 303 3.41 52.30 30.01
C ASP D 303 3.92 53.12 31.19
N GLN D 304 3.07 53.99 31.73
CA GLN D 304 3.42 54.91 32.85
C GLN D 304 3.59 54.10 34.14
N HIS D 305 2.69 53.14 34.41
CA HIS D 305 2.87 52.18 35.53
C HIS D 305 4.26 51.53 35.43
N PHE D 306 4.60 51.01 34.26
CA PHE D 306 5.88 50.32 34.01
C PHE D 306 7.06 51.26 34.33
N ARG D 307 6.95 52.50 33.88
CA ARG D 307 8.04 53.52 33.96
C ARG D 307 8.26 54.03 35.39
N THR D 308 7.20 54.22 36.16
CA THR D 308 7.27 55.00 37.43
C THR D 308 7.23 54.10 38.66
N THR D 309 6.91 52.79 38.55
CA THR D 309 6.66 51.95 39.74
C THR D 309 7.98 51.31 40.19
N PRO D 310 8.32 51.36 41.50
CA PRO D 310 9.44 50.58 42.02
C PRO D 310 9.35 49.10 41.60
N LEU D 311 10.47 48.52 41.17
CA LEU D 311 10.52 47.15 40.57
C LEU D 311 9.69 46.16 41.40
N GLU D 312 9.78 46.21 42.73
CA GLU D 312 9.17 45.14 43.57
C GLU D 312 7.64 45.25 43.57
N LYS D 313 7.01 46.29 43.02
CA LYS D 313 5.52 46.27 42.92
C LYS D 313 5.09 46.64 41.49
N ASN D 314 6.00 46.43 40.55
CA ASN D 314 5.84 46.77 39.11
C ASN D 314 5.29 45.53 38.36
N ALA D 315 4.06 45.58 37.83
CA ALA D 315 3.31 44.38 37.38
C ALA D 315 4.06 43.64 36.27
N PRO D 316 4.45 44.29 35.15
CA PRO D 316 5.15 43.56 34.09
C PRO D 316 6.48 42.96 34.57
N VAL D 317 7.15 43.64 35.49
CA VAL D 317 8.49 43.21 36.00
C VAL D 317 8.33 41.94 36.84
N LEU D 318 7.35 41.92 37.74
CA LEU D 318 7.12 40.74 38.58
C LEU D 318 6.67 39.54 37.71
N LEU D 319 5.76 39.73 36.76
CA LEU D 319 5.35 38.65 35.80
C LEU D 319 6.60 38.13 35.07
N ALA D 320 7.48 39.02 34.64
CA ALA D 320 8.69 38.65 33.89
C ALA D 320 9.58 37.80 34.78
N LEU D 321 9.78 38.21 36.04
CA LEU D 321 10.72 37.55 36.97
C LEU D 321 10.16 36.18 37.37
N LEU D 322 8.85 36.05 37.55
CA LEU D 322 8.27 34.71 37.83
C LEU D 322 8.58 33.80 36.64
N GLY D 323 8.50 34.33 35.42
CA GLY D 323 8.84 33.60 34.19
C GLY D 323 10.30 33.14 34.19
N ILE D 324 11.23 34.04 34.49
CA ILE D 324 12.67 33.70 34.55
C ILE D 324 12.85 32.56 35.58
N TRP D 325 12.23 32.69 36.74
CA TRP D 325 12.35 31.68 37.83
C TRP D 325 11.98 30.29 37.27
N TYR D 326 10.85 30.17 36.58
CA TYR D 326 10.36 28.88 36.05
C TYR D 326 11.22 28.45 34.86
N ILE D 327 11.64 29.39 34.00
CA ILE D 327 12.37 29.00 32.77
C ILE D 327 13.81 28.63 33.13
N ASN D 328 14.50 29.46 33.91
CA ASN D 328 15.97 29.35 34.07
C ASN D 328 16.38 28.61 35.35
N CYS D 329 15.47 28.35 36.29
CA CYS D 329 15.77 27.49 37.45
C CYS D 329 15.00 26.18 37.34
N PHE D 330 13.69 26.22 37.11
CA PHE D 330 12.86 24.99 37.06
C PHE D 330 12.94 24.30 35.69
N GLY D 331 13.33 25.01 34.64
CA GLY D 331 13.48 24.45 33.29
C GLY D 331 12.14 24.20 32.59
N CYS D 332 11.09 24.94 32.92
CA CYS D 332 9.77 24.78 32.24
C CYS D 332 9.88 25.35 30.83
N GLU D 333 9.54 24.55 29.82
CA GLU D 333 9.65 24.93 28.39
C GLU D 333 8.48 25.85 28.02
N THR D 334 7.33 25.73 28.69
CA THR D 334 6.09 26.37 28.19
C THR D 334 5.46 27.32 29.21
N HIS D 335 4.60 28.20 28.71
CA HIS D 335 3.78 29.15 29.49
C HIS D 335 2.37 29.12 28.90
N ALA D 336 1.37 28.75 29.69
CA ALA D 336 -0.02 28.71 29.22
C ALA D 336 -0.72 30.02 29.58
N MET D 337 -1.48 30.56 28.64
CA MET D 337 -2.30 31.77 28.85
C MET D 337 -3.76 31.37 28.64
N LEU D 338 -4.54 31.41 29.71
CA LEU D 338 -5.90 30.81 29.80
C LEU D 338 -6.92 31.88 30.20
N PRO D 339 -7.39 32.70 29.22
CA PRO D 339 -8.37 33.74 29.52
C PRO D 339 -9.75 33.10 29.63
N TYR D 340 -10.42 33.35 30.73
CA TYR D 340 -11.82 32.88 30.96
C TYR D 340 -12.77 33.89 30.33
N ASP D 341 -12.68 33.97 29.02
CA ASP D 341 -13.43 34.98 28.25
C ASP D 341 -13.45 34.59 26.77
N GLN D 342 -14.63 34.28 26.25
CA GLN D 342 -14.81 33.87 24.84
C GLN D 342 -14.33 34.97 23.89
N TYR D 343 -14.56 36.25 24.20
CA TYR D 343 -14.10 37.39 23.35
C TYR D 343 -12.58 37.39 23.24
N LEU D 344 -11.87 36.91 24.27
CA LEU D 344 -10.38 36.78 24.22
C LEU D 344 -9.91 35.46 23.59
N HIS D 345 -10.71 34.80 22.74
CA HIS D 345 -10.34 33.48 22.15
C HIS D 345 -9.09 33.56 21.28
N ARG D 346 -8.63 34.74 20.87
CA ARG D 346 -7.36 34.83 20.11
C ARG D 346 -6.25 35.48 20.93
N PHE D 347 -6.46 35.69 22.23
CA PHE D 347 -5.48 36.42 23.08
C PHE D 347 -4.21 35.57 23.26
N ALA D 348 -4.35 34.26 23.52
CA ALA D 348 -3.17 33.40 23.69
C ALA D 348 -2.42 33.31 22.35
N ALA D 349 -3.12 33.18 21.23
CA ALA D 349 -2.49 33.14 19.88
C ALA D 349 -1.70 34.43 19.62
N TYR D 350 -2.26 35.59 19.98
CA TYR D 350 -1.57 36.88 19.79
C TYR D 350 -0.23 36.88 20.55
N PHE D 351 -0.22 36.44 21.79
CA PHE D 351 1.02 36.48 22.61
C PHE D 351 1.92 35.29 22.29
N GLN D 352 1.35 34.26 21.70
CA GLN D 352 2.18 33.19 21.08
C GLN D 352 3.11 33.84 20.06
N GLN D 353 2.61 34.76 19.23
CA GLN D 353 3.46 35.55 18.30
C GLN D 353 4.29 36.55 19.09
N GLY D 354 3.63 37.41 19.89
CA GLY D 354 4.33 38.48 20.62
C GLY D 354 5.51 37.97 21.45
N ASP D 355 5.30 36.91 22.21
CA ASP D 355 6.32 36.38 23.16
C ASP D 355 7.38 35.60 22.36
N MET D 356 6.96 34.63 21.54
CA MET D 356 7.90 33.65 20.94
C MET D 356 8.76 34.34 19.86
N GLU D 357 8.18 35.27 19.11
CA GLU D 357 8.94 35.95 18.01
C GLU D 357 9.92 36.96 18.63
N SER D 358 9.57 37.53 19.80
CA SER D 358 10.45 38.50 20.52
C SER D 358 11.64 37.74 21.12
N ASN D 359 11.38 36.69 21.92
CA ASN D 359 12.42 36.11 22.83
C ASN D 359 12.84 34.69 22.41
N GLY D 360 12.39 34.25 21.22
CA GLY D 360 12.89 33.02 20.57
C GLY D 360 14.24 33.25 19.92
N LYS D 361 15.27 33.40 20.75
CA LYS D 361 16.59 33.91 20.31
C LYS D 361 17.66 33.15 21.08
N TYR D 362 18.85 33.08 20.49
CA TYR D 362 20.00 32.36 21.12
C TYR D 362 21.30 33.17 20.99
N ILE D 363 21.26 34.37 20.40
CA ILE D 363 22.45 35.25 20.25
C ILE D 363 22.24 36.51 21.09
N THR D 364 23.21 36.80 21.96
CA THR D 364 23.13 37.93 22.93
C THR D 364 23.55 39.24 22.25
N LYS D 365 23.54 40.33 23.00
CA LYS D 365 23.98 41.67 22.52
C LYS D 365 25.44 41.62 22.04
N SER D 366 26.33 40.94 22.75
CA SER D 366 27.77 40.85 22.39
C SER D 366 27.99 39.92 21.18
N GLY D 367 26.93 39.33 20.62
CA GLY D 367 27.02 38.43 19.45
C GLY D 367 27.47 37.05 19.86
N THR D 368 27.38 36.71 21.14
CA THR D 368 27.78 35.41 21.72
C THR D 368 26.53 34.53 21.87
N ARG D 369 26.74 33.22 21.80
CA ARG D 369 25.67 32.21 21.95
C ARG D 369 25.26 32.19 23.41
N VAL D 370 23.95 32.18 23.71
CA VAL D 370 23.49 32.00 25.11
C VAL D 370 23.90 30.60 25.57
N ASP D 371 24.09 30.44 26.87
CA ASP D 371 24.33 29.12 27.50
C ASP D 371 23.23 28.88 28.52
N HIS D 372 22.03 29.37 28.25
CA HIS D 372 20.84 29.21 29.14
C HIS D 372 19.58 29.24 28.28
N GLN D 373 18.46 28.82 28.84
CA GLN D 373 17.15 28.94 28.15
C GLN D 373 16.83 30.42 27.90
N THR D 374 16.11 30.68 26.80
CA THR D 374 15.41 31.97 26.56
C THR D 374 13.91 31.70 26.43
N GLY D 375 13.23 32.37 25.49
CA GLY D 375 11.76 32.47 25.47
C GLY D 375 11.09 31.09 25.57
N PRO D 376 9.93 31.01 26.25
CA PRO D 376 9.17 29.76 26.30
C PRO D 376 8.25 29.60 25.07
N ILE D 377 7.66 28.41 24.96
CA ILE D 377 6.54 28.14 24.03
C ILE D 377 5.28 28.62 24.74
N VAL D 378 4.60 29.58 24.13
CA VAL D 378 3.35 30.14 24.69
C VAL D 378 2.16 29.52 23.97
N TRP D 379 1.14 29.14 24.72
CA TRP D 379 -0.03 28.45 24.15
C TRP D 379 -1.22 28.64 25.07
N GLY D 380 -2.39 28.27 24.61
CA GLY D 380 -3.57 28.23 25.45
C GLY D 380 -4.86 28.36 24.67
N GLU D 381 -5.95 28.15 25.39
CA GLU D 381 -7.32 28.29 24.84
C GLU D 381 -8.14 28.88 25.97
N PRO D 382 -9.22 29.61 25.66
CA PRO D 382 -10.08 30.16 26.69
C PRO D 382 -10.75 29.10 27.57
N GLY D 383 -10.91 29.42 28.86
CA GLY D 383 -11.73 28.66 29.80
C GLY D 383 -13.20 28.98 29.54
N THR D 384 -14.12 28.06 29.86
CA THR D 384 -13.82 26.83 30.59
C THR D 384 -13.44 25.64 29.68
N ASN D 385 -13.42 25.77 28.36
CA ASN D 385 -13.25 24.61 27.43
C ASN D 385 -12.00 23.79 27.79
N GLY D 386 -10.85 24.45 28.00
CA GLY D 386 -9.60 23.76 28.36
C GLY D 386 -9.78 22.77 29.51
N GLN D 387 -10.65 23.05 30.48
CA GLN D 387 -10.89 22.17 31.65
C GLN D 387 -11.39 20.78 31.22
N HIS D 388 -11.96 20.68 30.01
CA HIS D 388 -12.54 19.42 29.49
C HIS D 388 -11.55 18.69 28.57
N ALA D 389 -10.33 19.20 28.45
CA ALA D 389 -9.36 18.78 27.44
C ALA D 389 -7.97 18.73 28.07
N PHE D 390 -7.14 19.68 27.71
CA PHE D 390 -5.69 19.60 28.04
C PHE D 390 -5.47 19.86 29.52
N TYR D 391 -6.46 20.29 30.31
CA TYR D 391 -6.21 20.49 31.76
C TYR D 391 -5.89 19.12 32.41
N GLN D 392 -6.32 18.01 31.80
CA GLN D 392 -5.98 16.65 32.27
C GLN D 392 -4.45 16.58 32.43
N LEU D 393 -3.74 17.09 31.45
CA LEU D 393 -2.25 17.02 31.47
C LEU D 393 -1.72 18.04 32.48
N ILE D 394 -2.36 19.20 32.62
CA ILE D 394 -1.86 20.24 33.55
C ILE D 394 -1.96 19.67 34.98
N HIS D 395 -3.05 18.96 35.30
CA HIS D 395 -3.34 18.35 36.62
C HIS D 395 -2.56 17.06 36.88
N GLN D 396 -2.46 16.15 35.92
CA GLN D 396 -1.95 14.77 36.17
C GLN D 396 -0.89 14.32 35.16
N GLY D 397 -0.32 15.22 34.39
CA GLY D 397 0.79 14.87 33.49
C GLY D 397 2.11 14.89 34.22
N THR D 398 3.21 14.91 33.46
CA THR D 398 4.59 14.83 33.98
C THR D 398 5.33 16.11 33.64
N LYS D 399 4.59 17.13 33.25
CA LYS D 399 5.16 18.44 32.84
C LYS D 399 4.74 19.47 33.87
N MET D 400 5.66 20.37 34.20
CA MET D 400 5.35 21.58 34.98
C MET D 400 5.02 22.71 34.01
N ILE D 401 3.84 23.31 34.15
CA ILE D 401 3.32 24.34 33.20
C ILE D 401 2.82 25.54 33.99
N PRO D 402 3.63 26.62 34.10
CA PRO D 402 3.14 27.88 34.67
C PRO D 402 1.98 28.37 33.81
N CYS D 403 0.86 28.70 34.44
CA CYS D 403 -0.38 29.16 33.76
C CYS D 403 -0.74 30.56 34.27
N ASP D 404 -1.13 31.46 33.36
CA ASP D 404 -1.81 32.74 33.68
C ASP D 404 -3.30 32.55 33.42
N PHE D 405 -4.11 32.58 34.47
CA PHE D 405 -5.58 32.59 34.38
C PHE D 405 -6.02 34.05 34.38
N LEU D 406 -6.84 34.48 33.41
CA LEU D 406 -7.33 35.88 33.31
C LEU D 406 -8.84 35.87 33.24
N ILE D 407 -9.49 36.85 33.86
CA ILE D 407 -10.98 36.94 33.82
C ILE D 407 -11.41 38.36 34.16
N PRO D 408 -12.49 38.86 33.51
CA PRO D 408 -13.15 40.05 33.97
C PRO D 408 -14.20 39.74 35.04
N VAL D 409 -14.33 40.67 35.98
CA VAL D 409 -15.34 40.53 37.06
C VAL D 409 -16.73 40.71 36.44
N GLN D 410 -16.86 41.70 35.57
CA GLN D 410 -18.15 42.09 34.95
C GLN D 410 -18.18 41.54 33.52
N THR D 411 -19.26 40.85 33.17
CA THR D 411 -19.44 40.30 31.80
C THR D 411 -20.14 41.35 30.91
N GLN D 412 -19.87 41.29 29.62
CA GLN D 412 -20.55 42.09 28.58
C GLN D 412 -21.96 41.55 28.37
N HIS D 413 -22.26 40.33 28.80
CA HIS D 413 -23.60 39.73 28.55
C HIS D 413 -24.10 39.07 29.83
N PRO D 414 -24.65 39.85 30.79
CA PRO D 414 -25.10 39.30 32.07
C PRO D 414 -26.45 38.58 31.93
N ILE D 415 -26.51 37.55 31.09
CA ILE D 415 -27.76 36.81 30.79
C ILE D 415 -28.13 35.95 32.01
N ARG D 416 -29.40 35.56 32.06
CA ARG D 416 -29.95 34.72 33.14
C ARG D 416 -29.56 35.33 34.49
N LYS D 417 -29.69 36.65 34.63
CA LYS D 417 -29.42 37.40 35.88
C LYS D 417 -28.00 37.06 36.37
N GLY D 418 -27.04 36.90 35.46
CA GLY D 418 -25.62 36.70 35.81
C GLY D 418 -25.28 35.23 36.12
N LEU D 419 -26.20 34.29 35.88
CA LEU D 419 -25.96 32.86 36.21
C LEU D 419 -24.74 32.31 35.44
N HIS D 420 -24.59 32.60 34.15
CA HIS D 420 -23.47 32.03 33.36
C HIS D 420 -22.16 32.57 33.96
N HIS D 421 -22.10 33.86 34.22
CA HIS D 421 -20.79 34.48 34.62
C HIS D 421 -20.42 34.02 36.02
N LYS D 422 -21.41 33.75 36.87
CA LYS D 422 -21.16 33.21 38.22
C LYS D 422 -20.49 31.83 38.12
N ILE D 423 -21.03 30.95 37.26
CA ILE D 423 -20.44 29.60 37.00
C ILE D 423 -19.03 29.79 36.43
N LEU D 424 -18.85 30.71 35.49
CA LEU D 424 -17.51 30.95 34.91
C LEU D 424 -16.53 31.37 36.02
N LEU D 425 -16.88 32.35 36.85
CA LEU D 425 -16.01 32.81 37.97
C LEU D 425 -15.73 31.63 38.93
N ALA D 426 -16.73 30.84 39.29
CA ALA D 426 -16.55 29.70 40.23
C ALA D 426 -15.53 28.71 39.65
N ASN D 427 -15.57 28.47 38.34
CA ASN D 427 -14.64 27.55 37.65
C ASN D 427 -13.23 28.16 37.67
N PHE D 428 -13.14 29.45 37.38
CA PHE D 428 -11.83 30.13 37.31
C PHE D 428 -11.10 29.99 38.66
N LEU D 429 -11.83 30.17 39.75
CA LEU D 429 -11.32 30.12 41.14
C LEU D 429 -11.00 28.67 41.52
N ALA D 430 -11.93 27.75 41.27
CA ALA D 430 -11.80 26.34 41.72
C ALA D 430 -10.61 25.70 41.02
N GLN D 431 -10.34 26.06 39.75
CA GLN D 431 -9.28 25.37 38.97
C GLN D 431 -7.91 25.71 39.56
N THR D 432 -7.62 26.97 39.86
CA THR D 432 -6.27 27.36 40.36
C THR D 432 -6.10 26.82 41.79
N GLU D 433 -7.18 26.79 42.56
CA GLU D 433 -7.17 26.22 43.93
C GLU D 433 -6.81 24.73 43.82
N ALA D 434 -7.44 23.98 42.91
CA ALA D 434 -7.20 22.52 42.76
C ALA D 434 -5.79 22.26 42.22
N LEU D 435 -5.31 23.10 41.29
CA LEU D 435 -3.90 22.95 40.79
C LEU D 435 -2.93 23.07 41.97
N MET D 436 -3.21 23.99 42.89
CA MET D 436 -2.32 24.26 44.05
C MET D 436 -2.43 23.13 45.06
N ARG D 437 -3.65 22.74 45.42
CA ARG D 437 -3.91 21.83 46.56
C ARG D 437 -3.74 20.36 46.14
N GLY D 438 -4.23 19.96 44.97
CA GLY D 438 -4.28 18.56 44.59
C GLY D 438 -5.25 17.80 45.50
N LYS D 439 -5.08 16.49 45.57
CA LYS D 439 -5.97 15.62 46.36
C LYS D 439 -5.18 14.38 46.71
N SER D 440 -5.03 14.11 48.00
CA SER D 440 -4.10 13.07 48.51
C SER D 440 -4.78 11.73 48.37
N THR D 441 -4.01 10.64 48.47
CA THR D 441 -4.54 9.26 48.57
C THR D 441 -5.62 9.22 49.66
N GLU D 442 -5.32 9.80 50.82
CA GLU D 442 -6.27 9.74 51.96
C GLU D 442 -7.60 10.40 51.57
N GLU D 443 -7.54 11.59 50.98
CA GLU D 443 -8.76 12.36 50.58
C GLU D 443 -9.52 11.57 49.52
N ALA D 444 -8.83 11.05 48.52
CA ALA D 444 -9.47 10.27 47.42
C ALA D 444 -10.12 9.01 48.01
N ARG D 445 -9.44 8.32 48.93
CA ARG D 445 -10.02 7.09 49.56
C ARG D 445 -11.34 7.45 50.25
N LYS D 446 -11.35 8.53 51.05
CA LYS D 446 -12.56 9.00 51.76
C LYS D 446 -13.71 9.30 50.77
N GLU D 447 -13.42 9.92 49.63
CA GLU D 447 -14.49 10.25 48.63
C GLU D 447 -15.02 8.97 48.01
N LEU D 448 -14.17 7.99 47.70
CA LEU D 448 -14.66 6.71 47.12
C LEU D 448 -15.47 5.95 48.17
N GLN D 449 -15.01 5.90 49.43
CA GLN D 449 -15.74 5.26 50.56
C GLN D 449 -17.14 5.89 50.62
N ALA D 450 -17.21 7.21 50.69
CA ALA D 450 -18.48 7.98 50.78
C ALA D 450 -19.36 7.75 49.55
N ALA D 451 -18.78 7.56 48.36
CA ALA D 451 -19.53 7.30 47.11
C ALA D 451 -20.14 5.89 47.14
N GLY D 452 -19.66 5.02 48.03
CA GLY D 452 -20.23 3.67 48.25
C GLY D 452 -19.63 2.65 47.30
N LYS D 453 -18.37 2.84 46.89
CA LYS D 453 -17.67 1.89 45.99
C LYS D 453 -17.30 0.64 46.80
N SER D 454 -17.43 -0.55 46.22
CA SER D 454 -16.91 -1.83 46.73
C SER D 454 -15.42 -1.70 47.01
N PRO D 455 -14.85 -2.51 47.93
CA PRO D 455 -13.40 -2.49 48.17
C PRO D 455 -12.61 -2.74 46.88
N GLU D 456 -13.18 -3.52 45.96
CA GLU D 456 -12.54 -3.92 44.68
C GLU D 456 -12.47 -2.70 43.75
N ASP D 457 -13.60 -2.00 43.59
CA ASP D 457 -13.69 -0.77 42.76
C ASP D 457 -12.81 0.31 43.41
N LEU D 458 -12.88 0.44 44.73
CA LEU D 458 -12.12 1.48 45.47
C LEU D 458 -10.62 1.27 45.21
N GLU D 459 -10.11 0.05 45.44
CA GLU D 459 -8.66 -0.21 45.36
C GLU D 459 -8.21 -0.13 43.91
N ARG D 460 -9.08 -0.43 42.93
CA ARG D 460 -8.74 -0.31 41.49
C ARG D 460 -8.63 1.19 41.11
N LEU D 461 -9.63 1.99 41.48
CA LEU D 461 -9.69 3.44 41.11
C LEU D 461 -8.65 4.26 41.89
N LEU D 462 -8.37 3.92 43.15
CA LEU D 462 -7.82 4.88 44.16
C LEU D 462 -6.59 5.61 43.62
N PRO D 463 -5.53 4.93 43.17
CA PRO D 463 -4.29 5.62 42.84
C PRO D 463 -4.42 6.54 41.61
N HIS D 464 -5.41 6.27 40.72
CA HIS D 464 -5.66 7.06 39.47
C HIS D 464 -6.33 8.41 39.79
N LYS D 465 -6.99 8.51 40.95
CA LYS D 465 -7.78 9.69 41.37
C LYS D 465 -7.00 10.56 42.33
N VAL D 466 -5.68 10.39 42.41
CA VAL D 466 -4.79 11.19 43.28
C VAL D 466 -4.15 12.29 42.44
N PHE D 467 -4.10 13.49 42.98
CA PHE D 467 -3.55 14.70 42.33
C PHE D 467 -2.45 15.20 43.23
N GLU D 468 -1.23 15.27 42.71
CA GLU D 468 -0.07 15.75 43.50
C GLU D 468 -0.14 17.25 43.72
N GLY D 469 -0.85 17.99 42.87
CA GLY D 469 -0.96 19.45 43.01
C GLY D 469 0.40 20.12 42.99
N ASN D 470 0.51 21.25 43.72
CA ASN D 470 1.74 22.09 43.76
C ASN D 470 2.01 22.69 42.38
N ARG D 471 0.95 22.92 41.60
CA ARG D 471 1.11 23.49 40.24
C ARG D 471 0.83 24.99 40.29
N PRO D 472 1.84 25.80 39.96
CA PRO D 472 1.72 27.24 40.13
C PRO D 472 0.87 27.93 39.05
N THR D 473 0.15 28.96 39.47
CA THR D 473 -0.66 29.83 38.58
C THR D 473 -0.54 31.28 39.01
N ASN D 474 -0.72 32.16 38.04
CA ASN D 474 -1.08 33.58 38.24
C ASN D 474 -2.58 33.67 38.04
N SER D 475 -3.25 34.45 38.88
CA SER D 475 -4.64 34.88 38.63
C SER D 475 -4.64 36.39 38.34
N ILE D 476 -5.09 36.78 37.15
CA ILE D 476 -5.19 38.20 36.73
C ILE D 476 -6.66 38.55 36.54
N VAL D 477 -7.21 39.30 37.48
CA VAL D 477 -8.66 39.61 37.54
C VAL D 477 -8.81 41.11 37.36
N PHE D 478 -9.69 41.52 36.44
CA PHE D 478 -9.83 42.94 36.06
C PHE D 478 -11.33 43.26 35.99
N THR D 479 -11.67 44.53 36.15
CA THR D 479 -13.07 44.92 36.42
C THR D 479 -13.93 44.49 35.23
N LYS D 480 -13.48 44.83 34.04
CA LYS D 480 -14.31 44.64 32.82
C LYS D 480 -13.42 44.74 31.59
N LEU D 481 -13.67 43.89 30.60
CA LEU D 481 -12.88 43.92 29.35
C LEU D 481 -13.46 45.01 28.44
N THR D 482 -13.01 46.24 28.69
CA THR D 482 -13.33 47.47 27.91
C THR D 482 -12.14 47.74 27.00
N PRO D 483 -12.28 48.60 25.98
CA PRO D 483 -11.14 48.97 25.18
C PRO D 483 -9.96 49.43 26.03
N PHE D 484 -10.20 50.24 27.06
CA PHE D 484 -9.09 50.78 27.90
C PHE D 484 -8.37 49.61 28.60
N MET D 485 -9.15 48.76 29.26
CA MET D 485 -8.58 47.62 30.04
C MET D 485 -7.86 46.65 29.10
N LEU D 486 -8.40 46.38 27.90
CA LEU D 486 -7.67 45.52 26.92
C LEU D 486 -6.30 46.13 26.59
N GLY D 487 -6.24 47.43 26.36
CA GLY D 487 -4.97 48.10 26.04
C GLY D 487 -3.99 47.98 27.19
N ALA D 488 -4.48 48.10 28.43
CA ALA D 488 -3.60 48.02 29.62
C ALA D 488 -3.04 46.58 29.69
N LEU D 489 -3.90 45.58 29.52
CA LEU D 489 -3.47 44.15 29.63
C LEU D 489 -2.49 43.80 28.51
N VAL D 490 -2.70 44.25 27.28
CA VAL D 490 -1.78 43.91 26.17
C VAL D 490 -0.42 44.57 26.43
N ALA D 491 -0.42 45.81 26.89
CA ALA D 491 0.86 46.53 27.14
C ALA D 491 1.60 45.86 28.31
N MET D 492 0.87 45.39 29.31
CA MET D 492 1.48 44.73 30.51
C MET D 492 2.32 43.53 30.03
N TYR D 493 1.78 42.72 29.11
CA TYR D 493 2.52 41.57 28.55
C TYR D 493 3.64 42.03 27.61
N GLU D 494 3.41 43.07 26.81
CA GLU D 494 4.50 43.65 25.98
C GLU D 494 5.70 43.95 26.89
N HIS D 495 5.49 44.58 28.06
CA HIS D 495 6.61 44.99 28.94
C HIS D 495 7.15 43.79 29.68
N LYS D 496 6.32 42.81 30.02
CA LYS D 496 6.86 41.53 30.58
C LYS D 496 7.91 40.97 29.61
N ILE D 497 7.58 40.95 28.33
CA ILE D 497 8.43 40.34 27.28
C ILE D 497 9.75 41.14 27.16
N PHE D 498 9.65 42.46 27.19
CA PHE D 498 10.81 43.39 27.19
C PHE D 498 11.73 43.06 28.36
N VAL D 499 11.19 42.96 29.57
CA VAL D 499 12.00 42.72 30.81
C VAL D 499 12.72 41.37 30.68
N GLN D 500 12.02 40.32 30.25
CA GLN D 500 12.68 38.99 30.09
C GLN D 500 13.83 39.10 29.08
N GLY D 501 13.64 39.79 27.96
CA GLY D 501 14.67 39.99 26.92
C GLY D 501 15.90 40.68 27.49
N ILE D 502 15.73 41.69 28.32
CA ILE D 502 16.89 42.44 28.90
C ILE D 502 17.64 41.51 29.86
N ILE D 503 16.91 40.78 30.69
CA ILE D 503 17.58 39.84 31.63
C ILE D 503 18.37 38.78 30.85
N TRP D 504 17.85 38.28 29.73
CA TRP D 504 18.54 37.28 28.87
C TRP D 504 19.60 37.94 27.99
N ASP D 505 19.62 39.27 27.87
CA ASP D 505 20.60 40.03 27.06
C ASP D 505 20.44 39.71 25.57
N ILE D 506 19.20 39.49 25.12
CA ILE D 506 18.88 39.23 23.70
C ILE D 506 18.15 40.47 23.16
N ASN D 507 18.02 40.52 21.84
CA ASN D 507 17.29 41.56 21.12
C ASN D 507 15.84 41.08 20.95
N SER D 508 14.90 41.65 21.71
CA SER D 508 13.48 41.25 21.67
C SER D 508 12.79 41.76 20.41
N PHE D 509 13.48 42.53 19.56
CA PHE D 509 12.81 43.44 18.59
C PHE D 509 13.24 43.18 17.15
N ASP D 510 14.19 42.28 16.92
CA ASP D 510 14.49 41.75 15.55
C ASP D 510 13.76 40.41 15.36
N GLN D 511 13.84 39.84 14.15
CA GLN D 511 13.23 38.52 13.85
C GLN D 511 13.89 37.89 12.61
N TRP D 512 15.15 37.51 12.74
CA TRP D 512 15.92 37.06 11.56
C TRP D 512 15.39 35.73 11.01
N GLY D 513 14.72 34.92 11.82
CA GLY D 513 14.06 33.68 11.35
C GLY D 513 12.82 33.99 10.52
N VAL D 514 12.12 35.06 10.83
CA VAL D 514 10.94 35.52 10.05
C VAL D 514 11.42 36.18 8.75
N GLU D 515 12.51 36.97 8.81
CA GLU D 515 13.12 37.58 7.60
C GLU D 515 13.65 36.47 6.68
N LEU D 516 14.31 35.43 7.22
CA LEU D 516 14.78 34.25 6.45
C LEU D 516 13.58 33.60 5.76
N GLY D 517 12.50 33.32 6.50
CA GLY D 517 11.28 32.69 5.96
C GLY D 517 10.77 33.38 4.70
N LYS D 518 10.86 34.70 4.64
CA LYS D 518 10.37 35.48 3.48
C LYS D 518 11.29 35.28 2.26
N GLN D 519 12.48 34.69 2.41
CA GLN D 519 13.43 34.47 1.28
C GLN D 519 13.45 32.99 0.81
N LEU D 520 12.83 32.05 1.53
CA LEU D 520 13.05 30.58 1.34
C LEU D 520 12.30 30.04 0.12
N ALA D 521 11.06 30.48 -0.10
CA ALA D 521 10.16 29.83 -1.09
C ALA D 521 10.62 30.14 -2.51
N LYS D 522 11.35 31.24 -2.72
CA LYS D 522 11.71 31.69 -4.09
C LYS D 522 12.61 30.66 -4.77
N LYS D 523 13.43 29.88 -4.05
CA LYS D 523 14.34 28.88 -4.69
C LYS D 523 13.58 27.60 -5.06
N ILE D 524 12.38 27.38 -4.52
CA ILE D 524 11.64 26.10 -4.75
C ILE D 524 10.47 26.37 -5.69
N GLU D 525 9.94 27.56 -5.68
CA GLU D 525 8.80 27.98 -6.52
C GLU D 525 9.02 27.57 -7.98
N PRO D 526 10.17 27.88 -8.63
CA PRO D 526 10.35 27.56 -10.05
C PRO D 526 10.40 26.05 -10.34
N GLU D 527 10.90 25.25 -9.38
CA GLU D 527 11.03 23.77 -9.51
C GLU D 527 9.67 23.09 -9.63
N LEU D 528 8.59 23.71 -9.14
CA LEU D 528 7.23 23.11 -9.09
C LEU D 528 6.56 23.22 -10.47
N ASP D 529 6.98 24.14 -11.32
CA ASP D 529 6.42 24.30 -12.70
C ASP D 529 6.88 23.15 -13.61
N GLY D 530 5.99 22.63 -14.45
CA GLY D 530 6.28 21.51 -15.36
C GLY D 530 6.44 20.23 -14.57
N SER D 531 6.48 19.08 -15.23
CA SER D 531 6.38 17.76 -14.55
C SER D 531 7.72 17.03 -14.56
N ALA D 532 8.83 17.72 -14.82
CA ALA D 532 10.17 17.13 -14.72
C ALA D 532 10.44 16.78 -13.26
N GLN D 533 11.10 15.65 -13.02
CA GLN D 533 11.52 15.23 -11.66
C GLN D 533 12.51 16.27 -11.15
N VAL D 534 12.51 16.53 -9.85
CA VAL D 534 13.48 17.48 -9.25
C VAL D 534 14.54 16.66 -8.52
N THR D 535 15.80 17.03 -8.70
CA THR D 535 16.99 16.36 -8.10
C THR D 535 17.96 17.35 -7.44
N SER D 536 17.66 18.65 -7.42
CA SER D 536 18.62 19.73 -7.07
C SER D 536 18.74 19.93 -5.55
N HIS D 537 17.87 19.35 -4.72
CA HIS D 537 17.90 19.56 -3.25
C HIS D 537 18.29 18.25 -2.55
N ASP D 538 18.17 18.23 -1.23
CA ASP D 538 18.30 17.01 -0.40
C ASP D 538 17.25 16.00 -0.87
N ALA D 539 17.43 14.74 -0.51
CA ALA D 539 16.59 13.61 -0.95
C ALA D 539 15.12 13.83 -0.54
N SER D 540 14.87 14.42 0.62
CA SER D 540 13.51 14.54 1.18
C SER D 540 12.75 15.64 0.43
N THR D 541 13.32 16.84 0.34
CA THR D 541 12.78 17.95 -0.48
C THR D 541 12.49 17.44 -1.90
N ASN D 542 13.43 16.74 -2.51
CA ASN D 542 13.24 16.10 -3.85
C ASN D 542 12.05 15.13 -3.80
N GLY D 543 12.04 14.25 -2.80
CA GLY D 543 10.98 13.22 -2.67
C GLY D 543 9.62 13.85 -2.56
N LEU D 544 9.50 14.88 -1.72
CA LEU D 544 8.19 15.55 -1.48
C LEU D 544 7.75 16.22 -2.80
N ILE D 545 8.67 16.90 -3.48
CA ILE D 545 8.30 17.62 -4.73
C ILE D 545 7.79 16.61 -5.77
N ASN D 546 8.51 15.48 -5.92
CA ASN D 546 8.16 14.47 -6.94
C ASN D 546 6.79 13.85 -6.61
N PHE D 547 6.47 13.68 -5.34
CA PHE D 547 5.16 13.14 -4.91
C PHE D 547 4.07 14.15 -5.26
N ILE D 548 4.36 15.42 -5.02
CA ILE D 548 3.44 16.52 -5.36
C ILE D 548 3.21 16.49 -6.87
N LYS D 549 4.27 16.33 -7.67
CA LYS D 549 4.12 16.32 -9.16
C LYS D 549 3.32 15.10 -9.59
N GLN D 550 3.55 13.94 -8.96
CA GLN D 550 2.74 12.73 -9.24
C GLN D 550 1.27 13.01 -8.92
N GLN D 551 0.94 13.54 -7.74
CA GLN D 551 -0.47 13.52 -7.27
C GLN D 551 -1.27 14.72 -7.77
N ARG D 552 -0.62 15.71 -8.41
CA ARG D 552 -1.29 17.00 -8.62
C ARG D 552 -2.35 16.93 -9.71
N GLU D 553 -2.36 15.90 -10.55
CA GLU D 553 -3.54 15.67 -11.44
C GLU D 553 -4.02 14.21 -11.34
N ALA D 554 -3.87 13.57 -10.18
CA ALA D 554 -4.57 12.32 -9.83
C ALA D 554 -6.04 12.65 -9.63
N ARG D 555 -6.97 11.80 -10.05
CA ARG D 555 -8.41 12.10 -9.83
C ARG D 555 -8.94 11.22 -8.72
N VAL D 556 -9.53 11.85 -7.70
CA VAL D 556 -10.06 11.19 -6.47
C VAL D 556 -11.56 11.50 -6.37
O1A PA5 E . -13.01 14.54 27.06
C1 PA5 E . -14.01 14.53 27.82
O1 PA5 E . -14.44 13.45 28.34
C2 PA5 E . -14.72 15.83 28.10
O2 PA5 E . -14.24 16.83 27.21
C3 PA5 E . -16.21 15.62 27.92
O3 PA5 E . -16.43 15.25 26.52
C4 PA5 E . -16.98 16.85 28.31
O4 PA5 E . -16.81 17.03 29.69
C5 PA5 E . -18.48 16.73 28.05
O5 PA5 E . -19.01 15.59 28.73
P PA5 E . -20.48 15.16 28.29
O1P PA5 E . -20.46 14.74 26.80
O2P PA5 E . -21.31 16.42 28.48
O3P PA5 E . -20.84 14.03 29.29
C1 PG6 F . 23.63 16.54 17.64
O1 PG6 F . 22.23 16.70 17.80
C2 PG6 F . 21.87 17.64 18.81
C3 PG6 F . 20.37 17.87 18.85
O2 PG6 F . 20.05 19.07 18.15
C4 PG6 F . 18.64 19.31 17.99
C5 PG6 F . 18.43 20.77 17.66
O3 PG6 F . 17.54 21.36 18.59
C6 PG6 F . 17.74 22.77 18.84
C7 PG6 F . 18.14 22.97 20.29
O4 PG6 F . 18.44 24.34 20.55
C8 PG6 F . 19.82 24.56 20.89
C9 PG6 F . 20.10 26.01 21.17
O5 PG6 F . 20.21 26.20 22.58
C10 PG6 F . 21.42 26.81 23.03
C11 PG6 F . 21.31 27.09 24.53
O6 PG6 F . 21.24 25.87 25.30
C12 PG6 F . 21.32 25.99 26.72
O1A PA5 G . -12.72 -18.97 -26.31
C1 PA5 G . -11.92 -19.74 -25.71
O1 PA5 G . -10.98 -19.29 -25.02
C2 PA5 G . -12.07 -21.24 -25.82
O2 PA5 G . -11.06 -21.92 -25.02
C3 PA5 G . -13.46 -21.57 -25.33
O3 PA5 G . -13.57 -21.33 -23.91
C4 PA5 G . -13.75 -23.00 -25.71
O4 PA5 G . -13.72 -23.03 -27.14
C5 PA5 G . -15.13 -23.42 -25.13
O5 PA5 G . -16.20 -22.63 -25.72
P PA5 G . -17.64 -22.76 -25.08
O1P PA5 G . -17.97 -24.22 -25.13
O2P PA5 G . -18.46 -21.87 -26.02
O3P PA5 G . -17.40 -22.22 -23.67
C1 PG6 H . 24.66 -16.70 -30.53
O1 PG6 H . 24.68 -17.43 -29.30
C2 PG6 H . 25.91 -17.34 -28.57
C3 PG6 H . 25.78 -17.86 -27.17
O2 PG6 H . 24.58 -17.34 -26.63
C4 PG6 H . 24.53 -17.23 -25.19
C5 PG6 H . 23.56 -16.12 -24.87
O3 PG6 H . 22.86 -16.37 -23.65
C6 PG6 H . 21.71 -15.53 -23.50
C7 PG6 H . 21.50 -15.13 -22.06
O4 PG6 H . 20.93 -13.82 -22.01
C8 PG6 H . 21.18 -13.08 -20.80
C9 PG6 H . 22.25 -12.04 -21.01
O5 PG6 H . 21.70 -10.84 -21.54
C10 PG6 H . 22.62 -10.05 -22.30
C11 PG6 H . 22.74 -8.69 -21.67
O6 PG6 H . 23.75 -7.87 -22.25
C12 PG6 H . 24.82 -7.45 -21.41
O1A PA5 I . 18.75 -35.04 -15.12
C1 PA5 I . 19.32 -35.07 -14.00
O1 PA5 I . 20.54 -35.38 -13.89
C2 PA5 I . 18.55 -34.73 -12.75
O2 PA5 I . 17.18 -34.37 -13.01
C3 PA5 I . 18.60 -35.93 -11.82
O3 PA5 I . 17.89 -37.04 -12.35
C4 PA5 I . 18.05 -35.49 -10.47
O4 PA5 I . 18.85 -34.42 -9.96
C5 PA5 I . 18.01 -36.65 -9.48
O5 PA5 I . 19.37 -37.03 -9.13
P PA5 I . 19.52 -38.47 -8.44
O1P PA5 I . 18.91 -39.49 -9.36
O2P PA5 I . 18.71 -38.39 -7.14
O3P PA5 I . 21.07 -38.51 -8.35
C1 PG6 J . 7.59 -8.43 -37.94
O1 PG6 J . 6.84 -9.12 -36.94
C2 PG6 J . 5.51 -9.42 -37.32
C3 PG6 J . 5.47 -10.80 -37.90
O2 PG6 J . 4.15 -11.10 -38.35
C4 PG6 J . 4.07 -12.31 -39.11
C5 PG6 J . 4.05 -13.52 -38.21
O3 PG6 J . 5.16 -14.37 -38.49
C6 PG6 J . 4.94 -15.74 -38.10
C7 PG6 J . 5.91 -16.67 -38.78
O4 PG6 J . 5.20 -17.61 -39.58
C8 PG6 J . 6.04 -18.57 -40.21
C9 PG6 J . 5.87 -18.50 -41.69
O5 PG6 J . 7.14 -18.72 -42.33
C10 PG6 J . 7.52 -17.65 -43.19
C11 PG6 J . 8.22 -18.19 -44.41
O6 PG6 J . 8.22 -17.20 -45.46
C12 PG6 J . 8.21 -17.70 -46.79
C1 GOL K . -8.31 -24.05 -44.58
O1 GOL K . -7.69 -25.31 -44.31
C2 GOL K . -8.46 -23.23 -43.31
O2 GOL K . -7.41 -22.28 -43.20
C3 GOL K . -9.80 -22.53 -43.16
O3 GOL K . -10.63 -22.64 -44.31
C1 GOL L . 13.50 -59.80 -4.82
O1 GOL L . 13.90 -60.42 -6.04
C2 GOL L . 14.63 -59.02 -4.21
O2 GOL L . 15.06 -58.07 -5.20
C3 GOL L . 14.30 -58.31 -2.92
O3 GOL L . 14.69 -59.06 -1.77
C1 PG6 M . 10.23 11.78 36.09
O1 PG6 M . 8.91 12.24 35.88
C2 PG6 M . 7.94 11.68 36.79
C3 PG6 M . 6.67 12.49 36.88
O2 PG6 M . 6.95 13.86 37.19
C4 PG6 M . 5.81 14.62 37.60
C5 PG6 M . 6.20 16.09 37.66
O3 PG6 M . 5.04 16.93 37.59
C6 PG6 M . 5.36 18.32 37.48
C7 PG6 M . 4.48 19.16 38.39
O4 PG6 M . 5.22 20.24 38.96
C8 PG6 M . 5.18 20.31 40.40
C9 PG6 M . 6.20 21.26 40.94
O5 PG6 M . 7.32 20.57 41.51
C10 PG6 M . 8.06 21.31 42.48
C11 PG6 M . 8.45 20.41 43.63
O6 PG6 M . 8.83 21.15 44.79
C12 PG6 M . 8.60 20.48 46.05
O1A PA5 N . 7.75 41.09 11.36
C1 PA5 N . 6.85 40.27 11.71
O1 PA5 N . 6.61 40.00 12.91
C2 PA5 N . 6.03 39.60 10.67
O2 PA5 N . 4.99 38.82 11.28
C3 PA5 N . 5.38 40.70 9.80
O3 PA5 N . 4.36 41.39 10.53
C4 PA5 N . 4.82 40.06 8.54
O4 PA5 N . 5.91 39.35 7.94
C5 PA5 N . 4.20 41.11 7.65
O5 PA5 N . 5.24 42.02 7.16
P PA5 N . 4.74 43.31 6.43
O1P PA5 N . 3.85 42.82 5.31
O2P PA5 N . 6.14 43.87 6.10
O3P PA5 N . 3.92 44.06 7.47
#